data_8CFB
#
_entry.id   8CFB
#
_cell.length_a   175.970
_cell.length_b   103.680
_cell.length_c   109.200
_cell.angle_alpha   90.00
_cell.angle_beta   99.99
_cell.angle_gamma   90.00
#
_symmetry.space_group_name_H-M   'C 1 2 1'
#
loop_
_entity.id
_entity.type
_entity.pdbx_description
1 polymer Adenosylhomocysteinase
2 non-polymer NICOTINAMIDE-ADENINE-DINUCLEOTIDE
3 non-polymer ADENINE
4 non-polymer 'DIMETHYL SULFOXIDE'
5 non-polymer 'POTASSIUM ION'
6 non-polymer 'PHOSPHATE ION'
7 non-polymer ~{N}-[5-azanyl-2,4-bis(fluoranyl)phenyl]propane-1-sulfonamide
8 water water
#
_entity_poly.entity_id   1
_entity_poly.type   'polypeptide(L)'
_entity_poly.pdbx_seq_one_letter_code
;SNAMSAVMTPAGFTDYKVADITLAAWGRRELIIAESEMPALMGLRRKYAGQQPLKGAKILGCIHMTIQTGVLIETLVALG
AEVRWSSCNIFSTQDQAAAAIAAAGIPVFAWKGETEEEYEWCIEQTILKDGQPWDANMVLDDGGDLTEILHKKYPQMLER
IHGITEETTTGVHRLLDMLKNGTLKVPAINVNDSVTKSKNDNKYGCRHSLNDAIKRGTDHLLSGKQALVIGYGDVGKGSS
QSLRQEGMIVKVAEVDPICAMQACMDGFEVVSPYKNGINDGTEASIDAALLGKIDLIVTTTGNVNVCDANMLKALKKRAV
VCNIGHFDNEIDTAFMRKNWAWEEVKPQVHKIHRTGKDGFDAHNDDYLILLAEGRLVNLGNATGHPSRIMDGSFANQVLA
QIHLFEQKYADLPAAEKAKRLSVEVLPKKLDEEVALEMVKGFGGVVTQLTPKQAEYIGVSVEGPFKPDTYRY
;
_entity_poly.pdbx_strand_id   A,B,C,D
#
# COMPACT_ATOMS: atom_id res chain seq x y z
N ALA A 11 -37.94 36.33 -8.63
CA ALA A 11 -38.82 37.44 -8.31
C ALA A 11 -39.03 37.56 -6.81
N GLY A 12 -38.54 38.66 -6.24
CA GLY A 12 -38.81 39.03 -4.86
C GLY A 12 -38.58 37.97 -3.80
N PHE A 13 -37.73 36.98 -4.07
CA PHE A 13 -37.41 35.97 -3.08
C PHE A 13 -36.34 36.50 -2.13
N THR A 14 -36.69 36.60 -0.85
CA THR A 14 -35.78 37.13 0.16
C THR A 14 -35.66 36.21 1.38
N ASP A 15 -36.27 35.03 1.34
CA ASP A 15 -36.34 34.17 2.51
C ASP A 15 -35.12 33.27 2.58
N TYR A 16 -33.96 33.92 2.78
CA TYR A 16 -32.69 33.22 2.88
C TYR A 16 -31.67 34.15 3.51
N LYS A 17 -30.50 33.60 3.81
CA LYS A 17 -29.36 34.38 4.30
C LYS A 17 -28.09 33.61 3.96
N VAL A 18 -27.32 34.13 3.01
CA VAL A 18 -26.08 33.49 2.57
C VAL A 18 -24.99 34.55 2.51
N ALA A 19 -23.77 34.11 2.25
CA ALA A 19 -22.63 35.01 2.26
C ALA A 19 -22.65 35.94 1.05
N ASP A 20 -22.93 35.40 -0.14
CA ASP A 20 -22.79 36.16 -1.38
C ASP A 20 -23.65 35.49 -2.44
N ILE A 21 -24.80 36.08 -2.74
CA ILE A 21 -25.72 35.51 -3.71
C ILE A 21 -25.11 35.46 -5.11
N THR A 22 -24.14 36.31 -5.40
CA THR A 22 -23.52 36.34 -6.72
C THR A 22 -22.64 35.12 -6.98
N LEU A 23 -22.46 34.23 -6.01
CA LEU A 23 -21.75 32.97 -6.21
C LEU A 23 -22.65 31.87 -6.74
N ALA A 24 -23.91 32.19 -7.06
CA ALA A 24 -24.88 31.16 -7.42
C ALA A 24 -24.52 30.47 -8.74
N ALA A 25 -24.13 31.26 -9.76
CA ALA A 25 -23.77 30.66 -11.04
C ALA A 25 -22.61 29.69 -10.89
N TRP A 26 -21.62 30.05 -10.08
CA TRP A 26 -20.51 29.14 -9.78
C TRP A 26 -21.04 27.87 -9.12
N GLY A 27 -21.91 28.03 -8.13
CA GLY A 27 -22.46 26.85 -7.45
C GLY A 27 -23.30 25.97 -8.35
N ARG A 28 -24.00 26.57 -9.31
CA ARG A 28 -24.81 25.78 -10.24
C ARG A 28 -23.93 24.94 -11.15
N ARG A 29 -22.78 25.49 -11.57
CA ARG A 29 -21.86 24.72 -12.40
C ARG A 29 -21.31 23.51 -11.66
N GLU A 30 -20.98 23.67 -10.38
CA GLU A 30 -20.45 22.56 -9.61
C GLU A 30 -21.54 21.56 -9.22
N LEU A 31 -22.79 22.02 -9.08
CA LEU A 31 -23.89 21.09 -8.85
C LEU A 31 -24.11 20.19 -10.06
N ILE A 32 -24.04 20.77 -11.26
CA ILE A 32 -24.23 19.99 -12.48
C ILE A 32 -23.13 18.94 -12.61
N ILE A 33 -21.91 19.29 -12.20
CA ILE A 33 -20.83 18.30 -12.15
C ILE A 33 -21.16 17.23 -11.13
N ALA A 34 -21.56 17.64 -9.92
CA ALA A 34 -21.79 16.68 -8.85
C ALA A 34 -22.91 15.70 -9.19
N GLU A 35 -23.89 16.14 -9.97
CA GLU A 35 -24.98 15.25 -10.37
C GLU A 35 -24.46 14.07 -11.18
N SER A 36 -23.47 14.31 -12.05
CA SER A 36 -22.84 13.24 -12.81
C SER A 36 -22.00 12.32 -11.93
N GLU A 37 -21.71 12.72 -10.69
CA GLU A 37 -20.92 11.92 -9.77
C GLU A 37 -21.76 11.18 -8.74
N MET A 38 -23.08 11.36 -8.77
CA MET A 38 -23.97 10.79 -7.75
C MET A 38 -25.08 10.02 -8.44
N PRO A 39 -24.76 8.86 -9.03
CA PRO A 39 -25.79 8.13 -9.80
C PRO A 39 -26.88 7.52 -8.95
N ALA A 40 -26.58 7.08 -7.73
CA ALA A 40 -27.63 6.51 -6.90
C ALA A 40 -28.66 7.56 -6.52
N LEU A 41 -28.20 8.74 -6.09
CA LEU A 41 -29.12 9.81 -5.70
C LEU A 41 -29.90 10.31 -6.91
N MET A 42 -29.22 10.50 -8.04
CA MET A 42 -29.91 10.97 -9.24
C MET A 42 -30.84 9.90 -9.81
N GLY A 43 -30.47 8.62 -9.68
CA GLY A 43 -31.38 7.57 -10.05
C GLY A 43 -32.67 7.60 -9.26
N LEU A 44 -32.56 7.88 -7.95
CA LEU A 44 -33.76 8.06 -7.14
C LEU A 44 -34.57 9.26 -7.62
N ARG A 45 -33.89 10.35 -7.98
CA ARG A 45 -34.60 11.53 -8.46
C ARG A 45 -35.38 11.21 -9.73
N ARG A 46 -34.80 10.42 -10.64
CA ARG A 46 -35.48 10.12 -11.89
C ARG A 46 -36.57 9.07 -11.72
N LYS A 47 -36.41 8.12 -10.80
CA LYS A 47 -37.44 7.10 -10.64
C LYS A 47 -38.70 7.68 -9.99
N TYR A 48 -38.54 8.56 -9.01
CA TYR A 48 -39.64 9.00 -8.16
C TYR A 48 -40.18 10.38 -8.50
N ALA A 49 -39.56 11.10 -9.45
CA ALA A 49 -40.00 12.46 -9.73
C ALA A 49 -41.44 12.51 -10.19
N GLY A 50 -41.84 11.60 -11.09
CA GLY A 50 -43.20 11.60 -11.59
C GLY A 50 -44.24 11.18 -10.57
N GLN A 51 -43.83 10.42 -9.55
CA GLN A 51 -44.77 9.96 -8.54
C GLN A 51 -44.91 10.92 -7.37
N GLN A 52 -43.97 11.85 -7.20
CA GLN A 52 -44.00 12.84 -6.13
C GLN A 52 -44.27 12.21 -4.76
N PRO A 53 -43.43 11.28 -4.31
CA PRO A 53 -43.71 10.61 -3.03
C PRO A 53 -43.57 11.54 -1.84
N LEU A 54 -42.87 12.65 -1.98
CA LEU A 54 -42.71 13.64 -0.91
C LEU A 54 -43.60 14.85 -1.13
N LYS A 55 -44.61 14.75 -1.99
CA LYS A 55 -45.57 15.84 -2.14
C LYS A 55 -46.34 16.03 -0.85
N GLY A 56 -46.24 17.23 -0.28
CA GLY A 56 -46.82 17.51 1.01
C GLY A 56 -45.84 17.41 2.17
N ALA A 57 -44.63 16.91 1.92
CA ALA A 57 -43.62 16.86 2.96
C ALA A 57 -43.02 18.24 3.19
N LYS A 58 -42.81 18.58 4.46
CA LYS A 58 -42.22 19.85 4.84
C LYS A 58 -41.06 19.54 5.78
N ILE A 59 -39.84 19.59 5.25
CA ILE A 59 -38.66 19.03 5.89
C ILE A 59 -37.80 20.15 6.46
N LEU A 60 -37.54 20.09 7.75
CA LEU A 60 -36.50 20.92 8.36
C LEU A 60 -35.16 20.21 8.19
N GLY A 61 -34.23 20.83 7.48
CA GLY A 61 -32.94 20.21 7.28
C GLY A 61 -31.78 20.91 7.96
N CYS A 62 -30.89 20.14 8.60
CA CYS A 62 -29.70 20.70 9.25
C CYS A 62 -28.53 19.78 8.95
N ILE A 63 -27.75 20.13 7.93
CA ILE A 63 -26.57 19.37 7.54
C ILE A 63 -25.70 20.29 6.70
N HIS A 64 -24.38 20.09 6.80
CA HIS A 64 -23.35 20.84 6.08
C HIS A 64 -23.82 21.29 4.70
N MET A 65 -23.94 22.60 4.51
CA MET A 65 -24.46 23.15 3.25
C MET A 65 -23.36 23.11 2.19
N THR A 66 -23.07 21.90 1.74
CA THR A 66 -22.08 21.64 0.72
C THR A 66 -22.73 21.49 -0.65
N ILE A 67 -21.88 21.39 -1.68
CA ILE A 67 -22.38 21.06 -3.01
C ILE A 67 -23.14 19.74 -2.98
N GLN A 68 -22.65 18.78 -2.19
CA GLN A 68 -23.28 17.47 -2.11
C GLN A 68 -24.65 17.57 -1.45
N THR A 69 -24.77 18.35 -0.38
CA THR A 69 -26.08 18.56 0.25
C THR A 69 -27.04 19.24 -0.72
N GLY A 70 -26.52 20.12 -1.58
CA GLY A 70 -27.38 20.78 -2.55
C GLY A 70 -28.07 19.82 -3.48
N VAL A 71 -27.36 18.80 -3.95
CA VAL A 71 -27.98 17.78 -4.79
C VAL A 71 -29.02 17.00 -3.98
N LEU A 72 -28.73 16.74 -2.70
CA LEU A 72 -29.73 16.12 -1.84
C LEU A 72 -30.96 17.01 -1.70
N ILE A 73 -30.75 18.30 -1.44
CA ILE A 73 -31.88 19.22 -1.25
C ILE A 73 -32.75 19.24 -2.50
N GLU A 74 -32.14 19.45 -3.67
CA GLU A 74 -32.91 19.53 -4.89
C GLU A 74 -33.52 18.20 -5.29
N THR A 75 -32.99 17.08 -4.78
CA THR A 75 -33.65 15.80 -4.99
C THR A 75 -34.93 15.70 -4.16
N LEU A 76 -34.86 16.10 -2.89
CA LEU A 76 -36.06 16.13 -2.06
C LEU A 76 -37.11 17.05 -2.65
N VAL A 77 -36.69 18.23 -3.13
CA VAL A 77 -37.63 19.15 -3.75
C VAL A 77 -38.20 18.56 -5.03
N ALA A 78 -37.35 17.90 -5.83
CA ALA A 78 -37.82 17.29 -7.07
C ALA A 78 -38.85 16.20 -6.80
N LEU A 79 -38.78 15.56 -5.64
CA LEU A 79 -39.76 14.55 -5.25
C LEU A 79 -41.00 15.14 -4.61
N GLY A 80 -41.10 16.47 -4.49
CA GLY A 80 -42.31 17.14 -4.07
C GLY A 80 -42.24 17.84 -2.73
N ALA A 81 -41.14 17.72 -2.00
CA ALA A 81 -41.08 18.28 -0.66
C ALA A 81 -40.79 19.77 -0.69
N GLU A 82 -41.20 20.46 0.36
CA GLU A 82 -40.73 21.79 0.70
C GLU A 82 -39.76 21.69 1.86
N VAL A 83 -38.69 22.49 1.83
CA VAL A 83 -37.64 22.40 2.84
C VAL A 83 -37.23 23.79 3.30
N ARG A 84 -36.66 23.83 4.50
CA ARG A 84 -35.97 25.01 5.02
C ARG A 84 -34.69 24.50 5.67
N TRP A 85 -33.55 25.04 5.24
CA TRP A 85 -32.27 24.38 5.45
C TRP A 85 -31.28 25.26 6.21
N SER A 86 -30.42 24.59 6.98
CA SER A 86 -29.29 25.23 7.63
C SER A 86 -28.14 24.23 7.70
N SER A 87 -26.95 24.72 8.01
CA SER A 87 -25.80 23.86 8.18
C SER A 87 -25.69 23.42 9.64
N CYS A 88 -25.06 22.26 9.84
CA CYS A 88 -24.87 21.73 11.19
C CYS A 88 -23.47 21.99 11.71
N ASN A 89 -22.68 22.83 11.04
CA ASN A 89 -21.37 23.23 11.52
C ASN A 89 -21.07 24.63 11.00
N ILE A 90 -20.36 25.41 11.82
CA ILE A 90 -20.13 26.81 11.50
C ILE A 90 -19.15 26.99 10.35
N PHE A 91 -18.31 26.00 10.05
CA PHE A 91 -17.27 26.13 9.05
C PHE A 91 -17.50 25.26 7.82
N SER A 92 -18.53 24.43 7.81
CA SER A 92 -18.66 23.39 6.80
C SER A 92 -19.39 23.85 5.54
N THR A 93 -20.01 25.03 5.54
CA THR A 93 -20.77 25.48 4.38
C THR A 93 -19.84 25.86 3.23
N GLN A 94 -20.21 25.45 2.02
CA GLN A 94 -19.62 25.97 0.80
C GLN A 94 -20.51 27.11 0.30
N ASP A 95 -19.97 28.33 0.28
CA ASP A 95 -20.80 29.50 0.02
C ASP A 95 -21.40 29.48 -1.39
N GLN A 96 -20.70 28.92 -2.36
CA GLN A 96 -21.27 28.84 -3.70
C GLN A 96 -22.42 27.83 -3.75
N ALA A 97 -22.38 26.81 -2.88
CA ALA A 97 -23.50 25.87 -2.80
C ALA A 97 -24.71 26.52 -2.15
N ALA A 98 -24.49 27.25 -1.06
CA ALA A 98 -25.59 27.96 -0.41
C ALA A 98 -26.20 28.99 -1.34
N ALA A 99 -25.36 29.69 -2.11
CA ALA A 99 -25.86 30.70 -3.03
C ALA A 99 -26.72 30.08 -4.11
N ALA A 100 -26.30 28.93 -4.66
CA ALA A 100 -27.07 28.30 -5.72
C ALA A 100 -28.43 27.84 -5.22
N ILE A 101 -28.48 27.32 -3.99
CA ILE A 101 -29.75 26.86 -3.44
C ILE A 101 -30.69 28.04 -3.20
N ALA A 102 -30.16 29.12 -2.63
CA ALA A 102 -30.99 30.31 -2.39
C ALA A 102 -31.50 30.90 -3.70
N ALA A 103 -30.64 30.94 -4.71
CA ALA A 103 -31.04 31.48 -6.01
C ALA A 103 -32.13 30.62 -6.66
N ALA A 104 -32.22 29.34 -6.29
CA ALA A 104 -33.27 28.46 -6.79
C ALA A 104 -34.59 28.63 -6.05
N GLY A 105 -34.69 29.61 -5.15
CA GLY A 105 -35.94 29.84 -4.44
C GLY A 105 -36.16 28.92 -3.27
N ILE A 106 -35.10 28.40 -2.67
CA ILE A 106 -35.19 27.46 -1.54
C ILE A 106 -34.65 28.17 -0.30
N PRO A 107 -35.40 28.22 0.80
CA PRO A 107 -34.92 28.90 2.00
C PRO A 107 -33.73 28.16 2.60
N VAL A 108 -32.59 28.86 2.66
CA VAL A 108 -31.36 28.32 3.22
C VAL A 108 -30.66 29.42 3.99
N PHE A 109 -30.14 29.09 5.17
CA PHE A 109 -29.49 30.04 6.08
C PHE A 109 -28.16 29.41 6.50
N ALA A 110 -27.10 29.72 5.77
CA ALA A 110 -25.81 29.08 6.02
C ALA A 110 -24.70 29.85 5.31
N TRP A 111 -23.57 30.01 5.99
CA TRP A 111 -22.36 30.54 5.37
C TRP A 111 -21.16 30.02 6.14
N LYS A 112 -20.00 30.04 5.47
CA LYS A 112 -18.77 29.56 6.07
C LYS A 112 -18.23 30.63 7.03
N GLY A 113 -17.94 30.23 8.26
CA GLY A 113 -17.46 31.16 9.25
C GLY A 113 -18.53 31.77 10.13
N GLU A 114 -19.64 31.06 10.35
CA GLU A 114 -20.65 31.53 11.28
C GLU A 114 -20.08 31.64 12.68
N THR A 115 -20.57 32.61 13.44
CA THR A 115 -20.33 32.59 14.87
C THR A 115 -21.30 31.61 15.53
N GLU A 116 -21.05 31.31 16.81
CA GLU A 116 -21.96 30.44 17.54
C GLU A 116 -23.36 31.04 17.61
N GLU A 117 -23.44 32.37 17.81
CA GLU A 117 -24.72 33.05 17.80
C GLU A 117 -25.43 32.86 16.46
N GLU A 118 -24.69 33.06 15.36
CA GLU A 118 -25.30 32.92 14.03
C GLU A 118 -25.72 31.49 13.75
N TYR A 119 -24.97 30.52 14.28
CA TYR A 119 -25.34 29.11 14.10
C TYR A 119 -26.71 28.83 14.68
N GLU A 120 -26.95 29.26 15.93
CA GLU A 120 -28.25 29.09 16.54
C GLU A 120 -29.33 29.84 15.76
N TRP A 121 -29.00 31.05 15.29
CA TRP A 121 -29.98 31.85 14.56
C TRP A 121 -30.39 31.19 13.26
N CYS A 122 -29.44 30.56 12.56
CA CYS A 122 -29.76 29.91 11.29
C CYS A 122 -30.73 28.76 11.48
N ILE A 123 -30.52 27.94 12.50
CA ILE A 123 -31.46 26.85 12.79
C ILE A 123 -32.84 27.42 13.09
N GLU A 124 -32.89 28.53 13.83
CA GLU A 124 -34.18 29.13 14.19
C GLU A 124 -34.90 29.65 12.96
N GLN A 125 -34.16 30.19 11.98
CA GLN A 125 -34.83 30.72 10.79
C GLN A 125 -35.45 29.61 9.95
N THR A 126 -34.96 28.38 10.05
CA THR A 126 -35.64 27.27 9.39
C THR A 126 -36.89 26.88 10.16
N ILE A 127 -36.81 26.87 11.50
CA ILE A 127 -37.94 26.47 12.32
C ILE A 127 -39.07 27.48 12.22
N LEU A 128 -38.74 28.77 12.22
CA LEU A 128 -39.74 29.83 12.21
C LEU A 128 -39.87 30.43 10.81
N LYS A 129 -41.10 30.58 10.35
CA LYS A 129 -41.40 31.31 9.13
C LYS A 129 -42.30 32.47 9.48
N ASP A 130 -41.84 33.69 9.21
CA ASP A 130 -42.58 34.91 9.53
C ASP A 130 -42.92 34.99 11.02
N GLY A 131 -41.95 34.66 11.86
CA GLY A 131 -42.09 34.85 13.29
C GLY A 131 -42.87 33.79 14.03
N GLN A 132 -43.35 32.75 13.35
CA GLN A 132 -44.15 31.71 13.97
C GLN A 132 -43.70 30.36 13.45
N PRO A 133 -43.94 29.29 14.21
CA PRO A 133 -43.46 27.96 13.79
C PRO A 133 -43.99 27.56 12.42
N TRP A 134 -43.06 27.19 11.54
CA TRP A 134 -43.40 26.59 10.27
C TRP A 134 -44.14 25.28 10.49
N ASP A 135 -45.04 24.94 9.57
CA ASP A 135 -45.83 23.71 9.69
C ASP A 135 -45.03 22.50 9.19
N ALA A 136 -43.89 22.28 9.82
CA ALA A 136 -43.02 21.19 9.43
C ALA A 136 -43.63 19.85 9.83
N ASN A 137 -43.30 18.81 9.06
CA ASN A 137 -43.73 17.45 9.39
C ASN A 137 -42.64 16.42 9.20
N MET A 138 -41.43 16.81 8.79
CA MET A 138 -40.30 15.91 8.65
C MET A 138 -39.02 16.62 9.07
N VAL A 139 -38.04 15.85 9.53
CA VAL A 139 -36.77 16.39 10.02
C VAL A 139 -35.63 15.56 9.44
N LEU A 140 -34.67 16.23 8.81
CA LEU A 140 -33.41 15.65 8.38
C LEU A 140 -32.29 16.33 9.17
N ASP A 141 -31.52 15.55 9.91
CA ASP A 141 -30.57 16.10 10.86
C ASP A 141 -29.22 15.41 10.72
N ASP A 142 -28.16 16.14 11.08
CA ASP A 142 -26.79 15.62 11.07
C ASP A 142 -26.13 16.10 12.35
N GLY A 143 -26.14 15.26 13.38
CA GLY A 143 -25.52 15.56 14.65
C GLY A 143 -26.50 15.72 15.80
N GLY A 144 -27.76 16.00 15.51
CA GLY A 144 -28.78 16.06 16.53
C GLY A 144 -29.04 17.43 17.11
N ASP A 145 -28.40 18.48 16.59
CA ASP A 145 -28.62 19.82 17.12
C ASP A 145 -30.05 20.29 16.86
N LEU A 146 -30.53 20.14 15.62
CA LEU A 146 -31.90 20.52 15.30
C LEU A 146 -32.89 19.66 16.08
N THR A 147 -32.61 18.36 16.20
CA THR A 147 -33.48 17.46 16.95
C THR A 147 -33.58 17.89 18.40
N GLU A 148 -32.46 18.32 18.99
CA GLU A 148 -32.47 18.72 20.39
C GLU A 148 -33.24 20.02 20.60
N ILE A 149 -33.08 20.97 19.68
CA ILE A 149 -33.78 22.25 19.80
C ILE A 149 -35.29 22.05 19.69
N LEU A 150 -35.72 21.15 18.80
CA LEU A 150 -37.15 20.89 18.64
C LEU A 150 -37.74 20.30 19.92
N HIS A 151 -37.06 19.31 20.51
CA HIS A 151 -37.59 18.68 21.71
C HIS A 151 -37.55 19.62 22.90
N LYS A 152 -36.52 20.47 23.00
CA LYS A 152 -36.37 21.32 24.16
C LYS A 152 -37.19 22.61 24.05
N LYS A 153 -37.19 23.23 22.87
CA LYS A 153 -37.75 24.57 22.71
C LYS A 153 -39.06 24.61 21.92
N TYR A 154 -39.31 23.65 21.03
CA TYR A 154 -40.53 23.66 20.22
C TYR A 154 -41.23 22.30 20.26
N PRO A 155 -41.56 21.79 21.46
CA PRO A 155 -42.14 20.44 21.53
C PRO A 155 -43.49 20.33 20.84
N GLN A 156 -44.24 21.43 20.71
CA GLN A 156 -45.53 21.37 20.03
C GLN A 156 -45.37 21.12 18.53
N MET A 157 -44.27 21.60 17.93
CA MET A 157 -44.05 21.34 16.51
C MET A 157 -43.87 19.86 16.24
N LEU A 158 -43.29 19.12 17.18
CA LEU A 158 -43.07 17.69 16.98
C LEU A 158 -44.36 16.90 16.91
N GLU A 159 -45.46 17.45 17.41
CA GLU A 159 -46.74 16.75 17.37
C GLU A 159 -47.21 16.49 15.94
N ARG A 160 -46.75 17.30 14.98
CA ARG A 160 -47.12 17.15 13.58
C ARG A 160 -46.01 16.55 12.73
N ILE A 161 -44.89 16.17 13.32
CA ILE A 161 -43.73 15.67 12.61
C ILE A 161 -43.79 14.15 12.57
N HIS A 162 -43.59 13.57 11.38
CA HIS A 162 -43.75 12.13 11.20
C HIS A 162 -42.48 11.34 11.48
N GLY A 163 -41.31 11.97 11.45
CA GLY A 163 -40.09 11.25 11.74
C GLY A 163 -38.86 12.09 11.54
N ILE A 164 -37.74 11.54 12.01
CA ILE A 164 -36.41 12.12 11.90
C ILE A 164 -35.52 11.14 11.16
N THR A 165 -34.72 11.64 10.22
CA THR A 165 -33.69 10.83 9.56
C THR A 165 -32.33 11.40 9.93
N GLU A 166 -31.58 10.66 10.75
CA GLU A 166 -30.35 11.14 11.37
C GLU A 166 -29.13 10.60 10.63
N GLU A 167 -28.19 11.50 10.32
CA GLU A 167 -27.13 11.20 9.37
C GLU A 167 -25.95 10.48 10.02
N THR A 168 -25.52 10.90 11.21
CA THR A 168 -24.19 10.54 11.70
C THR A 168 -24.26 9.85 13.05
N THR A 169 -23.13 9.25 13.43
CA THR A 169 -23.06 8.38 14.60
C THR A 169 -23.39 9.13 15.88
N THR A 170 -22.86 10.35 16.03
CA THR A 170 -23.12 11.13 17.24
C THR A 170 -24.61 11.45 17.37
N GLY A 171 -25.27 11.80 16.27
CA GLY A 171 -26.70 12.07 16.33
C GLY A 171 -27.51 10.84 16.69
N VAL A 172 -27.08 9.68 16.21
CA VAL A 172 -27.78 8.43 16.52
C VAL A 172 -27.65 8.09 18.00
N HIS A 173 -26.49 8.38 18.59
CA HIS A 173 -26.31 8.14 20.01
C HIS A 173 -27.26 9.00 20.83
N ARG A 174 -27.45 10.25 20.44
CA ARG A 174 -28.37 11.12 21.17
C ARG A 174 -29.81 10.65 21.02
N LEU A 175 -30.15 10.05 19.88
CA LEU A 175 -31.52 9.54 19.69
C LEU A 175 -31.79 8.35 20.61
N LEU A 176 -30.83 7.43 20.72
CA LEU A 176 -31.02 6.25 21.56
C LEU A 176 -31.11 6.62 23.04
N ASP A 177 -30.36 7.65 23.46
CA ASP A 177 -30.49 8.11 24.84
C ASP A 177 -31.88 8.67 25.10
N MET A 178 -32.41 9.45 24.16
CA MET A 178 -33.78 9.96 24.32
C MET A 178 -34.79 8.83 24.30
N LEU A 179 -34.58 7.82 23.46
CA LEU A 179 -35.52 6.72 23.37
C LEU A 179 -35.59 5.94 24.68
N LYS A 180 -34.45 5.68 25.30
CA LYS A 180 -34.47 4.90 26.53
C LYS A 180 -34.91 5.73 27.72
N ASN A 181 -34.74 7.05 27.65
CA ASN A 181 -35.26 7.94 28.70
C ASN A 181 -36.73 8.28 28.51
N GLY A 182 -37.34 7.86 27.41
CA GLY A 182 -38.74 8.15 27.17
C GLY A 182 -39.02 9.59 26.77
N THR A 183 -38.03 10.28 26.22
CA THR A 183 -38.18 11.67 25.82
C THR A 183 -38.24 11.85 24.30
N LEU A 184 -38.03 10.79 23.53
CA LEU A 184 -38.14 10.88 22.08
C LEU A 184 -39.62 10.92 21.68
N LYS A 185 -39.99 11.97 20.93
CA LYS A 185 -41.39 12.20 20.59
C LYS A 185 -41.81 11.62 19.25
N VAL A 186 -40.87 11.42 18.32
CA VAL A 186 -41.19 10.89 16.99
C VAL A 186 -40.19 9.81 16.63
N PRO A 187 -40.61 8.87 15.77
CA PRO A 187 -39.69 7.80 15.37
C PRO A 187 -38.56 8.34 14.50
N ALA A 188 -37.49 7.55 14.41
CA ALA A 188 -36.33 7.96 13.65
C ALA A 188 -35.80 6.77 12.84
N ILE A 189 -35.11 7.09 11.76
CA ILE A 189 -34.35 6.11 10.99
C ILE A 189 -32.87 6.45 11.15
N ASN A 190 -32.10 5.47 11.60
CA ASN A 190 -30.65 5.58 11.72
C ASN A 190 -30.08 5.41 10.32
N VAL A 191 -29.83 6.54 9.65
CA VAL A 191 -29.23 6.49 8.32
C VAL A 191 -27.77 6.04 8.41
N ASN A 192 -27.11 6.32 9.53
CA ASN A 192 -25.68 6.06 9.64
C ASN A 192 -25.36 4.59 9.43
N ASP A 193 -26.19 3.69 9.98
CA ASP A 193 -25.87 2.27 10.03
C ASP A 193 -26.30 1.50 8.80
N SER A 194 -26.61 2.18 7.69
CA SER A 194 -26.57 1.49 6.40
C SER A 194 -25.12 1.19 6.05
N VAL A 195 -24.90 0.04 5.43
CA VAL A 195 -23.52 -0.28 5.05
C VAL A 195 -23.03 0.68 3.97
N THR A 196 -23.92 1.12 3.08
CA THR A 196 -23.55 2.10 2.07
C THR A 196 -23.41 3.50 2.64
N LYS A 197 -23.62 3.68 3.95
CA LYS A 197 -23.31 4.94 4.63
C LYS A 197 -22.13 4.73 5.57
N SER A 198 -22.30 3.93 6.63
CA SER A 198 -21.24 3.76 7.62
C SER A 198 -19.95 3.29 6.98
N LYS A 199 -20.00 2.18 6.25
CA LYS A 199 -18.76 1.59 5.76
C LYS A 199 -18.43 2.17 4.41
N ASN A 200 -18.84 3.42 4.19
CA ASN A 200 -18.55 4.12 2.95
C ASN A 200 -18.25 5.58 3.25
N ASP A 201 -19.25 6.30 3.74
CA ASP A 201 -19.07 7.68 4.16
C ASP A 201 -18.02 7.78 5.27
N ASN A 202 -18.27 7.12 6.39
CA ASN A 202 -17.47 7.36 7.59
C ASN A 202 -16.00 6.95 7.39
N LYS A 203 -15.78 5.86 6.65
CA LYS A 203 -14.43 5.33 6.46
C LYS A 203 -13.77 5.92 5.22
N TYR A 204 -14.26 5.55 4.04
CA TYR A 204 -13.62 5.98 2.79
C TYR A 204 -13.72 7.49 2.60
N GLY A 205 -14.78 8.12 3.10
CA GLY A 205 -14.90 9.56 2.97
C GLY A 205 -13.79 10.31 3.71
N CYS A 206 -13.48 9.85 4.92
CA CYS A 206 -12.39 10.47 5.67
C CYS A 206 -11.03 10.10 5.09
N ARG A 207 -10.93 8.94 4.44
CA ARG A 207 -9.72 8.61 3.71
C ARG A 207 -9.43 9.64 2.63
N HIS A 208 -10.47 10.08 1.93
CA HIS A 208 -10.29 11.04 0.84
C HIS A 208 -9.97 12.44 1.38
N SER A 209 -10.69 12.89 2.41
CA SER A 209 -10.73 14.30 2.74
C SER A 209 -9.83 14.71 3.90
N LEU A 210 -9.31 13.76 4.68
CA LEU A 210 -8.48 14.14 5.82
C LEU A 210 -7.15 14.73 5.37
N ASN A 211 -6.39 13.99 4.56
CA ASN A 211 -5.13 14.52 4.04
CA ASN A 211 -5.13 14.53 4.05
C ASN A 211 -5.38 15.71 3.13
N ASP A 212 -6.51 15.72 2.43
CA ASP A 212 -6.89 16.85 1.60
C ASP A 212 -6.93 18.13 2.42
N ALA A 213 -7.62 18.09 3.56
CA ALA A 213 -7.75 19.29 4.39
C ALA A 213 -6.42 19.72 4.99
N ILE A 214 -5.62 18.76 5.45
CA ILE A 214 -4.33 19.09 6.03
C ILE A 214 -3.44 19.80 5.00
N LYS A 215 -3.44 19.30 3.76
CA LYS A 215 -2.63 19.91 2.72
C LYS A 215 -3.09 21.33 2.40
N ARG A 216 -4.41 21.53 2.30
CA ARG A 216 -4.89 22.88 2.02
C ARG A 216 -4.58 23.84 3.16
N GLY A 217 -4.65 23.36 4.40
CA GLY A 217 -4.43 24.25 5.53
C GLY A 217 -2.97 24.58 5.76
N THR A 218 -2.10 23.59 5.60
CA THR A 218 -0.69 23.73 5.95
C THR A 218 0.26 23.55 4.77
N ASP A 219 -0.12 22.78 3.74
CA ASP A 219 0.81 22.41 2.66
C ASP A 219 2.06 21.72 3.21
N HIS A 220 1.91 21.08 4.37
CA HIS A 220 3.02 20.34 4.95
C HIS A 220 3.25 19.03 4.21
N LEU A 221 4.51 18.67 4.03
CA LEU A 221 4.84 17.31 3.65
C LEU A 221 4.37 16.36 4.75
N LEU A 222 3.75 15.26 4.34
CA LEU A 222 3.30 14.26 5.32
C LEU A 222 4.19 13.03 5.34
N SER A 223 4.81 12.69 4.21
CA SER A 223 5.61 11.48 4.11
C SER A 223 6.77 11.54 5.09
N GLY A 224 6.95 10.46 5.85
CA GLY A 224 8.06 10.33 6.75
C GLY A 224 7.86 10.94 8.13
N LYS A 225 6.75 11.64 8.35
CA LYS A 225 6.49 12.25 9.65
C LYS A 225 5.61 11.33 10.49
N GLN A 226 5.53 11.64 11.79
CA GLN A 226 4.83 10.80 12.75
C GLN A 226 3.44 11.36 13.01
N ALA A 227 2.44 10.48 12.98
CA ALA A 227 1.06 10.84 13.27
C ALA A 227 0.52 9.95 14.38
N LEU A 228 -0.37 10.51 15.18
CA LEU A 228 -1.10 9.78 16.21
C LEU A 228 -2.59 9.97 15.98
N VAL A 229 -3.29 8.87 15.72
CA VAL A 229 -4.73 8.90 15.47
C VAL A 229 -5.43 8.34 16.70
N ILE A 230 -6.27 9.16 17.31
CA ILE A 230 -7.04 8.74 18.49
C ILE A 230 -8.36 8.15 17.99
N GLY A 231 -8.53 6.84 18.22
CA GLY A 231 -9.73 6.15 17.78
C GLY A 231 -9.50 5.32 16.53
N TYR A 232 -10.14 4.15 16.45
CA TYR A 232 -10.01 3.30 15.28
C TYR A 232 -11.36 2.68 14.92
N GLY A 233 -12.42 3.48 15.00
CA GLY A 233 -13.71 3.12 14.43
C GLY A 233 -13.70 3.36 12.93
N ASP A 234 -14.89 3.56 12.36
CA ASP A 234 -14.96 3.80 10.93
C ASP A 234 -14.20 5.06 10.54
N VAL A 235 -14.42 6.16 11.27
CA VAL A 235 -13.70 7.40 10.98
C VAL A 235 -12.21 7.23 11.26
N GLY A 236 -11.86 6.53 12.34
CA GLY A 236 -10.44 6.32 12.64
C GLY A 236 -9.76 5.41 11.64
N LYS A 237 -10.45 4.38 11.17
CA LYS A 237 -9.88 3.52 10.14
C LYS A 237 -9.58 4.32 8.88
N GLY A 238 -10.56 5.08 8.40
CA GLY A 238 -10.35 5.87 7.20
C GLY A 238 -9.31 6.96 7.37
N SER A 239 -9.22 7.55 8.57
CA SER A 239 -8.25 8.61 8.81
C SER A 239 -6.83 8.05 8.82
N SER A 240 -6.63 6.94 9.54
CA SER A 240 -5.31 6.31 9.57
C SER A 240 -4.82 5.98 8.16
N GLN A 241 -5.72 5.45 7.31
CA GLN A 241 -5.34 5.14 5.94
C GLN A 241 -5.02 6.39 5.15
N SER A 242 -5.79 7.47 5.38
CA SER A 242 -5.54 8.73 4.70
C SER A 242 -4.11 9.23 4.95
N LEU A 243 -3.60 9.01 6.17
CA LEU A 243 -2.23 9.41 6.52
C LEU A 243 -1.20 8.37 6.12
N ARG A 244 -1.50 7.08 6.33
CA ARG A 244 -0.52 6.04 6.04
C ARG A 244 -0.22 5.95 4.55
N GLN A 245 -1.25 6.14 3.71
CA GLN A 245 -1.02 6.08 2.27
C GLN A 245 -0.18 7.23 1.77
N GLU A 246 -0.08 8.33 2.54
CA GLU A 246 0.81 9.43 2.23
C GLU A 246 2.24 9.17 2.71
N GLY A 247 2.50 8.05 3.36
CA GLY A 247 3.82 7.76 3.87
C GLY A 247 4.08 8.19 5.29
N MET A 248 3.04 8.53 6.06
CA MET A 248 3.24 8.86 7.46
C MET A 248 3.49 7.59 8.27
N ILE A 249 4.23 7.74 9.37
CA ILE A 249 4.36 6.69 10.36
C ILE A 249 3.22 6.89 11.36
N VAL A 250 2.22 6.01 11.31
CA VAL A 250 0.97 6.21 12.01
C VAL A 250 0.92 5.27 13.22
N LYS A 251 0.65 5.85 14.38
CA LYS A 251 0.33 5.12 15.60
C LYS A 251 -1.14 5.38 15.93
N VAL A 252 -1.77 4.41 16.60
CA VAL A 252 -3.21 4.43 16.83
C VAL A 252 -3.49 4.19 18.31
N ALA A 253 -4.40 4.97 18.88
CA ALA A 253 -4.87 4.80 20.24
C ALA A 253 -6.32 4.35 20.22
N GLU A 254 -6.68 3.47 21.16
CA GLU A 254 -8.05 2.99 21.24
C GLU A 254 -8.40 2.60 22.67
N VAL A 255 -9.70 2.62 22.96
CA VAL A 255 -10.23 2.05 24.18
C VAL A 255 -10.92 0.71 23.92
N ASP A 256 -11.27 0.42 22.67
CA ASP A 256 -11.92 -0.84 22.32
C ASP A 256 -10.87 -1.85 21.89
N PRO A 257 -10.71 -2.96 22.63
CA PRO A 257 -9.67 -3.92 22.25
C PRO A 257 -9.87 -4.53 20.87
N ILE A 258 -11.13 -4.71 20.45
CA ILE A 258 -11.39 -5.30 19.13
C ILE A 258 -10.94 -4.35 18.03
N CYS A 259 -11.28 -3.07 18.16
CA CYS A 259 -10.78 -2.08 17.21
C CYS A 259 -9.26 -1.97 17.28
N ALA A 260 -8.69 -2.10 18.48
CA ALA A 260 -7.24 -2.11 18.62
C ALA A 260 -6.63 -3.30 17.90
N MET A 261 -7.27 -4.47 17.99
N MET A 261 -7.27 -4.47 17.99
CA MET A 261 -6.78 -5.65 17.30
CA MET A 261 -6.77 -5.65 17.29
C MET A 261 -6.71 -5.42 15.79
C MET A 261 -6.71 -5.42 15.79
N GLN A 262 -7.71 -4.74 15.23
CA GLN A 262 -7.71 -4.46 13.80
C GLN A 262 -6.58 -3.51 13.43
N ALA A 263 -6.30 -2.52 14.28
CA ALA A 263 -5.21 -1.59 13.98
C ALA A 263 -3.87 -2.31 13.92
N CYS A 264 -3.67 -3.30 14.79
CA CYS A 264 -2.44 -4.08 14.74
C CYS A 264 -2.36 -4.89 13.45
N MET A 265 -3.40 -5.67 13.16
CA MET A 265 -3.41 -6.48 11.94
C MET A 265 -3.30 -5.62 10.69
N ASP A 266 -3.76 -4.37 10.75
CA ASP A 266 -3.63 -3.42 9.65
C ASP A 266 -2.25 -2.81 9.55
N GLY A 267 -1.33 -3.15 10.45
CA GLY A 267 0.03 -2.67 10.34
C GLY A 267 0.33 -1.38 11.08
N PHE A 268 -0.43 -1.06 12.12
CA PHE A 268 -0.17 0.13 12.93
C PHE A 268 0.29 -0.29 14.33
N GLU A 269 1.14 0.55 14.91
CA GLU A 269 1.52 0.37 16.32
C GLU A 269 0.47 1.02 17.20
N VAL A 270 -0.05 0.27 18.16
CA VAL A 270 -1.11 0.73 19.04
C VAL A 270 -0.48 1.25 20.32
N VAL A 271 -0.67 2.55 20.57
CA VAL A 271 -0.07 3.22 21.73
C VAL A 271 -1.16 4.00 22.46
N SER A 272 -0.84 4.38 23.69
CA SER A 272 -1.72 5.22 24.48
C SER A 272 -1.01 6.53 24.83
N PRO A 273 -1.72 7.65 24.83
CA PRO A 273 -1.10 8.90 25.32
C PRO A 273 -0.68 8.83 26.77
N TYR A 274 -1.21 7.88 27.53
CA TYR A 274 -0.97 7.78 28.96
C TYR A 274 -0.15 6.53 29.25
N LYS A 275 0.73 6.62 30.24
CA LYS A 275 1.53 5.49 30.67
C LYS A 275 0.62 4.35 31.11
N ASN A 276 0.78 3.19 30.49
CA ASN A 276 -0.02 2.00 30.78
C ASN A 276 -1.51 2.22 30.52
N GLY A 277 -1.84 3.26 29.76
CA GLY A 277 -3.22 3.57 29.43
C GLY A 277 -4.05 4.13 30.55
N ILE A 278 -3.44 4.55 31.65
CA ILE A 278 -4.16 5.04 32.82
C ILE A 278 -4.18 6.56 32.76
N ASN A 279 -5.39 7.12 32.58
CA ASN A 279 -5.61 8.55 32.49
C ASN A 279 -6.08 9.05 33.86
N ASP A 280 -5.11 9.30 34.74
CA ASP A 280 -5.40 9.70 36.11
C ASP A 280 -5.54 11.20 36.29
N GLY A 281 -5.51 11.97 35.21
CA GLY A 281 -5.68 13.41 35.26
C GLY A 281 -4.43 14.20 35.59
N THR A 282 -3.32 13.53 35.94
CA THR A 282 -2.09 14.24 36.27
C THR A 282 -1.22 14.41 35.04
N GLU A 283 -0.34 15.41 35.11
CA GLU A 283 0.64 15.59 34.04
C GLU A 283 1.64 14.45 34.00
N ALA A 284 1.86 13.78 35.14
CA ALA A 284 2.82 12.71 35.21
C ALA A 284 2.38 11.47 34.42
N SER A 285 1.07 11.32 34.18
CA SER A 285 0.60 10.15 33.45
C SER A 285 0.81 10.26 31.96
N ILE A 286 1.27 11.40 31.45
CA ILE A 286 1.47 11.59 30.03
C ILE A 286 2.78 10.93 29.61
N ASP A 287 2.73 10.18 28.50
CA ASP A 287 3.93 9.63 27.88
C ASP A 287 4.61 10.76 27.13
N ALA A 288 5.43 11.53 27.86
CA ALA A 288 6.08 12.69 27.27
C ALA A 288 6.98 12.31 26.10
N ALA A 289 7.67 11.18 26.21
CA ALA A 289 8.56 10.76 25.13
C ALA A 289 7.80 10.46 23.85
N LEU A 290 6.65 9.78 23.97
CA LEU A 290 5.83 9.50 22.79
C LEU A 290 5.32 10.78 22.16
N LEU A 291 4.72 11.66 22.97
CA LEU A 291 4.09 12.84 22.42
C LEU A 291 5.11 13.85 21.93
N GLY A 292 6.32 13.84 22.50
CA GLY A 292 7.40 14.68 22.01
C GLY A 292 7.88 14.32 20.62
N LYS A 293 7.40 13.22 20.05
CA LYS A 293 7.79 12.75 18.72
C LYS A 293 6.70 12.95 17.67
N ILE A 294 5.50 13.35 18.07
CA ILE A 294 4.34 13.34 17.19
C ILE A 294 4.27 14.66 16.43
N ASP A 295 4.19 14.57 15.10
CA ASP A 295 4.07 15.73 14.24
C ASP A 295 2.61 16.10 13.96
N LEU A 296 1.68 15.16 14.15
CA LEU A 296 0.29 15.36 13.78
C LEU A 296 -0.59 14.47 14.64
N ILE A 297 -1.60 15.06 15.27
CA ILE A 297 -2.56 14.30 16.06
C ILE A 297 -3.95 14.56 15.51
N VAL A 298 -4.72 13.48 15.32
CA VAL A 298 -6.07 13.55 14.78
C VAL A 298 -6.99 12.81 15.73
N THR A 299 -8.09 13.47 16.12
CA THR A 299 -9.09 12.84 16.98
C THR A 299 -10.29 12.41 16.13
N THR A 300 -10.74 11.16 16.34
CA THR A 300 -11.79 10.57 15.51
C THR A 300 -12.84 9.83 16.34
N THR A 301 -13.03 10.21 17.61
CA THR A 301 -13.70 9.34 18.57
C THR A 301 -15.19 9.60 18.74
N GLY A 302 -15.64 10.85 18.59
CA GLY A 302 -16.96 11.19 19.07
C GLY A 302 -17.08 11.25 20.57
N ASN A 303 -15.95 11.17 21.29
CA ASN A 303 -15.91 11.25 22.73
C ASN A 303 -15.44 12.65 23.13
N VAL A 304 -15.26 12.86 24.44
CA VAL A 304 -14.93 14.16 24.99
C VAL A 304 -13.53 14.13 25.57
N ASN A 305 -12.72 15.14 25.21
CA ASN A 305 -11.41 15.38 25.83
C ASN A 305 -10.46 14.22 25.61
N VAL A 306 -10.37 13.76 24.36
CA VAL A 306 -9.43 12.68 24.02
C VAL A 306 -8.07 13.20 23.60
N CYS A 307 -7.94 14.51 23.38
CA CYS A 307 -6.66 15.19 23.25
C CYS A 307 -6.68 16.31 24.30
N ASP A 308 -6.29 15.98 25.53
CA ASP A 308 -6.52 16.86 26.67
C ASP A 308 -5.39 17.88 26.80
N ALA A 309 -5.48 18.71 27.85
CA ALA A 309 -4.53 19.80 28.04
C ALA A 309 -3.12 19.29 28.29
N ASN A 310 -2.99 18.22 29.09
CA ASN A 310 -1.67 17.67 29.34
C ASN A 310 -1.05 17.08 28.09
N MET A 311 -1.86 16.48 27.22
CA MET A 311 -1.35 16.01 25.93
C MET A 311 -0.89 17.18 25.07
N LEU A 312 -1.67 18.26 25.06
CA LEU A 312 -1.30 19.43 24.25
C LEU A 312 -0.03 20.09 24.78
N LYS A 313 0.19 20.06 26.09
CA LYS A 313 1.41 20.62 26.64
C LYS A 313 2.64 19.79 26.26
N ALA A 314 2.47 18.49 26.07
CA ALA A 314 3.60 17.59 25.82
C ALA A 314 3.91 17.40 24.35
N LEU A 315 3.04 17.88 23.45
CA LEU A 315 3.23 17.65 22.03
C LEU A 315 4.52 18.30 21.53
N LYS A 316 5.12 17.66 20.52
CA LYS A 316 6.29 18.20 19.87
C LYS A 316 6.01 19.61 19.35
N LYS A 317 7.04 20.46 19.37
CA LYS A 317 6.90 21.81 18.84
C LYS A 317 6.48 21.77 17.38
N ARG A 318 5.57 22.66 17.01
CA ARG A 318 5.07 22.84 15.65
C ARG A 318 4.26 21.65 15.16
N ALA A 319 3.76 20.81 16.06
CA ALA A 319 2.86 19.75 15.65
C ALA A 319 1.51 20.32 15.24
N VAL A 320 0.84 19.63 14.32
CA VAL A 320 -0.49 20.01 13.85
C VAL A 320 -1.53 19.26 14.68
N VAL A 321 -2.56 19.97 15.12
CA VAL A 321 -3.66 19.41 15.90
C VAL A 321 -4.95 19.66 15.13
N CYS A 322 -5.72 18.60 14.92
CA CYS A 322 -6.99 18.73 14.21
C CYS A 322 -7.95 17.64 14.67
N ASN A 323 -9.23 17.87 14.42
CA ASN A 323 -10.30 16.97 14.85
C ASN A 323 -11.24 16.72 13.68
N ILE A 324 -11.63 15.46 13.51
CA ILE A 324 -12.56 15.04 12.46
C ILE A 324 -13.77 14.31 13.02
N GLY A 325 -13.89 14.20 14.34
CA GLY A 325 -15.16 13.85 14.94
C GLY A 325 -16.14 15.00 14.83
N HIS A 326 -17.38 14.75 15.24
CA HIS A 326 -18.46 15.70 14.95
C HIS A 326 -18.32 16.99 15.73
N PHE A 327 -17.94 16.91 17.02
CA PHE A 327 -17.91 18.08 17.87
C PHE A 327 -16.48 18.43 18.28
N ASP A 328 -16.27 19.71 18.56
CA ASP A 328 -14.94 20.23 18.83
C ASP A 328 -14.46 19.94 20.25
N ASN A 329 -15.30 19.35 21.10
CA ASN A 329 -14.84 19.06 22.46
C ASN A 329 -13.99 17.81 22.53
N GLU A 330 -13.64 17.21 21.40
CA GLU A 330 -12.65 16.13 21.41
C GLU A 330 -11.29 16.65 21.82
N ILE A 331 -10.99 17.90 21.47
CA ILE A 331 -9.75 18.58 21.84
C ILE A 331 -10.10 19.64 22.87
N ASP A 332 -9.25 19.77 23.89
CA ASP A 332 -9.45 20.80 24.92
C ASP A 332 -8.97 22.14 24.38
N THR A 333 -9.73 22.67 23.42
CA THR A 333 -9.42 23.98 22.87
C THR A 333 -9.69 25.10 23.87
N ALA A 334 -10.61 24.87 24.81
CA ALA A 334 -10.91 25.89 25.82
C ALA A 334 -9.69 26.18 26.67
N PHE A 335 -8.95 25.13 27.05
CA PHE A 335 -7.69 25.33 27.76
C PHE A 335 -6.74 26.19 26.95
N MET A 336 -6.66 25.95 25.64
CA MET A 336 -5.74 26.71 24.80
C MET A 336 -6.19 28.16 24.64
N ARG A 337 -7.51 28.39 24.60
CA ARG A 337 -8.01 29.76 24.59
C ARG A 337 -7.66 30.48 25.89
N LYS A 338 -7.70 29.75 27.00
CA LYS A 338 -7.53 30.36 28.31
C LYS A 338 -6.07 30.69 28.60
N ASN A 339 -5.12 29.95 28.03
CA ASN A 339 -3.73 30.03 28.46
C ASN A 339 -2.75 30.44 27.38
N TRP A 340 -3.06 30.27 26.09
CA TRP A 340 -2.08 30.46 25.03
C TRP A 340 -2.57 31.49 24.03
N ALA A 341 -1.62 32.14 23.37
CA ALA A 341 -1.91 33.20 22.40
C ALA A 341 -2.15 32.59 21.03
N TRP A 342 -3.21 33.04 20.36
CA TRP A 342 -3.59 32.53 19.04
C TRP A 342 -3.16 33.52 17.96
N GLU A 343 -2.45 33.01 16.96
CA GLU A 343 -2.06 33.79 15.79
C GLU A 343 -2.72 33.17 14.57
N GLU A 344 -3.61 33.92 13.92
CA GLU A 344 -4.25 33.41 12.72
C GLU A 344 -3.27 33.48 11.55
N VAL A 345 -3.02 32.33 10.92
CA VAL A 345 -2.25 32.32 9.67
C VAL A 345 -3.14 32.73 8.51
N LYS A 346 -4.31 32.12 8.42
CA LYS A 346 -5.33 32.37 7.43
C LYS A 346 -6.60 31.73 7.98
N PRO A 347 -7.78 31.94 7.39
CA PRO A 347 -9.00 31.37 7.98
C PRO A 347 -8.89 29.88 8.26
N GLN A 348 -9.32 29.49 9.46
CA GLN A 348 -9.34 28.11 9.94
C GLN A 348 -7.93 27.52 10.11
N VAL A 349 -6.91 28.37 10.23
CA VAL A 349 -5.54 27.94 10.51
C VAL A 349 -4.97 28.89 11.56
N HIS A 350 -4.67 28.36 12.75
CA HIS A 350 -4.17 29.18 13.85
C HIS A 350 -2.90 28.59 14.42
N LYS A 351 -1.90 29.45 14.63
CA LYS A 351 -0.73 29.10 15.42
C LYS A 351 -1.02 29.44 16.88
N ILE A 352 -0.88 28.46 17.76
CA ILE A 352 -1.18 28.61 19.18
C ILE A 352 0.14 28.61 19.93
N HIS A 353 0.53 29.79 20.45
CA HIS A 353 1.84 29.97 21.06
C HIS A 353 1.78 29.58 22.53
N ARG A 354 2.52 28.54 22.91
CA ARG A 354 2.51 28.03 24.27
C ARG A 354 3.41 28.83 25.21
N THR A 355 3.87 30.01 24.78
CA THR A 355 4.71 30.86 25.62
C THR A 355 3.92 31.76 26.57
N GLY A 356 2.62 31.91 26.36
CA GLY A 356 1.83 32.75 27.23
C GLY A 356 0.51 33.12 26.57
N LYS A 357 -0.27 33.89 27.33
CA LYS A 357 -1.61 34.28 26.89
C LYS A 357 -1.63 35.65 26.23
N ASP A 358 -0.86 36.60 26.76
CA ASP A 358 -0.91 38.00 26.32
C ASP A 358 0.21 38.24 25.30
N GLY A 359 -0.13 38.12 24.02
CA GLY A 359 0.80 38.41 22.95
C GLY A 359 1.74 37.25 22.68
N PHE A 360 2.51 37.39 21.59
CA PHE A 360 3.42 36.34 21.17
C PHE A 360 4.56 36.95 20.38
N ASP A 361 5.68 36.23 20.35
CA ASP A 361 6.79 36.58 19.47
C ASP A 361 6.49 36.01 18.08
N ALA A 362 6.61 36.85 17.05
CA ALA A 362 6.26 36.41 15.70
C ALA A 362 7.18 35.29 15.23
N HIS A 363 8.39 35.21 15.79
CA HIS A 363 9.33 34.16 15.45
C HIS A 363 9.43 33.09 16.53
N ASN A 364 8.48 33.03 17.45
CA ASN A 364 8.46 31.97 18.45
C ASN A 364 8.38 30.61 17.77
N ASP A 365 9.19 29.67 18.25
CA ASP A 365 9.21 28.32 17.69
C ASP A 365 8.33 27.34 18.47
N ASP A 366 7.87 27.71 19.66
CA ASP A 366 7.07 26.82 20.50
C ASP A 366 5.59 27.15 20.28
N TYR A 367 5.03 26.55 19.22
CA TYR A 367 3.62 26.71 18.91
C TYR A 367 3.07 25.41 18.35
N LEU A 368 1.74 25.30 18.38
CA LEU A 368 1.02 24.25 17.68
C LEU A 368 0.17 24.90 16.59
N ILE A 369 -0.14 24.14 15.56
CA ILE A 369 -1.01 24.61 14.48
C ILE A 369 -2.33 23.89 14.63
N LEU A 370 -3.38 24.64 14.96
CA LEU A 370 -4.72 24.10 15.08
C LEU A 370 -5.50 24.39 13.80
N LEU A 371 -6.18 23.37 13.30
CA LEU A 371 -6.96 23.48 12.07
C LEU A 371 -8.45 23.58 12.41
N ALA A 372 -9.12 24.55 11.80
CA ALA A 372 -10.58 24.72 11.91
C ALA A 372 -11.02 24.92 13.36
N GLU A 373 -10.13 25.46 14.19
CA GLU A 373 -10.40 25.72 15.60
C GLU A 373 -10.96 24.49 16.30
N GLY A 374 -10.47 23.30 15.90
CA GLY A 374 -10.94 22.07 16.48
C GLY A 374 -12.22 21.52 15.91
N ARG A 375 -12.87 22.25 14.99
CA ARG A 375 -14.07 21.75 14.35
C ARG A 375 -13.69 20.75 13.25
N LEU A 376 -14.71 20.07 12.71
CA LEU A 376 -14.56 19.07 11.65
C LEU A 376 -13.55 19.52 10.59
N VAL A 377 -12.38 18.88 10.56
CA VAL A 377 -11.29 19.42 9.75
C VAL A 377 -11.51 19.17 8.26
N ASN A 378 -12.11 18.03 7.89
CA ASN A 378 -12.31 17.76 6.47
C ASN A 378 -13.26 18.78 5.85
N LEU A 379 -14.31 19.17 6.59
CA LEU A 379 -15.24 20.17 6.10
C LEU A 379 -14.77 21.59 6.37
N GLY A 380 -13.95 21.78 7.41
CA GLY A 380 -13.49 23.11 7.79
C GLY A 380 -12.39 23.65 6.92
N ASN A 381 -11.41 22.82 6.57
CA ASN A 381 -10.27 23.25 5.76
C ASN A 381 -10.32 22.71 4.33
N ALA A 382 -11.29 21.86 4.00
CA ALA A 382 -11.47 21.41 2.62
C ALA A 382 -12.96 21.44 2.27
N THR A 383 -13.45 20.43 1.55
CA THR A 383 -14.85 20.38 1.14
C THR A 383 -15.55 19.11 1.62
N GLY A 384 -15.02 18.46 2.65
CA GLY A 384 -15.67 17.24 3.11
C GLY A 384 -15.52 16.10 2.10
N HIS A 385 -16.41 15.13 2.22
CA HIS A 385 -16.37 13.96 1.36
C HIS A 385 -16.69 14.32 -0.08
N PRO A 386 -16.15 13.57 -1.04
CA PRO A 386 -16.47 13.83 -2.45
C PRO A 386 -17.88 13.37 -2.80
N SER A 387 -18.37 13.89 -3.94
CA SER A 387 -19.76 13.64 -4.35
C SER A 387 -20.05 12.15 -4.48
N ARG A 388 -19.16 11.40 -5.13
CA ARG A 388 -19.43 9.99 -5.40
C ARG A 388 -19.53 9.17 -4.11
N ILE A 389 -18.89 9.61 -3.04
CA ILE A 389 -19.05 8.93 -1.75
C ILE A 389 -20.35 9.36 -1.09
N MET A 390 -20.61 10.68 -1.02
CA MET A 390 -21.85 11.16 -0.44
C MET A 390 -23.07 10.66 -1.18
N ASP A 391 -22.90 10.19 -2.42
CA ASP A 391 -24.00 9.61 -3.18
C ASP A 391 -24.67 8.47 -2.40
N GLY A 392 -23.86 7.62 -1.77
CA GLY A 392 -24.43 6.53 -0.99
C GLY A 392 -25.22 7.03 0.22
N SER A 393 -24.65 7.95 0.98
CA SER A 393 -25.30 8.42 2.20
C SER A 393 -26.61 9.13 1.88
N PHE A 394 -26.62 9.98 0.86
CA PHE A 394 -27.78 10.80 0.58
C PHE A 394 -28.86 10.05 -0.19
N ALA A 395 -28.50 8.97 -0.88
CA ALA A 395 -29.55 8.09 -1.41
C ALA A 395 -30.28 7.40 -0.27
N ASN A 396 -29.57 7.04 0.80
CA ASN A 396 -30.22 6.50 1.99
C ASN A 396 -31.13 7.53 2.64
N GLN A 397 -30.71 8.80 2.67
CA GLN A 397 -31.52 9.85 3.27
C GLN A 397 -32.85 9.98 2.56
N VAL A 398 -32.84 10.01 1.22
CA VAL A 398 -34.06 10.14 0.46
C VAL A 398 -34.99 8.96 0.73
N LEU A 399 -34.43 7.74 0.75
CA LEU A 399 -35.25 6.57 1.03
C LEU A 399 -35.83 6.62 2.44
N ALA A 400 -35.05 7.10 3.41
CA ALA A 400 -35.54 7.19 4.77
C ALA A 400 -36.64 8.24 4.91
N GLN A 401 -36.46 9.40 4.27
CA GLN A 401 -37.49 10.43 4.29
C GLN A 401 -38.78 9.91 3.67
N ILE A 402 -38.69 9.22 2.54
CA ILE A 402 -39.88 8.70 1.87
C ILE A 402 -40.62 7.72 2.77
N HIS A 403 -39.88 6.82 3.43
CA HIS A 403 -40.53 5.79 4.23
C HIS A 403 -41.23 6.38 5.45
N LEU A 404 -40.55 7.28 6.17
CA LEU A 404 -41.14 7.85 7.37
C LEU A 404 -42.30 8.78 7.02
N PHE A 405 -42.18 9.53 5.92
CA PHE A 405 -43.27 10.41 5.52
C PHE A 405 -44.50 9.63 5.12
N GLU A 406 -44.32 8.53 4.38
CA GLU A 406 -45.46 7.71 3.98
C GLU A 406 -46.09 6.97 5.16
N GLN A 407 -45.35 6.76 6.25
CA GLN A 407 -45.93 6.07 7.40
C GLN A 407 -46.91 6.93 8.16
N LYS A 408 -46.72 8.25 8.14
CA LYS A 408 -47.66 9.21 8.73
C LYS A 408 -47.86 8.95 10.23
N TYR A 409 -46.74 8.89 10.96
CA TYR A 409 -46.79 8.60 12.39
C TYR A 409 -47.61 9.63 13.15
N ALA A 410 -47.51 10.90 12.77
CA ALA A 410 -48.15 11.96 13.53
C ALA A 410 -49.67 11.91 13.48
N ASP A 411 -50.25 11.23 12.49
CA ASP A 411 -51.69 11.14 12.36
C ASP A 411 -52.30 10.01 13.17
N LEU A 412 -51.49 9.23 13.88
CA LEU A 412 -52.01 8.07 14.59
C LEU A 412 -52.52 8.44 15.97
N PRO A 413 -53.48 7.68 16.50
CA PRO A 413 -53.89 7.90 17.90
C PRO A 413 -52.74 7.65 18.85
N ALA A 414 -52.87 8.23 20.05
CA ALA A 414 -51.80 8.12 21.04
C ALA A 414 -51.41 6.67 21.31
N ALA A 415 -52.41 5.78 21.32
CA ALA A 415 -52.13 4.36 21.57
C ALA A 415 -51.31 3.76 20.43
N GLU A 416 -51.55 4.20 19.20
CA GLU A 416 -50.79 3.67 18.07
C GLU A 416 -49.40 4.28 17.99
N LYS A 417 -49.24 5.54 18.40
CA LYS A 417 -47.93 6.18 18.38
C LYS A 417 -46.95 5.42 19.28
N ALA A 418 -47.43 4.92 20.42
CA ALA A 418 -46.54 4.24 21.36
C ALA A 418 -45.98 2.95 20.76
N LYS A 419 -46.80 2.23 20.00
CA LYS A 419 -46.34 0.99 19.40
C LYS A 419 -45.44 1.20 18.20
N ARG A 420 -45.49 2.39 17.59
CA ARG A 420 -44.71 2.73 16.41
C ARG A 420 -43.42 3.47 16.73
N LEU A 421 -43.25 3.94 17.96
CA LEU A 421 -42.13 4.79 18.34
C LEU A 421 -40.86 3.96 18.46
N SER A 422 -39.92 4.16 17.54
CA SER A 422 -38.72 3.35 17.49
C SER A 422 -37.64 4.06 16.70
N VAL A 423 -36.43 3.54 16.80
CA VAL A 423 -35.30 3.92 15.96
C VAL A 423 -34.91 2.70 15.14
N GLU A 424 -34.96 2.83 13.81
CA GLU A 424 -34.81 1.70 12.91
C GLU A 424 -33.76 2.02 11.85
N VAL A 425 -33.34 0.96 11.15
CA VAL A 425 -32.45 1.10 10.00
C VAL A 425 -33.23 0.69 8.76
N LEU A 426 -32.69 1.07 7.60
CA LEU A 426 -33.31 0.68 6.35
C LEU A 426 -33.13 -0.82 6.11
N PRO A 427 -34.04 -1.44 5.38
CA PRO A 427 -33.89 -2.88 5.08
C PRO A 427 -32.64 -3.13 4.25
N LYS A 428 -32.10 -4.35 4.38
CA LYS A 428 -30.88 -4.70 3.66
C LYS A 428 -31.09 -4.65 2.15
N LYS A 429 -32.30 -4.98 1.67
CA LYS A 429 -32.57 -4.95 0.24
C LYS A 429 -32.31 -3.57 -0.34
N LEU A 430 -32.73 -2.51 0.37
CA LEU A 430 -32.50 -1.16 -0.10
C LEU A 430 -31.04 -0.77 -0.01
N ASP A 431 -30.36 -1.18 1.07
CA ASP A 431 -28.92 -0.99 1.18
C ASP A 431 -28.21 -1.58 -0.03
N GLU A 432 -28.62 -2.76 -0.48
CA GLU A 432 -27.99 -3.42 -1.61
C GLU A 432 -28.27 -2.67 -2.91
N GLU A 433 -29.49 -2.14 -3.07
CA GLU A 433 -29.81 -1.43 -4.29
C GLU A 433 -29.05 -0.11 -4.38
N VAL A 434 -28.79 0.54 -3.24
CA VAL A 434 -27.90 1.70 -3.25
C VAL A 434 -26.51 1.29 -3.69
N ALA A 435 -26.00 0.19 -3.17
CA ALA A 435 -24.66 -0.26 -3.52
C ALA A 435 -24.55 -0.59 -4.99
N LEU A 436 -25.60 -1.17 -5.57
CA LEU A 436 -25.54 -1.56 -6.98
C LEU A 436 -25.37 -0.34 -7.88
N GLU A 437 -26.07 0.75 -7.57
CA GLU A 437 -25.93 1.96 -8.38
C GLU A 437 -24.57 2.60 -8.20
N MET A 438 -24.00 2.52 -7.00
CA MET A 438 -22.64 2.99 -6.79
C MET A 438 -21.65 2.18 -7.62
N VAL A 439 -21.81 0.85 -7.64
CA VAL A 439 -20.89 0.01 -8.42
C VAL A 439 -21.00 0.32 -9.91
N LYS A 440 -22.24 0.46 -10.41
CA LYS A 440 -22.41 0.84 -11.81
C LYS A 440 -21.73 2.17 -12.12
N GLY A 441 -21.71 3.08 -11.16
CA GLY A 441 -21.04 4.36 -11.38
C GLY A 441 -19.56 4.22 -11.64
N PHE A 442 -18.92 3.21 -11.04
CA PHE A 442 -17.52 2.93 -11.31
C PHE A 442 -17.32 2.08 -12.56
N GLY A 443 -18.39 1.59 -13.18
CA GLY A 443 -18.25 0.68 -14.29
C GLY A 443 -18.15 -0.77 -13.89
N GLY A 444 -18.36 -1.08 -12.61
CA GLY A 444 -18.29 -2.46 -12.17
C GLY A 444 -19.47 -3.28 -12.66
N VAL A 445 -19.24 -4.58 -12.79
CA VAL A 445 -20.24 -5.51 -13.28
C VAL A 445 -20.46 -6.57 -12.21
N VAL A 446 -21.63 -6.54 -11.58
CA VAL A 446 -21.96 -7.53 -10.55
C VAL A 446 -22.42 -8.82 -11.22
N THR A 447 -21.91 -9.95 -10.75
CA THR A 447 -22.29 -11.25 -11.27
C THR A 447 -23.64 -11.68 -10.70
N GLN A 448 -24.43 -12.37 -11.51
CA GLN A 448 -25.72 -12.87 -11.08
C GLN A 448 -25.63 -14.36 -10.78
N LEU A 449 -26.21 -14.76 -9.65
CA LEU A 449 -26.22 -16.16 -9.26
C LEU A 449 -27.12 -16.97 -10.20
N THR A 450 -26.73 -18.21 -10.44
CA THR A 450 -27.62 -19.15 -11.06
C THR A 450 -28.65 -19.62 -10.03
N PRO A 451 -29.78 -20.15 -10.48
CA PRO A 451 -30.77 -20.67 -9.51
C PRO A 451 -30.20 -21.69 -8.55
N LYS A 452 -29.33 -22.59 -9.03
CA LYS A 452 -28.73 -23.58 -8.16
C LYS A 452 -27.73 -22.96 -7.20
N GLN A 453 -27.00 -21.94 -7.64
CA GLN A 453 -26.07 -21.23 -6.76
C GLN A 453 -26.83 -20.50 -5.65
N ALA A 454 -27.91 -19.82 -5.99
CA ALA A 454 -28.74 -19.15 -4.98
C ALA A 454 -29.35 -20.16 -4.04
N GLU A 455 -29.81 -21.30 -4.56
CA GLU A 455 -30.37 -22.35 -3.71
C GLU A 455 -29.29 -22.99 -2.84
N TYR A 456 -28.06 -23.06 -3.34
CA TYR A 456 -26.97 -23.70 -2.60
C TYR A 456 -26.66 -22.95 -1.32
N ILE A 457 -26.60 -21.62 -1.39
CA ILE A 457 -26.30 -20.79 -0.22
C ILE A 457 -27.55 -20.25 0.45
N GLY A 458 -28.73 -20.63 -0.02
CA GLY A 458 -29.98 -20.27 0.64
C GLY A 458 -30.40 -18.83 0.53
N VAL A 459 -30.24 -18.22 -0.64
CA VAL A 459 -30.65 -16.84 -0.87
C VAL A 459 -31.48 -16.79 -2.15
N SER A 460 -32.26 -15.72 -2.28
CA SER A 460 -32.92 -15.44 -3.54
C SER A 460 -31.92 -14.87 -4.54
N VAL A 461 -32.19 -15.09 -5.82
CA VAL A 461 -31.29 -14.62 -6.86
C VAL A 461 -31.17 -13.09 -6.81
N GLU A 462 -32.24 -12.39 -6.44
CA GLU A 462 -32.23 -10.94 -6.39
C GLU A 462 -31.75 -10.39 -5.04
N GLY A 463 -31.50 -11.25 -4.06
CA GLY A 463 -31.10 -10.80 -2.75
C GLY A 463 -32.30 -10.67 -1.83
N PRO A 464 -32.05 -10.24 -0.57
CA PRO A 464 -30.76 -9.89 0.03
C PRO A 464 -29.82 -11.09 0.17
N PHE A 465 -28.52 -10.83 0.08
CA PHE A 465 -27.51 -11.89 -0.02
C PHE A 465 -26.85 -12.24 1.30
N LYS A 466 -27.11 -11.48 2.36
CA LYS A 466 -26.50 -11.72 3.66
C LYS A 466 -27.56 -11.67 4.75
N PRO A 467 -27.37 -12.43 5.84
CA PRO A 467 -28.24 -12.25 7.00
C PRO A 467 -28.01 -10.89 7.63
N ASP A 468 -28.98 -10.46 8.45
CA ASP A 468 -28.86 -9.16 9.09
C ASP A 468 -27.69 -9.11 10.07
N THR A 469 -27.16 -10.26 10.48
CA THR A 469 -26.01 -10.30 11.38
C THR A 469 -24.69 -10.00 10.70
N TYR A 470 -24.66 -10.00 9.36
CA TYR A 470 -23.39 -9.89 8.65
C TYR A 470 -22.76 -8.52 8.86
N ARG A 471 -21.44 -8.52 9.06
CA ARG A 471 -20.71 -7.31 9.39
C ARG A 471 -19.91 -6.72 8.22
N TYR A 472 -19.73 -7.46 7.13
CA TYR A 472 -19.00 -6.97 5.96
C TYR A 472 -17.56 -6.56 6.31
N GLY B 12 9.90 53.88 0.52
CA GLY B 12 9.41 54.29 -0.79
C GLY B 12 9.95 53.46 -1.93
N PHE B 13 9.83 52.13 -1.81
CA PHE B 13 10.33 51.22 -2.81
C PHE B 13 9.29 51.05 -3.92
N THR B 14 9.67 51.40 -5.16
CA THR B 14 8.77 51.39 -6.31
C THR B 14 9.47 50.68 -7.47
N ASP B 15 9.63 49.37 -7.36
CA ASP B 15 10.30 48.60 -8.42
C ASP B 15 9.86 47.15 -8.38
N TYR B 16 8.59 46.89 -8.69
CA TYR B 16 8.02 45.55 -8.68
C TYR B 16 6.66 45.61 -9.35
N LYS B 17 6.02 44.46 -9.47
CA LYS B 17 4.63 44.40 -9.93
C LYS B 17 4.04 43.08 -9.44
N VAL B 18 3.09 43.14 -8.53
CA VAL B 18 2.45 41.97 -7.96
C VAL B 18 0.94 42.14 -8.05
N ALA B 19 0.21 41.08 -7.69
CA ALA B 19 -1.24 41.13 -7.76
C ALA B 19 -1.82 42.05 -6.70
N ASP B 20 -1.30 41.97 -5.47
CA ASP B 20 -1.88 42.71 -4.35
C ASP B 20 -0.85 42.77 -3.23
N ILE B 21 -0.32 43.97 -2.97
CA ILE B 21 0.73 44.11 -1.96
C ILE B 21 0.20 43.93 -0.56
N THR B 22 -1.11 44.09 -0.34
CA THR B 22 -1.68 43.93 0.99
C THR B 22 -1.64 42.48 1.47
N LEU B 23 -1.28 41.53 0.61
CA LEU B 23 -1.14 40.14 1.00
C LEU B 23 0.22 39.82 1.60
N ALA B 24 1.07 40.84 1.80
CA ALA B 24 2.44 40.58 2.24
C ALA B 24 2.48 40.02 3.66
N ALA B 25 1.64 40.55 4.55
CA ALA B 25 1.64 40.06 5.93
C ALA B 25 1.25 38.59 5.99
N TRP B 26 0.26 38.19 5.18
CA TRP B 26 -0.09 36.77 5.10
C TRP B 26 1.07 35.96 4.53
N GLY B 27 1.70 36.47 3.47
CA GLY B 27 2.85 35.79 2.93
C GLY B 27 3.98 35.64 3.92
N ARG B 28 4.22 36.67 4.73
CA ARG B 28 5.26 36.61 5.75
C ARG B 28 4.97 35.51 6.76
N ARG B 29 3.70 35.37 7.16
CA ARG B 29 3.35 34.33 8.12
C ARG B 29 3.64 32.94 7.56
N GLU B 30 3.35 32.72 6.27
CA GLU B 30 3.62 31.43 5.68
C GLU B 30 5.11 31.24 5.35
N LEU B 31 5.84 32.34 5.14
CA LEU B 31 7.28 32.23 4.98
C LEU B 31 7.95 31.78 6.28
N ILE B 32 7.50 32.33 7.40
CA ILE B 32 8.05 31.95 8.70
C ILE B 32 7.81 30.46 8.97
N ILE B 33 6.62 29.98 8.60
CA ILE B 33 6.35 28.55 8.75
C ILE B 33 7.22 27.74 7.81
N ALA B 34 7.41 28.21 6.58
CA ALA B 34 8.19 27.46 5.60
C ALA B 34 9.64 27.32 6.03
N GLU B 35 10.17 28.33 6.73
CA GLU B 35 11.56 28.26 7.18
C GLU B 35 11.76 27.12 8.18
N SER B 36 10.76 26.87 9.02
CA SER B 36 10.84 25.74 9.93
C SER B 36 10.72 24.41 9.21
N GLU B 37 10.25 24.40 7.96
CA GLU B 37 10.12 23.18 7.16
C GLU B 37 11.27 22.98 6.19
N MET B 38 12.27 23.85 6.19
CA MET B 38 13.37 23.79 5.23
C MET B 38 14.71 23.88 5.94
N PRO B 39 15.09 22.82 6.68
CA PRO B 39 16.33 22.92 7.48
C PRO B 39 17.60 22.99 6.65
N ALA B 40 17.64 22.32 5.50
CA ALA B 40 18.84 22.37 4.67
C ALA B 40 19.08 23.77 4.14
N LEU B 41 18.02 24.42 3.63
CA LEU B 41 18.15 25.79 3.16
C LEU B 41 18.45 26.75 4.31
N MET B 42 17.76 26.59 5.45
CA MET B 42 18.05 27.43 6.59
C MET B 42 19.39 27.08 7.23
N GLY B 43 19.78 25.80 7.18
CA GLY B 43 21.11 25.43 7.65
C GLY B 43 22.21 26.08 6.83
N LEU B 44 21.98 26.26 5.52
CA LEU B 44 22.94 26.99 4.71
C LEU B 44 23.01 28.45 5.12
N ARG B 45 21.90 29.02 5.60
CA ARG B 45 21.95 30.38 6.14
C ARG B 45 22.92 30.47 7.32
N ARG B 46 22.75 29.58 8.30
CA ARG B 46 23.58 29.64 9.50
C ARG B 46 25.03 29.27 9.21
N LYS B 47 25.25 28.30 8.32
CA LYS B 47 26.61 27.83 8.07
C LYS B 47 27.41 28.86 7.26
N TYR B 48 26.76 29.56 6.34
CA TYR B 48 27.46 30.46 5.41
C TYR B 48 27.22 31.93 5.68
N ALA B 49 26.47 32.29 6.72
CA ALA B 49 26.10 33.69 6.91
C ALA B 49 27.31 34.58 7.10
N GLY B 50 28.33 34.06 7.80
CA GLY B 50 29.45 34.91 8.15
C GLY B 50 30.24 35.37 6.94
N GLN B 51 30.61 34.43 6.08
CA GLN B 51 31.56 34.71 5.00
C GLN B 51 30.93 35.35 3.78
N GLN B 52 29.60 35.39 3.69
CA GLN B 52 28.88 36.10 2.63
C GLN B 52 29.38 35.76 1.22
N PRO B 53 29.25 34.50 0.79
CA PRO B 53 29.87 34.10 -0.48
C PRO B 53 29.20 34.69 -1.71
N LEU B 54 27.98 35.19 -1.60
CA LEU B 54 27.28 35.84 -2.70
C LEU B 54 27.34 37.35 -2.63
N LYS B 55 28.22 37.89 -1.78
CA LYS B 55 28.43 39.33 -1.72
C LYS B 55 28.85 39.85 -3.09
N GLY B 56 28.05 40.77 -3.64
CA GLY B 56 28.26 41.31 -4.96
C GLY B 56 27.63 40.52 -6.09
N ALA B 57 27.00 39.40 -5.79
CA ALA B 57 26.30 38.63 -6.81
C ALA B 57 24.99 39.33 -7.16
N LYS B 58 24.71 39.43 -8.46
CA LYS B 58 23.48 40.03 -8.95
C LYS B 58 22.79 39.00 -9.83
N ILE B 59 21.70 38.42 -9.32
CA ILE B 59 21.12 37.19 -9.87
C ILE B 59 19.84 37.53 -10.62
N LEU B 60 19.75 37.07 -11.86
CA LEU B 60 18.49 37.03 -12.58
C LEU B 60 17.80 35.71 -12.26
N GLY B 61 16.60 35.79 -11.69
CA GLY B 61 15.90 34.58 -11.28
C GLY B 61 14.54 34.41 -11.94
N CYS B 62 14.29 33.23 -12.51
CA CYS B 62 13.03 32.93 -13.16
C CYS B 62 12.59 31.53 -12.72
N ILE B 63 11.70 31.46 -11.73
CA ILE B 63 11.16 30.20 -11.25
C ILE B 63 9.88 30.51 -10.49
N HIS B 64 8.94 29.56 -10.50
CA HIS B 64 7.64 29.67 -9.84
C HIS B 64 7.70 30.48 -8.55
N MET B 65 6.98 31.60 -8.51
CA MET B 65 7.03 32.50 -7.36
C MET B 65 6.09 32.00 -6.26
N THR B 66 6.55 30.93 -5.59
CA THR B 66 5.82 30.32 -4.50
C THR B 66 6.41 30.76 -3.16
N ILE B 67 5.78 30.30 -2.08
CA ILE B 67 6.33 30.53 -0.74
C ILE B 67 7.72 29.91 -0.65
N GLN B 68 7.88 28.72 -1.21
CA GLN B 68 9.17 28.02 -1.15
C GLN B 68 10.25 28.79 -1.90
N THR B 69 9.92 29.33 -3.07
CA THR B 69 10.87 30.18 -3.78
C THR B 69 11.20 31.43 -2.98
N GLY B 70 10.23 31.93 -2.20
CA GLY B 70 10.50 33.09 -1.36
C GLY B 70 11.61 32.83 -0.36
N VAL B 71 11.61 31.64 0.25
CA VAL B 71 12.68 31.30 1.18
C VAL B 71 14.00 31.14 0.44
N LEU B 72 13.96 30.59 -0.78
CA LEU B 72 15.18 30.50 -1.58
C LEU B 72 15.73 31.88 -1.89
N ILE B 73 14.87 32.81 -2.31
CA ILE B 73 15.29 34.17 -2.62
C ILE B 73 15.95 34.82 -1.42
N GLU B 74 15.27 34.78 -0.27
CA GLU B 74 15.81 35.40 0.94
C GLU B 74 17.08 34.74 1.44
N THR B 75 17.28 33.45 1.14
CA THR B 75 18.54 32.81 1.50
C THR B 75 19.68 33.36 0.65
N LEU B 76 19.46 33.52 -0.66
CA LEU B 76 20.48 34.09 -1.52
C LEU B 76 20.80 35.52 -1.10
N VAL B 77 19.78 36.30 -0.74
CA VAL B 77 20.00 37.68 -0.33
C VAL B 77 20.73 37.74 1.00
N ALA B 78 20.38 36.84 1.94
CA ALA B 78 21.02 36.83 3.24
C ALA B 78 22.51 36.52 3.15
N LEU B 79 22.95 35.87 2.07
CA LEU B 79 24.36 35.57 1.87
C LEU B 79 25.08 36.64 1.05
N GLY B 80 24.41 37.74 0.72
CA GLY B 80 25.05 38.88 0.07
C GLY B 80 24.57 39.19 -1.33
N ALA B 81 23.70 38.37 -1.92
CA ALA B 81 23.33 38.56 -3.31
C ALA B 81 22.17 39.53 -3.47
N GLU B 82 22.18 40.24 -4.59
CA GLU B 82 21.01 40.96 -5.08
C GLU B 82 20.33 40.11 -6.14
N VAL B 83 19.00 40.14 -6.17
CA VAL B 83 18.24 39.40 -7.16
C VAL B 83 17.14 40.29 -7.71
N ARG B 84 16.67 39.92 -8.91
CA ARG B 84 15.48 40.51 -9.51
C ARG B 84 14.72 39.35 -10.17
N TRP B 85 13.47 39.15 -9.75
CA TRP B 85 12.81 37.86 -9.87
C TRP B 85 11.53 37.93 -10.69
N SER B 86 11.23 36.82 -11.36
CA SER B 86 9.96 36.59 -12.02
C SER B 86 9.66 35.11 -11.97
N SER B 87 8.42 34.74 -12.28
CA SER B 87 8.04 33.35 -12.32
C SER B 87 8.26 32.78 -13.72
N CYS B 88 8.42 31.46 -13.78
CA CYS B 88 8.59 30.75 -15.04
C CYS B 88 7.31 30.09 -15.54
N ASN B 89 6.18 30.38 -14.89
CA ASN B 89 4.89 29.86 -15.34
C ASN B 89 3.81 30.88 -15.00
N ILE B 90 2.79 30.95 -15.85
CA ILE B 90 1.76 31.97 -15.70
C ILE B 90 0.82 31.69 -14.55
N PHE B 91 0.74 30.43 -14.09
CA PHE B 91 -0.22 30.03 -13.07
C PHE B 91 0.41 29.63 -11.75
N SER B 92 1.75 29.65 -11.65
CA SER B 92 2.41 29.03 -10.51
C SER B 92 2.64 29.98 -9.34
N THR B 93 2.52 31.29 -9.56
CA THR B 93 2.78 32.25 -8.49
C THR B 93 1.75 32.15 -7.38
N GLN B 94 2.24 32.17 -6.14
CA GLN B 94 1.39 32.41 -4.98
C GLN B 94 1.43 33.90 -4.68
N ASP B 95 0.28 34.56 -4.79
CA ASP B 95 0.25 36.02 -4.75
C ASP B 95 0.71 36.58 -3.41
N GLN B 96 0.49 35.84 -2.31
CA GLN B 96 0.98 36.33 -1.03
C GLN B 96 2.49 36.18 -0.91
N ALA B 97 3.06 35.19 -1.60
CA ALA B 97 4.52 35.06 -1.62
C ALA B 97 5.15 36.20 -2.40
N ALA B 98 4.61 36.50 -3.59
CA ALA B 98 5.12 37.61 -4.37
C ALA B 98 4.96 38.93 -3.63
N ALA B 99 3.87 39.09 -2.89
CA ALA B 99 3.66 40.31 -2.13
C ALA B 99 4.67 40.45 -1.00
N ALA B 100 4.93 39.36 -0.29
CA ALA B 100 5.90 39.40 0.81
C ALA B 100 7.30 39.70 0.29
N ILE B 101 7.65 39.15 -0.87
CA ILE B 101 8.97 39.40 -1.44
C ILE B 101 9.13 40.86 -1.84
N ALA B 102 8.11 41.42 -2.49
CA ALA B 102 8.16 42.82 -2.87
C ALA B 102 8.22 43.74 -1.66
N ALA B 103 7.49 43.38 -0.60
CA ALA B 103 7.48 44.20 0.62
C ALA B 103 8.84 44.22 1.30
N ALA B 104 9.70 43.23 1.04
CA ALA B 104 11.05 43.22 1.60
C ALA B 104 12.03 44.03 0.77
N GLY B 105 11.56 44.77 -0.23
CA GLY B 105 12.44 45.56 -1.07
C GLY B 105 13.15 44.81 -2.16
N ILE B 106 12.60 43.69 -2.61
CA ILE B 106 13.23 42.83 -3.60
C ILE B 106 12.45 42.94 -4.90
N PRO B 107 13.09 43.23 -6.02
CA PRO B 107 12.35 43.34 -7.30
C PRO B 107 11.77 42.00 -7.72
N VAL B 108 10.44 41.97 -7.82
CA VAL B 108 9.71 40.77 -8.21
C VAL B 108 8.55 41.18 -9.12
N PHE B 109 8.37 40.43 -10.20
CA PHE B 109 7.33 40.71 -11.21
C PHE B 109 6.59 39.40 -11.48
N ALA B 110 5.52 39.16 -10.73
CA ALA B 110 4.80 37.90 -10.87
C ALA B 110 3.42 38.01 -10.22
N TRP B 111 2.43 37.36 -10.85
CA TRP B 111 1.14 37.15 -10.24
C TRP B 111 0.50 35.91 -10.86
N LYS B 112 -0.43 35.31 -10.14
CA LYS B 112 -1.12 34.13 -10.64
C LYS B 112 -2.09 34.52 -11.74
N GLY B 113 -1.98 33.88 -12.89
CA GLY B 113 -2.91 34.12 -13.98
C GLY B 113 -2.43 35.14 -14.99
N GLU B 114 -1.14 35.12 -15.28
CA GLU B 114 -0.59 36.03 -16.27
C GLU B 114 -0.96 35.57 -17.68
N THR B 115 -0.96 36.53 -18.61
CA THR B 115 -1.02 36.20 -20.02
C THR B 115 0.40 36.03 -20.56
N GLU B 116 0.47 35.59 -21.82
CA GLU B 116 1.78 35.41 -22.44
C GLU B 116 2.52 36.73 -22.56
N GLU B 117 1.82 37.80 -22.95
CA GLU B 117 2.44 39.12 -23.01
C GLU B 117 2.94 39.56 -21.65
N GLU B 118 2.13 39.36 -20.60
CA GLU B 118 2.56 39.72 -19.25
C GLU B 118 3.68 38.81 -18.76
N TYR B 119 3.67 37.54 -19.19
CA TYR B 119 4.74 36.61 -18.82
C TYR B 119 6.06 37.06 -19.39
N GLU B 120 6.17 37.09 -20.72
CA GLU B 120 7.41 37.50 -21.39
C GLU B 120 7.79 38.94 -21.08
N TRP B 121 6.89 39.73 -20.49
CA TRP B 121 7.21 41.08 -20.04
C TRP B 121 7.78 41.08 -18.63
N CYS B 122 7.28 40.20 -17.76
CA CYS B 122 7.82 40.10 -16.40
C CYS B 122 9.26 39.64 -16.42
N ILE B 123 9.58 38.67 -17.27
CA ILE B 123 10.98 38.25 -17.42
C ILE B 123 11.84 39.41 -17.90
N GLU B 124 11.27 40.27 -18.74
CA GLU B 124 12.02 41.43 -19.22
C GLU B 124 12.31 42.41 -18.07
N GLN B 125 11.32 42.64 -17.20
CA GLN B 125 11.51 43.59 -16.12
C GLN B 125 12.63 43.16 -15.19
N THR B 126 12.91 41.87 -15.12
CA THR B 126 14.10 41.40 -14.40
C THR B 126 15.36 41.72 -15.19
N ILE B 127 15.29 41.61 -16.52
CA ILE B 127 16.48 41.78 -17.35
C ILE B 127 16.88 43.24 -17.42
N LEU B 128 15.92 44.15 -17.47
CA LEU B 128 16.18 45.57 -17.66
C LEU B 128 15.93 46.34 -16.37
N LYS B 129 16.82 47.27 -16.07
CA LYS B 129 16.68 48.17 -14.93
C LYS B 129 16.81 49.60 -15.46
N ASP B 130 15.70 50.34 -15.45
CA ASP B 130 15.65 51.70 -15.98
C ASP B 130 16.06 51.75 -17.44
N GLY B 131 15.58 50.78 -18.22
CA GLY B 131 15.82 50.72 -19.65
C GLY B 131 17.20 50.27 -20.06
N GLN B 132 18.06 49.90 -19.12
CA GLN B 132 19.41 49.48 -19.39
C GLN B 132 19.64 48.07 -18.82
N PRO B 133 20.60 47.32 -19.38
CA PRO B 133 20.93 46.01 -18.82
C PRO B 133 21.40 46.12 -17.37
N TRP B 134 20.74 45.37 -16.49
CA TRP B 134 21.25 45.20 -15.14
C TRP B 134 22.62 44.53 -15.19
N ASP B 135 23.51 44.93 -14.28
CA ASP B 135 24.85 44.35 -14.24
C ASP B 135 24.81 42.96 -13.58
N ALA B 136 24.00 42.09 -14.18
CA ALA B 136 23.85 40.74 -13.69
C ALA B 136 25.10 39.92 -13.98
N ASN B 137 25.38 38.98 -13.09
CA ASN B 137 26.53 38.10 -13.22
C ASN B 137 26.19 36.64 -12.89
N MET B 138 24.93 36.35 -12.57
CA MET B 138 24.48 34.99 -12.31
C MET B 138 23.07 34.83 -12.84
N VAL B 139 22.71 33.60 -13.20
CA VAL B 139 21.39 33.27 -13.72
C VAL B 139 20.86 32.07 -12.97
N LEU B 140 19.62 32.18 -12.48
CA LEU B 140 18.89 31.08 -11.84
C LEU B 140 17.62 30.85 -12.64
N ASP B 141 17.48 29.66 -13.22
CA ASP B 141 16.42 29.40 -14.17
C ASP B 141 15.74 28.07 -13.87
N ASP B 142 14.49 27.96 -14.33
CA ASP B 142 13.69 26.75 -14.17
C ASP B 142 12.94 26.52 -15.49
N GLY B 143 13.46 25.63 -16.32
CA GLY B 143 12.87 25.37 -17.62
C GLY B 143 13.66 25.89 -18.80
N GLY B 144 14.60 26.82 -18.57
CA GLY B 144 15.45 27.30 -19.64
C GLY B 144 14.92 28.50 -20.41
N ASP B 145 13.75 29.02 -20.05
CA ASP B 145 13.18 30.14 -20.78
C ASP B 145 14.01 31.40 -20.58
N LEU B 146 14.37 31.71 -19.34
CA LEU B 146 15.22 32.87 -19.08
C LEU B 146 16.58 32.72 -19.75
N THR B 147 17.15 31.52 -19.70
CA THR B 147 18.42 31.27 -20.38
C THR B 147 18.32 31.56 -21.87
N GLU B 148 17.19 31.18 -22.48
CA GLU B 148 17.02 31.38 -23.92
C GLU B 148 16.95 32.86 -24.28
N ILE B 149 16.22 33.64 -23.48
CA ILE B 149 16.02 35.05 -23.79
C ILE B 149 17.34 35.81 -23.75
N LEU B 150 18.20 35.48 -22.78
CA LEU B 150 19.49 36.14 -22.68
C LEU B 150 20.38 35.77 -23.85
N HIS B 151 20.46 34.49 -24.19
CA HIS B 151 21.34 34.05 -25.27
C HIS B 151 20.95 34.67 -26.60
N LYS B 152 19.66 34.80 -26.88
CA LYS B 152 19.24 35.20 -28.22
C LYS B 152 19.02 36.70 -28.36
N LYS B 153 18.50 37.35 -27.32
CA LYS B 153 18.15 38.77 -27.42
C LYS B 153 19.17 39.69 -26.77
N TYR B 154 19.86 39.25 -25.71
CA TYR B 154 20.89 40.06 -25.05
C TYR B 154 22.18 39.26 -24.90
N PRO B 155 22.78 38.83 -26.01
CA PRO B 155 23.91 37.89 -25.90
C PRO B 155 25.14 38.47 -25.22
N GLN B 156 25.22 39.80 -25.10
CA GLN B 156 26.40 40.41 -24.50
C GLN B 156 26.35 40.39 -22.98
N MET B 157 25.16 40.35 -22.39
CA MET B 157 25.05 40.29 -20.93
C MET B 157 25.77 39.07 -20.36
N LEU B 158 25.85 37.99 -21.14
CA LEU B 158 26.39 36.73 -20.63
C LEU B 158 27.91 36.77 -20.46
N GLU B 159 28.59 37.79 -21.00
CA GLU B 159 30.02 37.91 -20.82
C GLU B 159 30.40 38.35 -19.42
N ARG B 160 29.44 38.82 -18.63
CA ARG B 160 29.64 39.14 -17.22
C ARG B 160 29.08 38.07 -16.29
N ILE B 161 28.40 37.07 -16.83
CA ILE B 161 27.75 36.04 -16.03
C ILE B 161 28.69 34.87 -15.85
N HIS B 162 28.88 34.44 -14.60
CA HIS B 162 29.80 33.36 -14.29
C HIS B 162 29.20 31.97 -14.46
N GLY B 163 27.89 31.86 -14.59
CA GLY B 163 27.28 30.56 -14.81
C GLY B 163 25.78 30.61 -14.66
N ILE B 164 25.14 29.51 -15.05
CA ILE B 164 23.70 29.34 -14.95
C ILE B 164 23.44 28.10 -14.09
N THR B 165 22.44 28.18 -13.23
CA THR B 165 21.98 27.05 -12.44
C THR B 165 20.55 26.71 -12.86
N GLU B 166 20.37 25.60 -13.57
CA GLU B 166 19.10 25.21 -14.14
C GLU B 166 18.40 24.19 -13.25
N GLU B 167 17.09 24.38 -13.05
CA GLU B 167 16.33 23.64 -12.06
C GLU B 167 15.81 22.29 -12.55
N THR B 168 15.29 22.22 -13.77
CA THR B 168 14.44 21.09 -14.14
C THR B 168 14.97 20.35 -15.36
N THR B 169 14.40 19.17 -15.58
CA THR B 169 14.85 18.26 -16.63
C THR B 169 14.77 18.89 -18.02
N THR B 170 13.65 19.58 -18.31
CA THR B 170 13.50 20.23 -19.60
C THR B 170 14.60 21.26 -19.83
N GLY B 171 14.93 22.05 -18.81
CA GLY B 171 15.99 23.03 -18.96
C GLY B 171 17.36 22.40 -19.12
N VAL B 172 17.60 21.30 -18.41
CA VAL B 172 18.89 20.60 -18.53
C VAL B 172 19.06 20.02 -19.93
N HIS B 173 18.00 19.38 -20.45
CA HIS B 173 18.08 18.83 -21.80
C HIS B 173 18.36 19.92 -22.82
N ARG B 174 17.71 21.09 -22.65
CA ARG B 174 17.91 22.19 -23.58
C ARG B 174 19.31 22.78 -23.48
N LEU B 175 19.88 22.80 -22.27
CA LEU B 175 21.26 23.24 -22.12
C LEU B 175 22.22 22.26 -22.77
N LEU B 176 22.00 20.95 -22.57
CA LEU B 176 22.85 19.95 -23.21
C LEU B 176 22.75 19.97 -24.73
N ASP B 177 21.65 20.49 -25.28
CA ASP B 177 21.60 20.80 -26.70
C ASP B 177 22.70 21.79 -27.06
N MET B 178 22.86 22.84 -26.25
CA MET B 178 23.84 23.86 -26.54
C MET B 178 25.25 23.41 -26.24
N LEU B 179 25.45 22.61 -25.18
CA LEU B 179 26.76 22.06 -24.90
C LEU B 179 27.22 21.16 -26.05
N LYS B 180 26.32 20.35 -26.59
CA LYS B 180 26.64 19.54 -27.76
C LYS B 180 26.86 20.40 -28.99
N ASN B 181 26.04 21.43 -29.19
CA ASN B 181 26.12 22.29 -30.36
C ASN B 181 27.10 23.44 -30.20
N GLY B 182 27.68 23.62 -29.02
CA GLY B 182 28.65 24.67 -28.83
C GLY B 182 28.07 26.06 -28.83
N THR B 183 26.84 26.23 -28.34
CA THR B 183 26.21 27.53 -28.27
C THR B 183 25.95 27.99 -26.84
N LEU B 184 26.35 27.20 -25.85
CA LEU B 184 26.21 27.58 -24.45
C LEU B 184 27.31 28.56 -24.08
N LYS B 185 26.94 29.71 -23.51
CA LYS B 185 27.88 30.81 -23.34
C LYS B 185 28.54 30.86 -21.96
N VAL B 186 28.06 30.08 -20.99
CA VAL B 186 28.67 29.97 -19.67
C VAL B 186 28.55 28.52 -19.23
N PRO B 187 29.29 28.07 -18.22
CA PRO B 187 29.04 26.73 -17.68
C PRO B 187 27.73 26.69 -16.92
N ALA B 188 27.20 25.48 -16.74
CA ALA B 188 25.93 25.29 -16.08
C ALA B 188 26.04 24.18 -15.04
N ILE B 189 25.19 24.26 -14.03
CA ILE B 189 25.03 23.20 -13.03
C ILE B 189 23.71 22.50 -13.31
N ASN B 190 23.80 21.20 -13.56
CA ASN B 190 22.61 20.36 -13.61
C ASN B 190 22.11 20.16 -12.18
N VAL B 191 21.32 21.12 -11.69
CA VAL B 191 20.75 20.99 -10.35
C VAL B 191 19.77 19.82 -10.31
N ASN B 192 19.16 19.49 -11.45
CA ASN B 192 18.12 18.46 -11.46
C ASN B 192 18.66 17.10 -11.04
N ASP B 193 19.88 16.76 -11.45
CA ASP B 193 20.38 15.41 -11.29
C ASP B 193 21.10 15.17 -9.96
N SER B 194 21.04 16.11 -9.03
CA SER B 194 21.33 15.77 -7.64
C SER B 194 20.26 14.80 -7.16
N VAL B 195 20.69 13.74 -6.46
CA VAL B 195 19.72 12.76 -5.99
C VAL B 195 18.72 13.42 -5.04
N THR B 196 19.20 14.35 -4.22
CA THR B 196 18.31 15.12 -3.35
C THR B 196 17.42 16.08 -4.14
N LYS B 197 17.49 16.07 -5.46
CA LYS B 197 16.56 16.81 -6.31
C LYS B 197 15.71 15.84 -7.12
N SER B 198 16.29 15.18 -8.13
CA SER B 198 15.50 14.36 -9.05
C SER B 198 14.72 13.28 -8.32
N LYS B 199 15.37 12.55 -7.44
CA LYS B 199 14.70 11.49 -6.69
CA LYS B 199 14.74 11.49 -6.66
C LYS B 199 13.99 12.01 -5.44
N ASN B 200 13.84 13.33 -5.31
CA ASN B 200 13.12 13.93 -4.19
C ASN B 200 12.04 14.87 -4.73
N ASP B 201 12.48 15.92 -5.42
CA ASP B 201 11.57 16.87 -6.05
C ASP B 201 10.69 16.18 -7.09
N ASN B 202 11.31 15.59 -8.12
CA ASN B 202 10.55 15.13 -9.27
C ASN B 202 9.63 13.97 -8.95
N LYS B 203 10.04 13.08 -8.03
CA LYS B 203 9.23 11.91 -7.70
C LYS B 203 8.31 12.19 -6.51
N TYR B 204 8.91 12.37 -5.33
CA TYR B 204 8.12 12.52 -4.11
C TYR B 204 7.33 13.83 -4.11
N GLY B 205 7.82 14.85 -4.82
CA GLY B 205 7.08 16.10 -4.87
C GLY B 205 5.77 15.97 -5.64
N CYS B 206 5.82 15.30 -6.79
CA CYS B 206 4.60 15.08 -7.56
C CYS B 206 3.67 14.10 -6.87
N ARG B 207 4.23 13.14 -6.12
CA ARG B 207 3.40 12.25 -5.32
C ARG B 207 2.54 13.03 -4.35
N HIS B 208 3.08 14.12 -3.79
CA HIS B 208 2.34 14.91 -2.81
C HIS B 208 1.31 15.81 -3.46
N SER B 209 1.67 16.44 -4.58
CA SER B 209 0.91 17.57 -5.09
C SER B 209 0.00 17.23 -6.28
N LEU B 210 0.18 16.08 -6.93
CA LEU B 210 -0.69 15.74 -8.05
C LEU B 210 -2.12 15.51 -7.58
N ASN B 211 -2.34 14.52 -6.72
CA ASN B 211 -3.68 14.27 -6.21
CA ASN B 211 -3.67 14.27 -6.19
C ASN B 211 -4.19 15.47 -5.42
N ASP B 212 -3.29 16.22 -4.78
CA ASP B 212 -3.67 17.45 -4.10
C ASP B 212 -4.31 18.43 -5.07
N ALA B 213 -3.66 18.66 -6.22
CA ALA B 213 -4.18 19.60 -7.20
C ALA B 213 -5.46 19.08 -7.86
N ILE B 214 -5.53 17.76 -8.09
CA ILE B 214 -6.74 17.20 -8.67
C ILE B 214 -7.92 17.35 -7.71
N LYS B 215 -7.67 17.16 -6.42
CA LYS B 215 -8.75 17.32 -5.44
C LYS B 215 -9.22 18.77 -5.36
N ARG B 216 -8.29 19.71 -5.32
CA ARG B 216 -8.68 21.12 -5.22
C ARG B 216 -9.45 21.56 -6.46
N GLY B 217 -9.10 21.04 -7.64
CA GLY B 217 -9.72 21.50 -8.86
C GLY B 217 -11.11 20.92 -9.06
N THR B 218 -11.29 19.65 -8.73
CA THR B 218 -12.51 18.93 -9.04
C THR B 218 -13.23 18.35 -7.84
N ASP B 219 -12.52 18.08 -6.73
CA ASP B 219 -13.10 17.40 -5.57
C ASP B 219 -13.65 16.02 -5.94
N HIS B 220 -13.12 15.45 -7.02
CA HIS B 220 -13.53 14.12 -7.47
C HIS B 220 -12.96 13.04 -6.56
N LEU B 221 -13.80 12.07 -6.22
CA LEU B 221 -13.29 10.84 -5.65
C LEU B 221 -12.35 10.18 -6.66
N LEU B 222 -11.20 9.73 -6.18
CA LEU B 222 -10.26 9.04 -7.05
C LEU B 222 -10.29 7.53 -6.88
N SER B 223 -10.60 7.05 -5.66
CA SER B 223 -10.65 5.62 -5.40
C SER B 223 -11.62 4.92 -6.34
N GLY B 224 -11.18 3.80 -6.91
CA GLY B 224 -12.01 3.00 -7.78
C GLY B 224 -12.03 3.41 -9.23
N LYS B 225 -11.54 4.60 -9.56
CA LYS B 225 -11.59 5.09 -10.93
C LYS B 225 -10.31 4.74 -11.67
N GLN B 226 -10.40 4.79 -13.00
CA GLN B 226 -9.31 4.38 -13.90
CA GLN B 226 -9.29 4.38 -13.87
C GLN B 226 -8.50 5.59 -14.32
N ALA B 227 -7.18 5.48 -14.26
CA ALA B 227 -6.28 6.55 -14.67
C ALA B 227 -5.27 6.01 -15.68
N LEU B 228 -4.78 6.92 -16.52
CA LEU B 228 -3.70 6.62 -17.45
C LEU B 228 -2.61 7.67 -17.27
N VAL B 229 -1.43 7.23 -16.86
CA VAL B 229 -0.29 8.12 -16.68
C VAL B 229 0.63 7.96 -17.87
N ILE B 230 0.92 9.07 -18.55
CA ILE B 230 1.80 9.06 -19.72
C ILE B 230 3.21 9.36 -19.22
N GLY B 231 4.06 8.36 -19.28
CA GLY B 231 5.44 8.52 -18.81
C GLY B 231 5.66 7.88 -17.46
N TYR B 232 6.83 7.29 -17.29
CA TYR B 232 7.21 6.68 -16.01
C TYR B 232 8.66 6.99 -15.68
N GLY B 233 9.08 8.24 -15.89
CA GLY B 233 10.35 8.72 -15.38
C GLY B 233 10.21 9.09 -13.92
N ASP B 234 10.96 10.11 -13.49
CA ASP B 234 10.87 10.55 -12.11
C ASP B 234 9.50 11.14 -11.80
N VAL B 235 9.00 12.00 -12.69
CA VAL B 235 7.69 12.61 -12.48
C VAL B 235 6.58 11.58 -12.65
N GLY B 236 6.73 10.68 -13.62
CA GLY B 236 5.72 9.65 -13.84
C GLY B 236 5.66 8.64 -12.72
N LYS B 237 6.80 8.30 -12.10
CA LYS B 237 6.80 7.40 -10.96
C LYS B 237 6.04 8.01 -9.79
N GLY B 238 6.34 9.27 -9.46
CA GLY B 238 5.63 9.93 -8.37
C GLY B 238 4.17 10.17 -8.69
N SER B 239 3.86 10.55 -9.93
CA SER B 239 2.48 10.78 -10.33
C SER B 239 1.65 9.51 -10.22
N SER B 240 2.20 8.39 -10.71
CA SER B 240 1.50 7.12 -10.60
C SER B 240 1.25 6.74 -9.15
N GLN B 241 2.24 6.97 -8.28
CA GLN B 241 2.05 6.65 -6.87
C GLN B 241 1.02 7.56 -6.22
N SER B 242 1.04 8.85 -6.57
CA SER B 242 0.05 9.78 -6.06
C SER B 242 -1.36 9.28 -6.31
N LEU B 243 -1.59 8.66 -7.47
CA LEU B 243 -2.92 8.19 -7.79
C LEU B 243 -3.19 6.81 -7.22
N ARG B 244 -2.20 5.92 -7.26
CA ARG B 244 -2.41 4.54 -6.81
C ARG B 244 -2.64 4.47 -5.30
N GLN B 245 -2.00 5.34 -4.53
CA GLN B 245 -2.21 5.37 -3.09
C GLN B 245 -3.59 5.91 -2.72
N GLU B 246 -4.24 6.62 -3.63
CA GLU B 246 -5.61 7.06 -3.45
C GLU B 246 -6.62 5.98 -3.82
N GLY B 247 -6.17 4.84 -4.33
CA GLY B 247 -7.06 3.77 -4.71
C GLY B 247 -7.43 3.72 -6.17
N MET B 248 -6.82 4.54 -7.02
CA MET B 248 -7.11 4.47 -8.44
C MET B 248 -6.52 3.21 -9.05
N ILE B 249 -7.16 2.75 -10.12
CA ILE B 249 -6.57 1.73 -10.98
C ILE B 249 -5.75 2.47 -12.03
N VAL B 250 -4.42 2.36 -11.93
CA VAL B 250 -3.51 3.19 -12.69
C VAL B 250 -2.88 2.35 -13.81
N LYS B 251 -2.99 2.84 -15.04
CA LYS B 251 -2.27 2.28 -16.18
C LYS B 251 -1.20 3.27 -16.62
N VAL B 252 -0.10 2.73 -17.16
CA VAL B 252 1.10 3.51 -17.45
C VAL B 252 1.49 3.28 -18.91
N ALA B 253 1.86 4.37 -19.58
CA ALA B 253 2.41 4.32 -20.93
C ALA B 253 3.86 4.79 -20.92
N GLU B 254 4.67 4.21 -21.80
CA GLU B 254 6.08 4.56 -21.86
C GLU B 254 6.63 4.23 -23.24
N VAL B 255 7.64 5.00 -23.65
CA VAL B 255 8.46 4.65 -24.80
C VAL B 255 9.78 4.01 -24.38
N ASP B 256 10.16 4.14 -23.10
CA ASP B 256 11.38 3.54 -22.59
C ASP B 256 11.06 2.16 -22.00
N PRO B 257 11.63 1.07 -22.53
CA PRO B 257 11.30 -0.25 -21.99
C PRO B 257 11.80 -0.46 -20.58
N ILE B 258 12.90 0.20 -20.19
CA ILE B 258 13.41 0.08 -18.84
C ILE B 258 12.42 0.69 -17.85
N CYS B 259 11.94 1.90 -18.15
CA CYS B 259 10.94 2.51 -17.28
C CYS B 259 9.65 1.72 -17.28
N ALA B 260 9.31 1.09 -18.40
CA ALA B 260 8.12 0.24 -18.45
C ALA B 260 8.30 -1.00 -17.60
N MET B 261 9.53 -1.54 -17.57
N MET B 261 9.53 -1.54 -17.56
CA MET B 261 9.81 -2.70 -16.71
CA MET B 261 9.79 -2.70 -16.71
C MET B 261 9.55 -2.37 -15.25
C MET B 261 9.55 -2.37 -15.25
N GLN B 262 9.99 -1.20 -14.81
CA GLN B 262 9.77 -0.80 -13.42
C GLN B 262 8.28 -0.64 -13.12
N ALA B 263 7.52 -0.08 -14.07
CA ALA B 263 6.08 0.04 -13.89
C ALA B 263 5.43 -1.32 -13.70
N CYS B 264 5.81 -2.31 -14.51
CA CYS B 264 5.29 -3.67 -14.33
C CYS B 264 5.66 -4.19 -12.95
N MET B 265 6.93 -4.10 -12.58
CA MET B 265 7.37 -4.60 -11.28
C MET B 265 6.73 -3.83 -10.13
N ASP B 266 6.42 -2.55 -10.35
CA ASP B 266 5.77 -1.74 -9.32
C ASP B 266 4.28 -2.03 -9.20
N GLY B 267 3.74 -2.91 -10.01
CA GLY B 267 2.35 -3.30 -9.92
C GLY B 267 1.38 -2.57 -10.83
N PHE B 268 1.86 -1.93 -11.88
CA PHE B 268 1.00 -1.23 -12.82
C PHE B 268 0.91 -1.99 -14.14
N GLU B 269 -0.26 -1.94 -14.76
CA GLU B 269 -0.43 -2.46 -16.10
C GLU B 269 0.11 -1.44 -17.10
N VAL B 270 0.97 -1.90 -17.99
CA VAL B 270 1.60 -1.02 -18.99
C VAL B 270 0.82 -1.17 -20.29
N VAL B 271 0.25 -0.05 -20.76
CA VAL B 271 -0.53 -0.03 -21.99
C VAL B 271 -0.04 1.13 -22.86
N SER B 272 -0.48 1.11 -24.11
CA SER B 272 -0.23 2.18 -25.06
C SER B 272 -1.55 2.79 -25.51
N PRO B 273 -1.61 4.10 -25.74
CA PRO B 273 -2.82 4.69 -26.32
C PRO B 273 -3.10 4.20 -27.74
N TYR B 274 -2.13 3.56 -28.37
CA TYR B 274 -2.24 3.12 -29.76
C TYR B 274 -2.16 1.60 -29.84
N LYS B 275 -2.88 1.05 -30.82
CA LYS B 275 -2.87 -0.38 -31.04
C LYS B 275 -1.47 -0.84 -31.40
N ASN B 276 -0.98 -1.87 -30.70
CA ASN B 276 0.38 -2.38 -30.84
C ASN B 276 1.43 -1.33 -30.56
N GLY B 277 1.05 -0.20 -29.95
CA GLY B 277 2.00 0.84 -29.64
C GLY B 277 2.43 1.70 -30.80
N ILE B 278 1.78 1.58 -31.95
CA ILE B 278 2.20 2.25 -33.17
C ILE B 278 1.31 3.48 -33.39
N ASN B 279 1.94 4.66 -33.37
CA ASN B 279 1.24 5.94 -33.47
C ASN B 279 1.42 6.46 -34.89
N ASP B 280 0.49 6.07 -35.78
CA ASP B 280 0.55 6.48 -37.17
C ASP B 280 -0.27 7.74 -37.45
N GLY B 281 -0.83 8.36 -36.42
CA GLY B 281 -1.56 9.60 -36.57
C GLY B 281 -3.02 9.48 -36.93
N THR B 282 -3.53 8.27 -37.09
CA THR B 282 -4.91 8.04 -37.49
C THR B 282 -5.77 7.75 -36.27
N GLU B 283 -7.09 7.97 -36.43
CA GLU B 283 -8.03 7.57 -35.40
C GLU B 283 -8.08 6.06 -35.25
N ALA B 284 -7.87 5.33 -36.34
CA ALA B 284 -7.90 3.88 -36.29
C ALA B 284 -6.78 3.32 -35.41
N SER B 285 -5.70 4.06 -35.23
CA SER B 285 -4.63 3.62 -34.35
C SER B 285 -5.02 3.66 -32.89
N ILE B 286 -6.04 4.45 -32.53
CA ILE B 286 -6.40 4.63 -31.14
C ILE B 286 -7.07 3.37 -30.61
N ASP B 287 -6.60 2.90 -29.44
CA ASP B 287 -7.29 1.86 -28.69
C ASP B 287 -8.54 2.48 -28.08
N ALA B 288 -9.65 2.46 -28.82
CA ALA B 288 -10.87 3.09 -28.35
C ALA B 288 -11.41 2.41 -27.09
N ALA B 289 -11.23 1.08 -26.99
CA ALA B 289 -11.72 0.38 -25.80
C ALA B 289 -10.97 0.82 -24.55
N LEU B 290 -9.65 1.00 -24.66
CA LEU B 290 -8.87 1.47 -23.52
C LEU B 290 -9.24 2.90 -23.15
N LEU B 291 -9.13 3.82 -24.11
CA LEU B 291 -9.43 5.23 -23.84
C LEU B 291 -10.86 5.42 -23.32
N GLY B 292 -11.79 4.57 -23.76
CA GLY B 292 -13.17 4.68 -23.29
C GLY B 292 -13.37 4.31 -21.83
N LYS B 293 -12.35 3.78 -21.16
CA LYS B 293 -12.44 3.43 -19.75
C LYS B 293 -11.72 4.41 -18.83
N ILE B 294 -10.97 5.36 -19.38
CA ILE B 294 -10.08 6.20 -18.60
C ILE B 294 -10.84 7.38 -18.03
N ASP B 295 -10.82 7.53 -16.70
CA ASP B 295 -11.43 8.66 -16.01
C ASP B 295 -10.48 9.84 -15.85
N LEU B 296 -9.17 9.61 -15.98
CA LEU B 296 -8.18 10.64 -15.69
C LEU B 296 -6.90 10.31 -16.44
N ILE B 297 -6.38 11.30 -17.18
CA ILE B 297 -5.12 11.14 -17.89
C ILE B 297 -4.17 12.24 -17.45
N VAL B 298 -2.92 11.87 -17.17
CA VAL B 298 -1.89 12.78 -16.70
C VAL B 298 -0.66 12.59 -17.56
N THR B 299 -0.12 13.68 -18.11
CA THR B 299 1.07 13.63 -18.96
C THR B 299 2.28 14.06 -18.13
N THR B 300 3.36 13.28 -18.21
CA THR B 300 4.53 13.48 -17.37
C THR B 300 5.84 13.39 -18.15
N THR B 301 5.82 13.62 -19.46
CA THR B 301 6.91 13.20 -20.33
C THR B 301 7.97 14.25 -20.58
N GLY B 302 7.62 15.54 -20.54
CA GLY B 302 8.52 16.52 -21.11
C GLY B 302 8.64 16.46 -22.61
N ASN B 303 7.82 15.63 -23.26
CA ASN B 303 7.81 15.47 -24.70
C ASN B 303 6.66 16.28 -25.29
N VAL B 304 6.48 16.18 -26.60
CA VAL B 304 5.49 16.97 -27.32
C VAL B 304 4.34 16.05 -27.77
N ASN B 305 3.11 16.51 -27.52
CA ASN B 305 1.91 15.90 -28.09
C ASN B 305 1.75 14.44 -27.68
N VAL B 306 1.85 14.19 -26.37
CA VAL B 306 1.68 12.83 -25.86
C VAL B 306 0.26 12.52 -25.47
N CYS B 307 -0.62 13.53 -25.43
CA CYS B 307 -2.06 13.36 -25.32
C CYS B 307 -2.65 14.12 -26.51
N ASP B 308 -2.77 13.43 -27.65
CA ASP B 308 -3.04 14.08 -28.91
C ASP B 308 -4.55 14.27 -29.13
N ALA B 309 -4.89 14.84 -30.29
CA ALA B 309 -6.28 15.13 -30.59
C ALA B 309 -7.12 13.86 -30.71
N ASN B 310 -6.57 12.83 -31.33
CA ASN B 310 -7.32 11.58 -31.48
C ASN B 310 -7.54 10.91 -30.13
N MET B 311 -6.57 11.00 -29.22
CA MET B 311 -6.79 10.50 -27.87
C MET B 311 -7.88 11.30 -27.16
N LEU B 312 -7.87 12.63 -27.32
CA LEU B 312 -8.86 13.46 -26.67
C LEU B 312 -10.27 13.20 -27.19
N LYS B 313 -10.39 12.86 -28.48
CA LYS B 313 -11.69 12.50 -29.02
C LYS B 313 -12.19 11.18 -28.45
N ALA B 314 -11.27 10.26 -28.14
CA ALA B 314 -11.64 8.92 -27.71
C ALA B 314 -11.79 8.78 -26.20
N LEU B 315 -11.43 9.81 -25.44
CA LEU B 315 -11.50 9.73 -23.98
C LEU B 315 -12.94 9.50 -23.52
N LYS B 316 -13.07 8.79 -22.42
CA LYS B 316 -14.36 8.62 -21.76
C LYS B 316 -14.96 9.98 -21.43
N LYS B 317 -16.28 10.09 -21.60
CA LYS B 317 -16.97 11.34 -21.27
C LYS B 317 -16.71 11.72 -19.82
N ARG B 318 -16.51 13.02 -19.61
CA ARG B 318 -16.29 13.59 -18.28
C ARG B 318 -14.96 13.15 -17.66
N ALA B 319 -14.01 12.70 -18.46
CA ALA B 319 -12.68 12.41 -17.95
C ALA B 319 -11.93 13.71 -17.67
N VAL B 320 -11.01 13.65 -16.70
CA VAL B 320 -10.18 14.79 -16.35
C VAL B 320 -8.86 14.69 -17.11
N VAL B 321 -8.42 15.82 -17.66
CA VAL B 321 -7.18 15.90 -18.44
C VAL B 321 -6.29 16.94 -17.78
N CYS B 322 -5.03 16.57 -17.53
CA CYS B 322 -4.10 17.52 -16.92
C CYS B 322 -2.68 17.15 -17.28
N ASN B 323 -1.79 18.13 -17.13
CA ASN B 323 -0.37 17.96 -17.43
C ASN B 323 0.45 18.40 -16.22
N ILE B 324 1.43 17.58 -15.85
CA ILE B 324 2.38 17.92 -14.79
C ILE B 324 3.80 18.06 -15.32
N GLY B 325 4.00 17.87 -16.63
CA GLY B 325 5.25 18.24 -17.25
C GLY B 325 5.37 19.75 -17.38
N HIS B 326 6.59 20.19 -17.72
CA HIS B 326 6.92 21.61 -17.62
C HIS B 326 6.13 22.45 -18.61
N PHE B 327 5.89 21.95 -19.81
CA PHE B 327 5.25 22.71 -20.87
C PHE B 327 3.88 22.14 -21.20
N ASP B 328 2.98 23.04 -21.62
CA ASP B 328 1.60 22.69 -21.90
C ASP B 328 1.41 21.98 -23.23
N ASN B 329 2.46 21.84 -24.05
CA ASN B 329 2.31 21.19 -25.33
C ASN B 329 2.31 19.66 -25.23
N GLU B 330 2.38 19.10 -24.02
CA GLU B 330 2.19 17.66 -23.88
C GLU B 330 0.79 17.26 -24.30
N ILE B 331 -0.20 18.11 -24.05
CA ILE B 331 -1.57 17.92 -24.47
C ILE B 331 -1.85 18.84 -25.65
N ASP B 332 -2.57 18.35 -26.65
CA ASP B 332 -2.95 19.14 -27.81
C ASP B 332 -4.11 20.06 -27.44
N THR B 333 -3.80 21.05 -26.60
CA THR B 333 -4.81 22.02 -26.21
C THR B 333 -5.16 22.96 -27.37
N ALA B 334 -4.22 23.15 -28.30
CA ALA B 334 -4.50 23.98 -29.47
C ALA B 334 -5.65 23.42 -30.27
N PHE B 335 -5.69 22.09 -30.43
CA PHE B 335 -6.83 21.47 -31.11
C PHE B 335 -8.13 21.73 -30.38
N MET B 336 -8.10 21.70 -29.04
CA MET B 336 -9.34 21.87 -28.29
C MET B 336 -9.82 23.32 -28.30
N ARG B 337 -8.89 24.28 -28.37
CA ARG B 337 -9.30 25.68 -28.50
C ARG B 337 -10.01 25.91 -29.84
N LYS B 338 -9.52 25.30 -30.90
CA LYS B 338 -10.03 25.60 -32.23
C LYS B 338 -11.37 24.95 -32.51
N ASN B 339 -11.66 23.82 -31.85
CA ASN B 339 -12.81 23.01 -32.23
C ASN B 339 -13.87 22.88 -31.15
N TRP B 340 -13.52 23.02 -29.88
CA TRP B 340 -14.47 22.75 -28.80
C TRP B 340 -14.69 23.99 -27.94
N ALA B 341 -15.87 24.06 -27.33
CA ALA B 341 -16.26 25.19 -26.51
C ALA B 341 -15.78 25.01 -25.08
N TRP B 342 -15.11 26.04 -24.55
CA TRP B 342 -14.58 26.02 -23.21
C TRP B 342 -15.53 26.72 -22.26
N GLU B 343 -15.92 26.04 -21.19
CA GLU B 343 -16.74 26.61 -20.12
C GLU B 343 -15.91 26.65 -18.85
N GLU B 344 -15.68 27.84 -18.33
CA GLU B 344 -14.93 27.98 -17.09
C GLU B 344 -15.80 27.57 -15.90
N VAL B 345 -15.39 26.51 -15.21
CA VAL B 345 -16.02 26.16 -13.94
C VAL B 345 -15.56 27.14 -12.87
N LYS B 346 -14.26 27.28 -12.72
CA LYS B 346 -13.63 28.24 -11.83
C LYS B 346 -12.22 28.48 -12.35
N PRO B 347 -11.47 29.44 -11.78
CA PRO B 347 -10.11 29.67 -12.27
C PRO B 347 -9.30 28.39 -12.37
N GLN B 348 -8.69 28.18 -13.53
CA GLN B 348 -7.86 27.01 -13.86
C GLN B 348 -8.66 25.71 -13.89
N VAL B 349 -9.97 25.78 -14.12
CA VAL B 349 -10.80 24.59 -14.27
C VAL B 349 -11.80 24.85 -15.39
N HIS B 350 -11.69 24.10 -16.49
CA HIS B 350 -12.53 24.31 -17.66
C HIS B 350 -13.19 23.00 -18.09
N LYS B 351 -14.47 23.10 -18.44
CA LYS B 351 -15.16 22.03 -19.14
C LYS B 351 -15.02 22.24 -20.64
N ILE B 352 -14.56 21.21 -21.34
CA ILE B 352 -14.34 21.27 -22.78
C ILE B 352 -15.45 20.47 -23.45
N HIS B 353 -16.40 21.17 -24.07
CA HIS B 353 -17.57 20.53 -24.67
C HIS B 353 -17.23 20.06 -26.08
N ARG B 354 -17.27 18.74 -26.28
CA ARG B 354 -16.91 18.13 -27.55
C ARG B 354 -18.04 18.16 -28.58
N THR B 355 -19.14 18.84 -28.28
CA THR B 355 -20.23 18.97 -29.23
C THR B 355 -20.00 20.04 -30.29
N GLY B 356 -19.02 20.90 -30.10
CA GLY B 356 -18.76 21.98 -31.03
C GLY B 356 -18.22 23.18 -30.30
N LYS B 357 -17.99 24.26 -31.05
CA LYS B 357 -17.38 25.49 -30.50
C LYS B 357 -18.40 26.65 -30.45
N ASP B 358 -19.46 26.59 -31.27
CA ASP B 358 -20.44 27.66 -31.27
C ASP B 358 -21.39 27.48 -30.09
N GLY B 359 -20.89 27.84 -28.91
CA GLY B 359 -21.67 27.73 -27.70
C GLY B 359 -21.75 26.28 -27.23
N PHE B 360 -22.48 26.10 -26.13
CA PHE B 360 -22.61 24.78 -25.51
C PHE B 360 -23.90 24.70 -24.72
N ASP B 361 -24.41 23.48 -24.58
CA ASP B 361 -25.50 23.20 -23.65
C ASP B 361 -24.92 23.07 -22.25
N ALA B 362 -25.47 23.83 -21.30
CA ALA B 362 -24.97 23.79 -19.93
C ALA B 362 -25.11 22.42 -19.29
N HIS B 363 -26.05 21.61 -19.79
CA HIS B 363 -26.25 20.26 -19.27
C HIS B 363 -25.73 19.19 -20.23
N ASN B 364 -24.86 19.57 -21.17
CA ASN B 364 -24.21 18.59 -22.02
C ASN B 364 -23.41 17.61 -21.17
N ASP B 365 -23.52 16.32 -21.52
CA ASP B 365 -22.81 15.27 -20.80
C ASP B 365 -21.49 14.89 -21.47
N ASP B 366 -21.26 15.31 -22.71
CA ASP B 366 -20.06 14.94 -23.45
C ASP B 366 -19.05 16.09 -23.36
N TYR B 367 -18.32 16.10 -22.24
CA TYR B 367 -17.28 17.10 -22.04
C TYR B 367 -16.09 16.44 -21.35
N LEU B 368 -14.97 17.16 -21.36
CA LEU B 368 -13.78 16.81 -20.60
C LEU B 368 -13.45 17.96 -19.66
N ILE B 369 -12.82 17.65 -18.54
CA ILE B 369 -12.42 18.66 -17.56
C ILE B 369 -10.90 18.83 -17.67
N LEU B 370 -10.48 20.01 -18.10
CA LEU B 370 -9.07 20.34 -18.24
C LEU B 370 -8.64 21.21 -17.06
N LEU B 371 -7.50 20.88 -16.47
CA LEU B 371 -6.98 21.58 -15.32
C LEU B 371 -5.83 22.49 -15.74
N ALA B 372 -5.88 23.74 -15.27
CA ALA B 372 -4.80 24.72 -15.48
C ALA B 372 -4.52 24.98 -16.95
N GLU B 373 -5.52 24.77 -17.80
CA GLU B 373 -5.40 24.99 -19.25
C GLU B 373 -4.19 24.26 -19.84
N GLY B 374 -3.86 23.11 -19.26
CA GLY B 374 -2.74 22.32 -19.74
C GLY B 374 -1.40 22.65 -19.12
N ARG B 375 -1.29 23.72 -18.35
CA ARG B 375 -0.04 24.06 -17.69
C ARG B 375 0.19 23.13 -16.49
N LEU B 376 1.38 23.26 -15.89
CA LEU B 376 1.78 22.49 -14.71
C LEU B 376 0.66 22.42 -13.68
N VAL B 377 0.10 21.22 -13.48
CA VAL B 377 -1.16 21.11 -12.77
C VAL B 377 -0.95 21.26 -11.26
N ASN B 378 0.16 20.75 -10.73
CA ASN B 378 0.37 20.81 -9.29
C ASN B 378 0.55 22.24 -8.81
N LEU B 379 1.24 23.07 -9.59
CA LEU B 379 1.40 24.48 -9.23
C LEU B 379 0.23 25.33 -9.69
N GLY B 380 -0.49 24.89 -10.73
CA GLY B 380 -1.59 25.66 -11.28
C GLY B 380 -2.88 25.52 -10.50
N ASN B 381 -3.19 24.32 -10.03
CA ASN B 381 -4.40 24.06 -9.28
C ASN B 381 -4.15 23.84 -7.79
N ALA B 382 -2.88 23.85 -7.36
CA ALA B 382 -2.58 23.79 -5.94
C ALA B 382 -1.39 24.69 -5.64
N THR B 383 -0.43 24.20 -4.86
CA THR B 383 0.74 25.00 -4.48
C THR B 383 2.05 24.30 -4.81
N GLY B 384 2.03 23.30 -5.69
CA GLY B 384 3.25 22.63 -6.03
C GLY B 384 3.78 21.78 -4.88
N HIS B 385 5.08 21.54 -4.91
CA HIS B 385 5.72 20.69 -3.93
C HIS B 385 5.76 21.37 -2.55
N PRO B 386 5.67 20.59 -1.47
CA PRO B 386 5.73 21.18 -0.14
C PRO B 386 7.14 21.64 0.22
N SER B 387 7.22 22.44 1.29
CA SER B 387 8.46 23.11 1.64
C SER B 387 9.57 22.11 1.95
N ARG B 388 9.26 21.05 2.68
CA ARG B 388 10.29 20.11 3.10
C ARG B 388 10.91 19.36 1.94
N ILE B 389 10.21 19.26 0.81
CA ILE B 389 10.79 18.65 -0.38
C ILE B 389 11.61 19.67 -1.17
N MET B 390 11.03 20.87 -1.38
CA MET B 390 11.77 21.93 -2.06
C MET B 390 13.00 22.36 -1.29
N ASP B 391 13.06 22.05 0.01
CA ASP B 391 14.26 22.31 0.79
C ASP B 391 15.49 21.67 0.17
N GLY B 392 15.33 20.44 -0.32
CA GLY B 392 16.45 19.78 -0.98
C GLY B 392 16.83 20.43 -2.29
N SER B 393 15.83 20.76 -3.11
CA SER B 393 16.11 21.34 -4.43
C SER B 393 16.77 22.71 -4.30
N PHE B 394 16.30 23.53 -3.37
CA PHE B 394 16.81 24.89 -3.27
C PHE B 394 18.09 24.98 -2.47
N ALA B 395 18.36 24.01 -1.57
CA ALA B 395 19.69 23.92 -0.99
C ALA B 395 20.72 23.57 -2.05
N ASN B 396 20.36 22.66 -2.97
CA ASN B 396 21.22 22.40 -4.12
C ASN B 396 21.38 23.65 -4.98
N GLN B 397 20.30 24.43 -5.11
CA GLN B 397 20.35 25.64 -5.93
C GLN B 397 21.33 26.66 -5.35
N VAL B 398 21.31 26.85 -4.03
CA VAL B 398 22.19 27.82 -3.41
C VAL B 398 23.65 27.37 -3.54
N LEU B 399 23.91 26.09 -3.27
CA LEU B 399 25.27 25.58 -3.38
C LEU B 399 25.78 25.67 -4.80
N ALA B 400 24.91 25.45 -5.79
CA ALA B 400 25.32 25.60 -7.18
C ALA B 400 25.68 27.05 -7.50
N GLN B 401 24.89 28.00 -6.99
CA GLN B 401 25.24 29.41 -7.14
C GLN B 401 26.56 29.72 -6.47
N ILE B 402 26.82 29.13 -5.30
CA ILE B 402 28.10 29.34 -4.63
C ILE B 402 29.23 28.78 -5.47
N HIS B 403 29.06 27.56 -5.99
CA HIS B 403 30.12 26.88 -6.71
C HIS B 403 30.56 27.68 -7.94
N LEU B 404 29.59 28.20 -8.70
CA LEU B 404 29.93 28.91 -9.92
C LEU B 404 30.41 30.34 -9.63
N PHE B 405 29.83 31.00 -8.63
CA PHE B 405 30.23 32.38 -8.33
C PHE B 405 31.60 32.42 -7.67
N GLU B 406 31.90 31.45 -6.80
CA GLU B 406 33.24 31.36 -6.24
C GLU B 406 34.27 30.97 -7.29
N GLN B 407 33.83 30.39 -8.40
CA GLN B 407 34.75 29.99 -9.47
C GLN B 407 34.50 30.83 -10.71
N LYS B 408 34.46 32.15 -10.51
CA LYS B 408 34.35 33.19 -11.53
C LYS B 408 34.79 32.75 -12.92
N TYR B 409 33.95 31.96 -13.61
CA TYR B 409 34.31 31.50 -14.96
C TYR B 409 34.47 32.67 -15.91
N ALA B 410 33.58 33.67 -15.82
CA ALA B 410 33.65 34.81 -16.73
C ALA B 410 34.96 35.59 -16.59
N ASP B 411 35.65 35.44 -15.47
CA ASP B 411 36.94 36.08 -15.25
C ASP B 411 38.12 35.21 -15.61
N LEU B 412 37.89 33.96 -16.05
CA LEU B 412 38.97 33.09 -16.46
C LEU B 412 39.51 33.52 -17.83
N PRO B 413 40.80 33.30 -18.08
CA PRO B 413 41.31 33.52 -19.44
C PRO B 413 40.74 32.51 -20.42
N ALA B 414 40.82 32.85 -21.70
CA ALA B 414 40.17 32.05 -22.74
C ALA B 414 40.69 30.61 -22.76
N ALA B 415 41.99 30.43 -22.57
CA ALA B 415 42.56 29.09 -22.66
C ALA B 415 42.05 28.21 -21.51
N GLU B 416 41.83 28.79 -20.35
CA GLU B 416 41.36 27.99 -19.23
C GLU B 416 39.85 27.78 -19.25
N LYS B 417 39.12 28.57 -20.05
CA LYS B 417 37.67 28.48 -20.02
C LYS B 417 37.19 27.14 -20.56
N ALA B 418 37.90 26.60 -21.55
CA ALA B 418 37.43 25.42 -22.25
C ALA B 418 37.32 24.22 -21.32
N LYS B 419 38.24 24.09 -20.35
CA LYS B 419 38.19 22.98 -19.42
C LYS B 419 37.01 23.09 -18.47
N ARG B 420 36.59 24.32 -18.13
CA ARG B 420 35.51 24.54 -17.18
C ARG B 420 34.13 24.57 -17.83
N LEU B 421 34.04 24.87 -19.12
CA LEU B 421 32.76 24.92 -19.83
C LEU B 421 32.13 23.53 -19.85
N SER B 422 31.06 23.35 -19.09
CA SER B 422 30.39 22.05 -18.97
C SER B 422 29.01 22.25 -18.39
N VAL B 423 28.21 21.20 -18.47
CA VAL B 423 26.94 21.11 -17.76
C VAL B 423 27.07 19.90 -16.84
N GLU B 424 27.63 20.12 -15.66
CA GLU B 424 27.89 19.05 -14.71
C GLU B 424 26.99 19.20 -13.50
N VAL B 425 26.87 18.11 -12.74
CA VAL B 425 26.07 18.09 -11.52
C VAL B 425 26.88 18.74 -10.41
N LEU B 426 26.46 18.53 -9.21
CA LEU B 426 27.29 18.87 -8.06
C LEU B 426 27.98 17.62 -7.54
N PRO B 427 29.14 17.75 -6.89
CA PRO B 427 29.82 16.57 -6.34
C PRO B 427 28.93 15.82 -5.37
N LYS B 428 29.14 14.51 -5.30
CA LYS B 428 28.29 13.66 -4.47
C LYS B 428 28.36 14.04 -3.00
N LYS B 429 29.50 14.59 -2.56
CA LYS B 429 29.61 15.04 -1.17
C LYS B 429 28.55 16.08 -0.84
N LEU B 430 28.37 17.09 -1.72
CA LEU B 430 27.34 18.09 -1.49
C LEU B 430 25.95 17.48 -1.50
N ASP B 431 25.71 16.56 -2.44
CA ASP B 431 24.43 15.84 -2.47
C ASP B 431 24.16 15.15 -1.14
N GLU B 432 25.20 14.51 -0.56
CA GLU B 432 25.01 13.83 0.71
C GLU B 432 24.81 14.81 1.85
N GLU B 433 25.48 15.96 1.81
CA GLU B 433 25.32 16.95 2.87
C GLU B 433 23.90 17.51 2.89
N VAL B 434 23.32 17.76 1.72
CA VAL B 434 21.91 18.13 1.65
C VAL B 434 21.06 17.01 2.22
N ALA B 435 21.39 15.76 1.89
CA ALA B 435 20.59 14.63 2.32
C ALA B 435 20.61 14.48 3.85
N LEU B 436 21.77 14.70 4.46
CA LEU B 436 21.84 14.56 5.92
C LEU B 436 20.98 15.60 6.62
N GLU B 437 20.99 16.84 6.12
CA GLU B 437 20.14 17.87 6.71
C GLU B 437 18.66 17.54 6.53
N MET B 438 18.29 17.00 5.37
CA MET B 438 16.91 16.56 5.18
C MET B 438 16.56 15.43 6.14
N VAL B 439 17.46 14.45 6.31
CA VAL B 439 17.21 13.35 7.21
C VAL B 439 17.06 13.85 8.65
N LYS B 440 17.86 14.86 9.03
CA LYS B 440 17.75 15.42 10.37
C LYS B 440 16.38 16.04 10.59
N GLY B 441 15.81 16.64 9.55
CA GLY B 441 14.50 17.26 9.67
C GLY B 441 13.42 16.27 10.06
N PHE B 442 13.57 15.01 9.64
CA PHE B 442 12.65 13.95 10.04
C PHE B 442 12.99 13.34 11.40
N GLY B 443 14.06 13.82 12.05
CA GLY B 443 14.52 13.15 13.25
C GLY B 443 15.23 11.84 12.99
N GLY B 444 15.56 11.53 11.73
CA GLY B 444 16.30 10.32 11.44
C GLY B 444 17.71 10.37 11.95
N VAL B 445 18.23 9.20 12.34
CA VAL B 445 19.56 9.07 12.91
C VAL B 445 20.39 8.20 11.97
N VAL B 446 21.39 8.79 11.34
CA VAL B 446 22.28 8.07 10.45
C VAL B 446 23.36 7.37 11.25
N THR B 447 23.67 6.13 10.90
CA THR B 447 24.68 5.35 11.60
C THR B 447 26.07 5.70 11.08
N GLN B 448 27.04 5.74 12.00
CA GLN B 448 28.42 5.98 11.64
C GLN B 448 29.15 4.65 11.44
N LEU B 449 29.86 4.51 10.32
CA LEU B 449 30.68 3.33 10.08
C LEU B 449 31.84 3.28 11.07
N THR B 450 32.19 2.07 11.50
CA THR B 450 33.44 1.90 12.21
C THR B 450 34.59 1.98 11.22
N PRO B 451 35.79 2.31 11.69
CA PRO B 451 36.96 2.24 10.79
C PRO B 451 37.11 0.86 10.15
N LYS B 452 36.77 -0.20 10.86
CA LYS B 452 36.81 -1.54 10.27
C LYS B 452 35.78 -1.68 9.16
N GLN B 453 34.58 -1.14 9.37
CA GLN B 453 33.52 -1.30 8.37
C GLN B 453 33.81 -0.47 7.13
N ALA B 454 34.35 0.74 7.30
CA ALA B 454 34.67 1.57 6.15
C ALA B 454 35.72 0.92 5.27
N GLU B 455 36.72 0.26 5.88
CA GLU B 455 37.75 -0.41 5.11
C GLU B 455 37.19 -1.62 4.36
N TYR B 456 36.26 -2.35 4.98
CA TYR B 456 35.67 -3.52 4.35
C TYR B 456 35.04 -3.15 3.01
N ILE B 457 34.20 -2.13 2.99
CA ILE B 457 33.50 -1.73 1.77
C ILE B 457 34.24 -0.62 1.02
N GLY B 458 35.36 -0.15 1.53
CA GLY B 458 36.24 0.72 0.76
C GLY B 458 35.78 2.14 0.57
N VAL B 459 35.27 2.78 1.63
CA VAL B 459 34.90 4.19 1.60
C VAL B 459 35.49 4.87 2.83
N SER B 460 35.42 6.20 2.83
CA SER B 460 35.74 6.96 4.01
C SER B 460 34.55 6.97 4.96
N VAL B 461 34.83 7.01 6.27
CA VAL B 461 33.77 7.17 7.25
C VAL B 461 32.99 8.45 6.99
N GLU B 462 33.64 9.43 6.35
CA GLU B 462 33.05 10.72 6.05
C GLU B 462 32.36 10.76 4.70
N GLY B 463 32.40 9.66 3.94
CA GLY B 463 31.81 9.63 2.61
C GLY B 463 32.78 10.18 1.57
N PRO B 464 32.38 10.16 0.29
CA PRO B 464 31.09 9.66 -0.23
C PRO B 464 30.95 8.15 -0.08
N PHE B 465 29.71 7.68 0.05
CA PHE B 465 29.44 6.27 0.32
C PHE B 465 29.12 5.46 -0.92
N LYS B 466 29.03 6.09 -2.09
CA LYS B 466 28.68 5.41 -3.32
C LYS B 466 29.57 5.90 -4.45
N PRO B 467 29.89 5.02 -5.40
CA PRO B 467 30.50 5.50 -6.64
C PRO B 467 29.53 6.36 -7.44
N ASP B 468 30.08 7.16 -8.35
CA ASP B 468 29.24 8.03 -9.16
C ASP B 468 28.29 7.25 -10.06
N THR B 469 28.58 5.97 -10.32
CA THR B 469 27.72 5.13 -11.15
C THR B 469 26.48 4.65 -10.42
N TYR B 470 26.40 4.85 -9.11
CA TYR B 470 25.28 4.32 -8.33
C TYR B 470 23.99 5.04 -8.68
N ARG B 471 22.89 4.29 -8.72
CA ARG B 471 21.61 4.81 -9.17
C ARG B 471 20.61 5.03 -8.05
N TYR B 472 20.83 4.48 -6.86
CA TYR B 472 19.91 4.58 -5.73
C TYR B 472 18.52 4.07 -6.09
N ALA C 11 23.66 -43.23 -15.72
CA ALA C 11 23.76 -44.03 -16.94
C ALA C 11 25.15 -43.93 -17.53
N GLY C 12 26.10 -44.69 -16.96
CA GLY C 12 27.48 -44.67 -17.40
C GLY C 12 28.22 -43.41 -17.02
N PHE C 13 27.51 -42.31 -16.88
CA PHE C 13 28.08 -41.01 -16.57
C PHE C 13 28.06 -40.79 -15.07
N THR C 14 29.24 -40.62 -14.48
CA THR C 14 29.38 -40.47 -13.02
C THR C 14 30.07 -39.18 -12.63
N ASP C 15 30.25 -38.24 -13.56
CA ASP C 15 31.02 -37.03 -13.31
C ASP C 15 30.15 -35.95 -12.67
N TYR C 16 29.67 -36.25 -11.47
CA TYR C 16 28.79 -35.35 -10.72
C TYR C 16 28.69 -35.85 -9.29
N LYS C 17 28.08 -35.02 -8.45
CA LYS C 17 27.67 -35.47 -7.11
C LYS C 17 26.50 -34.61 -6.67
N VAL C 18 25.34 -35.24 -6.46
CA VAL C 18 24.14 -34.58 -6.01
C VAL C 18 23.59 -35.35 -4.81
N ALA C 19 22.61 -34.75 -4.14
CA ALA C 19 22.00 -35.39 -2.99
C ALA C 19 21.22 -36.65 -3.39
N ASP C 20 20.43 -36.58 -4.46
CA ASP C 20 19.56 -37.69 -4.86
C ASP C 20 19.29 -37.54 -6.35
N ILE C 21 19.93 -38.41 -7.14
CA ILE C 21 19.78 -38.34 -8.59
C ILE C 21 18.37 -38.69 -9.03
N THR C 22 17.60 -39.38 -8.19
CA THR C 22 16.25 -39.78 -8.56
C THR C 22 15.27 -38.62 -8.58
N LEU C 23 15.70 -37.42 -8.19
CA LEU C 23 14.87 -36.23 -8.22
C LEU C 23 14.86 -35.57 -9.59
N ALA C 24 15.49 -36.20 -10.59
CA ALA C 24 15.66 -35.56 -11.88
C ALA C 24 14.32 -35.33 -12.57
N ALA C 25 13.43 -36.33 -12.54
CA ALA C 25 12.12 -36.18 -13.17
C ALA C 25 11.35 -35.03 -12.57
N TRP C 26 11.35 -34.93 -11.23
CA TRP C 26 10.72 -33.80 -10.55
C TRP C 26 11.39 -32.49 -10.96
N GLY C 27 12.72 -32.47 -10.97
CA GLY C 27 13.43 -31.28 -11.41
C GLY C 27 13.12 -30.91 -12.84
N ARG C 28 13.00 -31.91 -13.72
CA ARG C 28 12.70 -31.65 -15.13
C ARG C 28 11.32 -31.02 -15.28
N ARG C 29 10.35 -31.46 -14.47
CA ARG C 29 9.00 -30.90 -14.57
C ARG C 29 9.00 -29.42 -14.20
N GLU C 30 9.74 -29.04 -13.16
CA GLU C 30 9.81 -27.64 -12.78
C GLU C 30 10.68 -26.84 -13.74
N LEU C 31 11.67 -27.48 -14.37
CA LEU C 31 12.46 -26.79 -15.39
C LEU C 31 11.60 -26.33 -16.55
N ILE C 32 10.66 -27.18 -16.99
CA ILE C 32 9.80 -26.83 -18.12
C ILE C 32 8.91 -25.65 -17.77
N ILE C 33 8.45 -25.59 -16.51
CA ILE C 33 7.60 -24.48 -16.08
C ILE C 33 8.39 -23.18 -16.06
N ALA C 34 9.59 -23.21 -15.47
CA ALA C 34 10.40 -22.01 -15.39
C ALA C 34 10.78 -21.47 -16.77
N GLU C 35 10.92 -22.36 -17.76
CA GLU C 35 11.19 -21.91 -19.13
C GLU C 35 10.07 -21.00 -19.63
N SER C 36 8.83 -21.30 -19.27
CA SER C 36 7.71 -20.46 -19.69
C SER C 36 7.66 -19.14 -18.94
N GLU C 37 8.43 -18.99 -17.87
CA GLU C 37 8.45 -17.78 -17.07
C GLU C 37 9.64 -16.88 -17.38
N MET C 38 10.53 -17.29 -18.29
CA MET C 38 11.76 -16.55 -18.58
C MET C 38 11.82 -16.26 -20.08
N PRO C 39 11.01 -15.30 -20.56
CA PRO C 39 10.99 -15.05 -22.01
C PRO C 39 12.25 -14.41 -22.55
N ALA C 40 12.89 -13.51 -21.78
CA ALA C 40 14.09 -12.86 -22.28
C ALA C 40 15.23 -13.85 -22.43
N LEU C 41 15.38 -14.76 -21.46
CA LEU C 41 16.41 -15.78 -21.57
C LEU C 41 16.07 -16.79 -22.66
N MET C 42 14.81 -17.26 -22.69
CA MET C 42 14.39 -18.15 -23.76
C MET C 42 14.45 -17.45 -25.12
N GLY C 43 14.21 -16.15 -25.16
CA GLY C 43 14.33 -15.42 -26.41
C GLY C 43 15.76 -15.40 -26.92
N LEU C 44 16.72 -15.24 -26.01
CA LEU C 44 18.13 -15.31 -26.41
C LEU C 44 18.49 -16.71 -26.87
N ARG C 45 17.91 -17.75 -26.25
CA ARG C 45 18.20 -19.12 -26.65
C ARG C 45 17.80 -19.36 -28.09
N ARG C 46 16.63 -18.87 -28.49
CA ARG C 46 16.17 -19.05 -29.86
C ARG C 46 16.84 -18.07 -30.83
N LYS C 47 17.20 -16.88 -30.34
CA LYS C 47 17.78 -15.87 -31.22
C LYS C 47 19.15 -16.26 -31.73
N TYR C 48 19.98 -16.86 -30.87
CA TYR C 48 21.37 -17.13 -31.20
C TYR C 48 21.69 -18.60 -31.41
N ALA C 49 20.70 -19.50 -31.31
CA ALA C 49 20.97 -20.92 -31.44
C ALA C 49 21.55 -21.25 -32.82
N GLY C 50 20.96 -20.69 -33.88
CA GLY C 50 21.49 -20.88 -35.22
C GLY C 50 22.85 -20.28 -35.49
N GLN C 51 23.51 -19.72 -34.47
CA GLN C 51 24.85 -19.15 -34.64
C GLN C 51 25.88 -19.77 -33.71
N GLN C 52 25.45 -20.57 -32.73
CA GLN C 52 26.32 -21.24 -31.75
C GLN C 52 27.39 -20.29 -31.22
N PRO C 53 27.01 -19.17 -30.60
CA PRO C 53 28.01 -18.17 -30.19
C PRO C 53 28.92 -18.65 -29.08
N LEU C 54 28.54 -19.71 -28.35
CA LEU C 54 29.35 -20.24 -27.26
C LEU C 54 30.01 -21.57 -27.63
N LYS C 55 30.14 -21.87 -28.92
CA LYS C 55 30.83 -23.08 -29.34
C LYS C 55 32.32 -22.95 -29.04
N GLY C 56 32.86 -23.92 -28.31
CA GLY C 56 34.23 -23.88 -27.86
C GLY C 56 34.41 -23.30 -26.48
N ALA C 57 33.39 -22.65 -25.92
CA ALA C 57 33.46 -22.11 -24.57
C ALA C 57 33.33 -23.23 -23.55
N LYS C 58 34.20 -23.21 -22.54
CA LYS C 58 34.17 -24.15 -21.43
C LYS C 58 34.09 -23.32 -20.16
N ILE C 59 32.88 -23.22 -19.61
CA ILE C 59 32.56 -22.21 -18.60
C ILE C 59 32.53 -22.87 -17.23
N LEU C 60 33.35 -22.36 -16.31
CA LEU C 60 33.20 -22.70 -14.91
C LEU C 60 32.13 -21.79 -14.29
N GLY C 61 31.16 -22.40 -13.63
CA GLY C 61 30.06 -21.67 -13.05
C GLY C 61 29.94 -21.92 -11.56
N CYS C 62 29.70 -20.85 -10.80
CA CYS C 62 29.55 -20.93 -9.34
C CYS C 62 28.42 -19.99 -8.95
N ILE C 63 27.21 -20.52 -8.87
CA ILE C 63 26.03 -19.74 -8.50
C ILE C 63 24.94 -20.73 -8.10
N HIS C 64 24.18 -20.36 -7.06
CA HIS C 64 23.12 -21.14 -6.45
C HIS C 64 22.43 -22.09 -7.45
N MET C 65 22.52 -23.39 -7.20
CA MET C 65 21.99 -24.40 -8.12
C MET C 65 20.48 -24.53 -7.93
N THR C 66 19.77 -23.52 -8.38
CA THR C 66 18.31 -23.51 -8.37
C THR C 66 17.78 -23.91 -9.74
N ILE C 67 16.45 -24.02 -9.82
CA ILE C 67 15.79 -24.25 -11.10
C ILE C 67 16.11 -23.12 -12.07
N GLN C 68 16.18 -21.88 -11.56
CA GLN C 68 16.46 -20.72 -12.39
C GLN C 68 17.86 -20.79 -12.97
N THR C 69 18.84 -21.22 -12.15
CA THR C 69 20.20 -21.38 -12.66
C THR C 69 20.26 -22.48 -13.72
N GLY C 70 19.43 -23.52 -13.58
CA GLY C 70 19.38 -24.56 -14.59
C GLY C 70 18.97 -24.04 -15.95
N VAL C 71 18.05 -23.08 -15.98
CA VAL C 71 17.65 -22.48 -17.25
C VAL C 71 18.79 -21.67 -17.84
N LEU C 72 19.56 -20.99 -16.99
CA LEU C 72 20.76 -20.31 -17.45
C LEU C 72 21.78 -21.30 -18.00
N ILE C 73 22.00 -22.40 -17.26
CA ILE C 73 23.00 -23.39 -17.66
C ILE C 73 22.62 -24.03 -18.99
N GLU C 74 21.38 -24.51 -19.09
CA GLU C 74 20.93 -25.15 -20.33
C GLU C 74 20.86 -24.18 -21.50
N THR C 75 20.69 -22.88 -21.25
CA THR C 75 20.86 -21.90 -22.31
C THR C 75 22.31 -21.84 -22.76
N LEU C 76 23.25 -21.75 -21.81
CA LEU C 76 24.67 -21.73 -22.14
C LEU C 76 25.06 -22.95 -22.96
N VAL C 77 24.56 -24.14 -22.59
CA VAL C 77 24.85 -25.34 -23.36
C VAL C 77 24.21 -25.26 -24.74
N ALA C 78 23.01 -24.67 -24.82
CA ALA C 78 22.29 -24.61 -26.09
C ALA C 78 23.04 -23.76 -27.12
N LEU C 79 23.85 -22.80 -26.66
CA LEU C 79 24.67 -22.00 -27.55
C LEU C 79 26.03 -22.62 -27.82
N GLY C 80 26.30 -23.81 -27.29
CA GLY C 80 27.49 -24.57 -27.63
C GLY C 80 28.47 -24.79 -26.50
N ALA C 81 28.27 -24.19 -25.34
CA ALA C 81 29.27 -24.25 -24.28
C ALA C 81 29.20 -25.56 -23.50
N GLU C 82 30.36 -25.95 -22.97
CA GLU C 82 30.44 -26.97 -21.92
C GLU C 82 30.64 -26.27 -20.59
N VAL C 83 30.09 -26.85 -19.53
CA VAL C 83 30.14 -26.24 -18.21
C VAL C 83 30.44 -27.30 -17.15
N ARG C 84 31.02 -26.85 -16.04
CA ARG C 84 31.13 -27.60 -14.81
C ARG C 84 30.72 -26.67 -13.69
N TRP C 85 29.71 -27.08 -12.91
CA TRP C 85 28.99 -26.14 -12.06
C TRP C 85 29.04 -26.54 -10.60
N SER C 86 29.01 -25.52 -9.74
CA SER C 86 28.83 -25.69 -8.31
C SER C 86 28.01 -24.52 -7.79
N SER C 87 27.46 -24.68 -6.59
CA SER C 87 26.70 -23.61 -5.96
C SER C 87 27.63 -22.70 -5.17
N CYS C 88 27.23 -21.45 -4.99
CA CYS C 88 27.99 -20.50 -4.20
C CYS C 88 27.49 -20.39 -2.75
N ASN C 89 26.64 -21.32 -2.31
CA ASN C 89 26.18 -21.35 -0.94
C ASN C 89 25.85 -22.79 -0.55
N ILE C 90 26.05 -23.10 0.72
CA ILE C 90 25.85 -24.47 1.21
C ILE C 90 24.38 -24.84 1.34
N PHE C 91 23.48 -23.86 1.45
CA PHE C 91 22.07 -24.11 1.72
C PHE C 91 21.14 -23.74 0.56
N SER C 92 21.68 -23.21 -0.54
CA SER C 92 20.85 -22.60 -1.57
C SER C 92 20.48 -23.57 -2.70
N THR C 93 21.12 -24.74 -2.79
CA THR C 93 20.84 -25.66 -3.87
C THR C 93 19.47 -26.30 -3.71
N GLN C 94 18.70 -26.32 -4.79
CA GLN C 94 17.50 -27.15 -4.88
C GLN C 94 17.91 -28.51 -5.43
N ASP C 95 17.72 -29.56 -4.61
CA ASP C 95 18.26 -30.87 -4.96
C ASP C 95 17.62 -31.44 -6.23
N GLN C 96 16.35 -31.09 -6.50
CA GLN C 96 15.72 -31.57 -7.72
C GLN C 96 16.28 -30.86 -8.95
N ALA C 97 16.70 -29.59 -8.81
CA ALA C 97 17.35 -28.91 -9.92
C ALA C 97 18.72 -29.50 -10.21
N ALA C 98 19.49 -29.82 -9.16
CA ALA C 98 20.79 -30.44 -9.36
C ALA C 98 20.66 -31.82 -9.98
N ALA C 99 19.64 -32.57 -9.57
CA ALA C 99 19.45 -33.92 -10.11
C ALA C 99 19.12 -33.87 -11.60
N ALA C 100 18.26 -32.96 -12.02
CA ALA C 100 17.94 -32.83 -13.44
C ALA C 100 19.15 -32.40 -14.25
N ILE C 101 20.02 -31.57 -13.69
CA ILE C 101 21.22 -31.13 -14.40
C ILE C 101 22.20 -32.28 -14.56
N ALA C 102 22.43 -33.03 -13.48
CA ALA C 102 23.32 -34.19 -13.55
C ALA C 102 22.76 -35.27 -14.47
N ALA C 103 21.44 -35.46 -14.45
CA ALA C 103 20.82 -36.43 -15.35
C ALA C 103 20.85 -35.98 -16.80
N ALA C 104 21.04 -34.69 -17.06
CA ALA C 104 21.21 -34.20 -18.41
C ALA C 104 22.62 -34.35 -18.94
N GLY C 105 23.50 -35.00 -18.18
CA GLY C 105 24.89 -35.15 -18.60
C GLY C 105 25.77 -33.96 -18.34
N ILE C 106 25.41 -33.11 -17.39
CA ILE C 106 26.13 -31.87 -17.10
C ILE C 106 26.80 -32.03 -15.74
N PRO C 107 28.12 -31.85 -15.65
CA PRO C 107 28.82 -31.98 -14.35
C PRO C 107 28.38 -30.91 -13.37
N VAL C 108 27.80 -31.34 -12.25
CA VAL C 108 27.29 -30.43 -11.23
C VAL C 108 27.62 -31.05 -9.87
N PHE C 109 28.08 -30.21 -8.94
CA PHE C 109 28.47 -30.64 -7.60
C PHE C 109 27.85 -29.67 -6.61
N ALA C 110 26.66 -30.00 -6.13
CA ALA C 110 25.92 -29.13 -5.22
C ALA C 110 24.76 -29.88 -4.58
N TRP C 111 24.53 -29.62 -3.30
CA TRP C 111 23.39 -30.17 -2.58
C TRP C 111 23.08 -29.28 -1.39
N LYS C 112 21.84 -29.37 -0.92
CA LYS C 112 21.40 -28.54 0.20
C LYS C 112 21.94 -29.13 1.50
N GLY C 113 22.58 -28.29 2.31
CA GLY C 113 23.12 -28.73 3.58
C GLY C 113 24.57 -29.15 3.54
N GLU C 114 25.38 -28.54 2.69
CA GLU C 114 26.80 -28.85 2.65
C GLU C 114 27.50 -28.35 3.90
N THR C 115 28.54 -29.06 4.31
CA THR C 115 29.45 -28.53 5.30
C THR C 115 30.40 -27.53 4.64
N GLU C 116 31.15 -26.82 5.47
CA GLU C 116 32.13 -25.89 4.92
C GLU C 116 33.13 -26.61 4.02
N GLU C 117 33.63 -27.76 4.47
CA GLU C 117 34.65 -28.47 3.70
C GLU C 117 34.10 -28.97 2.38
N GLU C 118 32.85 -29.45 2.36
CA GLU C 118 32.25 -29.92 1.12
C GLU C 118 32.07 -28.78 0.12
N TYR C 119 31.79 -27.58 0.62
CA TYR C 119 31.65 -26.42 -0.27
C TYR C 119 32.95 -26.16 -1.02
N GLU C 120 34.06 -25.98 -0.29
CA GLU C 120 35.36 -25.80 -0.93
C GLU C 120 35.66 -26.96 -1.87
N TRP C 121 35.24 -28.17 -1.48
CA TRP C 121 35.46 -29.35 -2.33
C TRP C 121 34.67 -29.26 -3.62
N CYS C 122 33.46 -28.69 -3.57
CA CYS C 122 32.60 -28.67 -4.75
C CYS C 122 33.13 -27.73 -5.82
N ILE C 123 33.68 -26.58 -5.42
CA ILE C 123 34.27 -25.67 -6.39
C ILE C 123 35.44 -26.34 -7.10
N GLU C 124 36.25 -27.09 -6.35
CA GLU C 124 37.43 -27.72 -6.93
C GLU C 124 37.03 -28.83 -7.90
N GLN C 125 35.97 -29.57 -7.60
CA GLN C 125 35.52 -30.63 -8.50
C GLN C 125 35.12 -30.08 -9.86
N THR C 126 34.66 -28.83 -9.90
CA THR C 126 34.45 -28.17 -11.19
C THR C 126 35.78 -27.75 -11.80
N ILE C 127 36.71 -27.29 -10.97
CA ILE C 127 38.00 -26.82 -11.46
C ILE C 127 38.82 -27.97 -12.03
N LEU C 128 38.79 -29.12 -11.36
CA LEU C 128 39.59 -30.27 -11.74
C LEU C 128 38.73 -31.31 -12.45
N LYS C 129 39.28 -31.92 -13.50
CA LYS C 129 38.65 -33.05 -14.18
C LYS C 129 39.64 -34.19 -14.21
N ASP C 130 39.26 -35.31 -13.57
CA ASP C 130 40.13 -36.49 -13.46
C ASP C 130 41.46 -36.16 -12.82
N GLY C 131 41.43 -35.37 -11.74
CA GLY C 131 42.62 -35.02 -10.99
C GLY C 131 43.48 -33.91 -11.57
N GLN C 132 43.21 -33.48 -12.80
CA GLN C 132 43.98 -32.45 -13.48
C GLN C 132 43.07 -31.29 -13.84
N PRO C 133 43.63 -30.09 -14.01
CA PRO C 133 42.79 -28.92 -14.32
C PRO C 133 42.04 -29.09 -15.64
N TRP C 134 40.75 -28.78 -15.61
CA TRP C 134 39.96 -28.74 -16.82
C TRP C 134 40.43 -27.61 -17.73
N ASP C 135 40.12 -27.74 -19.02
CA ASP C 135 40.49 -26.71 -20.00
C ASP C 135 39.40 -25.63 -20.05
N ALA C 136 39.26 -24.93 -18.93
CA ALA C 136 38.29 -23.85 -18.86
C ALA C 136 38.78 -22.66 -19.65
N ASN C 137 37.83 -21.89 -20.18
CA ASN C 137 38.15 -20.63 -20.83
C ASN C 137 37.18 -19.52 -20.46
N MET C 138 36.20 -19.78 -19.58
CA MET C 138 35.21 -18.79 -19.18
C MET C 138 34.82 -19.04 -17.73
N VAL C 139 34.41 -17.98 -17.04
CA VAL C 139 34.04 -18.05 -15.63
C VAL C 139 32.75 -17.28 -15.42
N LEU C 140 31.77 -17.93 -14.80
CA LEU C 140 30.56 -17.28 -14.31
C LEU C 140 30.55 -17.43 -12.80
N ASP C 141 30.50 -16.30 -12.09
CA ASP C 141 30.68 -16.31 -10.65
C ASP C 141 29.62 -15.45 -9.98
N ASP C 142 29.27 -15.83 -8.74
CA ASP C 142 28.28 -15.10 -7.93
C ASP C 142 28.87 -14.96 -6.53
N GLY C 143 29.55 -13.82 -6.30
CA GLY C 143 30.18 -13.52 -5.03
C GLY C 143 31.69 -13.44 -5.10
N GLY C 144 32.31 -13.98 -6.14
CA GLY C 144 33.75 -13.89 -6.31
C GLY C 144 34.55 -15.00 -5.69
N ASP C 145 33.91 -15.98 -5.05
CA ASP C 145 34.64 -17.08 -4.43
C ASP C 145 35.41 -17.88 -5.48
N LEU C 146 34.74 -18.29 -6.55
CA LEU C 146 35.42 -19.01 -7.63
C LEU C 146 36.46 -18.12 -8.30
N THR C 147 36.12 -16.85 -8.53
CA THR C 147 37.07 -15.91 -9.11
C THR C 147 38.32 -15.82 -8.25
N GLU C 148 38.16 -15.73 -6.92
CA GLU C 148 39.31 -15.62 -6.04
C GLU C 148 40.10 -16.92 -5.98
N ILE C 149 39.41 -18.06 -5.97
CA ILE C 149 40.10 -19.35 -5.92
C ILE C 149 41.03 -19.50 -7.12
N LEU C 150 40.58 -19.05 -8.29
CA LEU C 150 41.42 -19.13 -9.49
C LEU C 150 42.64 -18.23 -9.36
N HIS C 151 42.45 -17.00 -8.90
CA HIS C 151 43.58 -16.09 -8.76
C HIS C 151 44.58 -16.58 -7.74
N LYS C 152 44.11 -17.25 -6.69
CA LYS C 152 44.98 -17.64 -5.58
C LYS C 152 45.58 -19.02 -5.78
N LYS C 153 44.72 -20.04 -5.96
CA LYS C 153 45.16 -21.42 -5.95
C LYS C 153 45.44 -22.00 -7.33
N TYR C 154 44.81 -21.49 -8.39
CA TYR C 154 45.05 -21.98 -9.75
C TYR C 154 45.36 -20.83 -10.71
N PRO C 155 46.39 -20.02 -10.43
CA PRO C 155 46.62 -18.83 -11.25
C PRO C 155 46.97 -19.13 -12.70
N GLN C 156 47.48 -20.34 -12.98
CA GLN C 156 47.84 -20.68 -14.35
C GLN C 156 46.60 -20.86 -15.23
N MET C 157 45.47 -21.28 -14.65
CA MET C 157 44.26 -21.44 -15.44
C MET C 157 43.78 -20.11 -16.02
N LEU C 158 43.99 -19.02 -15.30
CA LEU C 158 43.53 -17.70 -15.75
C LEU C 158 44.22 -17.26 -17.03
N GLU C 159 45.37 -17.86 -17.37
CA GLU C 159 46.04 -17.51 -18.61
C GLU C 159 45.20 -17.87 -19.84
N ARG C 160 44.34 -18.88 -19.71
CA ARG C 160 43.52 -19.36 -20.82
C ARG C 160 42.06 -18.95 -20.72
N ILE C 161 41.67 -18.20 -19.70
CA ILE C 161 40.28 -17.80 -19.48
C ILE C 161 40.06 -16.41 -20.09
N HIS C 162 38.97 -16.25 -20.82
CA HIS C 162 38.73 -15.04 -21.59
C HIS C 162 37.95 -13.97 -20.84
N GLY C 163 37.30 -14.30 -19.72
CA GLY C 163 36.58 -13.28 -18.98
C GLY C 163 35.75 -13.88 -17.86
N ILE C 164 35.30 -12.98 -16.99
CA ILE C 164 34.43 -13.31 -15.86
C ILE C 164 33.19 -12.44 -15.95
N THR C 165 32.03 -13.05 -15.72
CA THR C 165 30.77 -12.33 -15.66
C THR C 165 30.24 -12.46 -14.23
N GLU C 166 30.37 -11.39 -13.46
CA GLU C 166 30.05 -11.38 -12.03
C GLU C 166 28.63 -10.90 -11.81
N GLU C 167 27.89 -11.60 -10.96
CA GLU C 167 26.44 -11.41 -10.85
C GLU C 167 26.06 -10.36 -9.80
N THR C 168 26.71 -10.36 -8.65
CA THR C 168 26.17 -9.65 -7.49
C THR C 168 27.13 -8.57 -6.99
N THR C 169 26.59 -7.69 -6.14
CA THR C 169 27.30 -6.50 -5.71
C THR C 169 28.58 -6.84 -4.96
N THR C 170 28.51 -7.81 -4.06
CA THR C 170 29.70 -8.20 -3.29
C THR C 170 30.81 -8.69 -4.22
N GLY C 171 30.46 -9.55 -5.18
CA GLY C 171 31.45 -10.04 -6.11
C GLY C 171 32.04 -8.93 -6.98
N VAL C 172 31.22 -7.96 -7.36
CA VAL C 172 31.71 -6.85 -8.16
C VAL C 172 32.72 -6.03 -7.36
N HIS C 173 32.44 -5.79 -6.08
CA HIS C 173 33.34 -5.01 -5.24
C HIS C 173 34.73 -5.64 -5.19
N ARG C 174 34.80 -6.96 -5.08
CA ARG C 174 36.09 -7.65 -5.05
C ARG C 174 36.88 -7.42 -6.33
N LEU C 175 36.19 -7.38 -7.47
CA LEU C 175 36.86 -7.23 -8.76
C LEU C 175 37.46 -5.84 -8.89
N LEU C 176 36.72 -4.81 -8.46
CA LEU C 176 37.23 -3.45 -8.53
C LEU C 176 38.44 -3.24 -7.62
N ASP C 177 38.52 -4.01 -6.52
CA ASP C 177 39.71 -3.96 -5.67
C ASP C 177 40.90 -4.58 -6.38
N MET C 178 40.72 -5.77 -6.96
CA MET C 178 41.79 -6.41 -7.71
C MET C 178 42.22 -5.55 -8.90
N LEU C 179 41.25 -4.93 -9.58
CA LEU C 179 41.57 -4.05 -10.70
C LEU C 179 42.44 -2.89 -10.25
N LYS C 180 42.09 -2.26 -9.13
CA LYS C 180 42.91 -1.17 -8.60
C LYS C 180 44.27 -1.68 -8.13
N ASN C 181 44.33 -2.91 -7.63
CA ASN C 181 45.60 -3.51 -7.20
C ASN C 181 46.45 -3.99 -8.37
N GLY C 182 45.89 -4.11 -9.57
CA GLY C 182 46.61 -4.71 -10.67
C GLY C 182 46.73 -6.21 -10.57
N THR C 183 45.93 -6.85 -9.72
CA THR C 183 45.97 -8.29 -9.55
C THR C 183 44.88 -9.01 -10.34
N LEU C 184 43.96 -8.28 -10.96
CA LEU C 184 42.93 -8.91 -11.78
C LEU C 184 43.55 -9.37 -13.11
N LYS C 185 43.36 -10.64 -13.44
CA LYS C 185 44.05 -11.25 -14.57
C LYS C 185 43.23 -11.27 -15.86
N VAL C 186 41.90 -11.24 -15.78
CA VAL C 186 41.06 -11.29 -16.97
C VAL C 186 40.03 -10.17 -16.89
N PRO C 187 39.54 -9.67 -18.02
CA PRO C 187 38.51 -8.62 -17.97
C PRO C 187 37.20 -9.18 -17.46
N ALA C 188 36.37 -8.28 -16.96
CA ALA C 188 35.11 -8.66 -16.36
C ALA C 188 33.99 -7.76 -16.85
N ILE C 189 32.78 -8.30 -16.83
CA ILE C 189 31.56 -7.53 -17.08
C ILE C 189 30.78 -7.47 -15.79
N ASN C 190 30.49 -6.25 -15.32
CA ASN C 190 29.61 -6.04 -14.18
C ASN C 190 28.18 -6.32 -14.60
N VAL C 191 27.72 -7.56 -14.41
CA VAL C 191 26.34 -7.90 -14.73
C VAL C 191 25.40 -7.28 -13.70
N ASN C 192 25.87 -7.07 -12.47
CA ASN C 192 25.00 -6.56 -11.42
C ASN C 192 24.40 -5.21 -11.77
N ASP C 193 25.20 -4.31 -12.36
CA ASP C 193 24.79 -2.94 -12.55
C ASP C 193 24.03 -2.71 -13.85
N SER C 194 23.55 -3.76 -14.51
CA SER C 194 22.51 -3.56 -15.51
C SER C 194 21.21 -3.19 -14.80
N VAL C 195 20.48 -2.23 -15.37
CA VAL C 195 19.24 -1.79 -14.72
C VAL C 195 18.24 -2.94 -14.64
N THR C 196 18.22 -3.80 -15.66
CA THR C 196 17.39 -4.99 -15.62
C THR C 196 17.92 -6.06 -14.68
N LYS C 197 19.02 -5.79 -13.96
CA LYS C 197 19.49 -6.67 -12.91
C LYS C 197 19.39 -5.97 -11.56
N SER C 198 20.18 -4.92 -11.32
CA SER C 198 20.23 -4.31 -9.99
C SER C 198 18.86 -3.79 -9.57
N LYS C 199 18.18 -3.06 -10.45
CA LYS C 199 16.88 -2.49 -10.17
CA LYS C 199 16.88 -2.50 -10.14
C LYS C 199 15.73 -3.46 -10.43
N ASN C 200 16.02 -4.76 -10.47
CA ASN C 200 15.02 -5.79 -10.70
C ASN C 200 15.29 -6.99 -9.81
N ASP C 201 16.47 -7.61 -10.00
CA ASP C 201 16.88 -8.71 -9.13
C ASP C 201 17.02 -8.25 -7.69
N ASN C 202 17.94 -7.31 -7.44
CA ASN C 202 18.33 -6.98 -6.08
C ASN C 202 17.14 -6.45 -5.29
N LYS C 203 16.28 -5.65 -5.92
CA LYS C 203 15.17 -4.99 -5.23
C LYS C 203 13.92 -5.87 -5.25
N TYR C 204 13.35 -6.07 -6.43
CA TYR C 204 12.07 -6.77 -6.51
C TYR C 204 12.21 -8.24 -6.17
N GLY C 205 13.38 -8.84 -6.42
CA GLY C 205 13.57 -10.24 -6.03
C GLY C 205 13.47 -10.43 -4.53
N CYS C 206 14.13 -9.55 -3.77
CA CYS C 206 14.09 -9.66 -2.32
C CYS C 206 12.71 -9.32 -1.78
N ARG C 207 11.95 -8.49 -2.48
CA ARG C 207 10.58 -8.21 -2.06
C ARG C 207 9.72 -9.46 -2.14
N HIS C 208 9.93 -10.29 -3.17
CA HIS C 208 9.17 -11.52 -3.30
C HIS C 208 9.63 -12.57 -2.29
N SER C 209 10.95 -12.69 -2.10
CA SER C 209 11.51 -13.88 -1.45
C SER C 209 11.87 -13.68 0.02
N LEU C 210 11.92 -12.44 0.53
CA LEU C 210 12.30 -12.25 1.93
C LEU C 210 11.20 -12.76 2.85
N ASN C 211 9.99 -12.21 2.72
CA ASN C 211 8.87 -12.70 3.53
CA ASN C 211 8.89 -12.71 3.54
C ASN C 211 8.53 -14.14 3.19
N ASP C 212 8.85 -14.57 1.97
CA ASP C 212 8.66 -15.97 1.58
C ASP C 212 9.52 -16.88 2.45
N ALA C 213 10.79 -16.52 2.63
CA ALA C 213 11.69 -17.37 3.42
C ALA C 213 11.33 -17.35 4.89
N ILE C 214 10.85 -16.20 5.40
CA ILE C 214 10.52 -16.10 6.82
C ILE C 214 9.29 -16.93 7.14
N LYS C 215 8.31 -16.97 6.23
CA LYS C 215 7.11 -17.78 6.45
C LYS C 215 7.45 -19.27 6.42
N ARG C 216 8.29 -19.69 5.48
CA ARG C 216 8.64 -21.11 5.41
C ARG C 216 9.42 -21.57 6.64
N GLY C 217 10.28 -20.71 7.17
CA GLY C 217 11.11 -21.08 8.30
C GLY C 217 10.38 -21.06 9.63
N THR C 218 9.50 -20.08 9.82
CA THR C 218 8.85 -19.88 11.11
C THR C 218 7.33 -19.96 11.09
N ASP C 219 6.68 -19.77 9.93
CA ASP C 219 5.22 -19.61 9.86
C ASP C 219 4.71 -18.51 10.79
N HIS C 220 5.55 -17.49 11.02
CA HIS C 220 5.18 -16.40 11.92
C HIS C 220 4.30 -15.39 11.22
N LEU C 221 3.23 -14.97 11.89
CA LEU C 221 2.51 -13.78 11.46
C LEU C 221 3.46 -12.59 11.49
N LEU C 222 3.47 -11.82 10.40
CA LEU C 222 4.33 -10.66 10.32
C LEU C 222 3.59 -9.36 10.55
N SER C 223 2.29 -9.34 10.27
CA SER C 223 1.50 -8.12 10.41
C SER C 223 1.51 -7.64 11.86
N GLY C 224 1.69 -6.34 12.05
CA GLY C 224 1.63 -5.73 13.36
C GLY C 224 2.90 -5.83 14.19
N LYS C 225 3.91 -6.55 13.74
CA LYS C 225 5.14 -6.70 14.51
C LYS C 225 6.21 -5.76 13.99
N GLN C 226 7.27 -5.61 14.80
CA GLN C 226 8.30 -4.60 14.57
C GLN C 226 9.52 -5.21 13.90
N ALA C 227 10.01 -4.56 12.85
CA ALA C 227 11.16 -5.03 12.10
C ALA C 227 12.19 -3.92 11.97
N LEU C 228 13.46 -4.31 11.98
CA LEU C 228 14.57 -3.40 11.76
C LEU C 228 15.38 -3.90 10.57
N VAL C 229 15.48 -3.08 9.53
CA VAL C 229 16.23 -3.41 8.33
C VAL C 229 17.49 -2.55 8.32
N ILE C 230 18.65 -3.20 8.32
CA ILE C 230 19.92 -2.49 8.27
C ILE C 230 20.33 -2.38 6.80
N GLY C 231 20.42 -1.16 6.31
CA GLY C 231 20.73 -0.94 4.92
C GLY C 231 19.51 -0.60 4.07
N TYR C 232 19.66 0.38 3.18
CA TYR C 232 18.56 0.78 2.31
C TYR C 232 19.06 1.00 0.89
N GLY C 233 19.97 0.13 0.45
CA GLY C 233 20.33 0.02 -0.95
C GLY C 233 19.23 -0.63 -1.75
N ASP C 234 19.60 -1.25 -2.87
CA ASP C 234 18.65 -1.99 -3.67
C ASP C 234 18.04 -3.14 -2.89
N VAL C 235 18.88 -3.93 -2.21
CA VAL C 235 18.38 -5.05 -1.41
C VAL C 235 17.62 -4.54 -0.19
N GLY C 236 18.13 -3.48 0.45
CA GLY C 236 17.42 -2.92 1.59
C GLY C 236 16.07 -2.34 1.22
N LYS C 237 15.98 -1.71 0.05
CA LYS C 237 14.69 -1.19 -0.42
C LYS C 237 13.70 -2.32 -0.61
N GLY C 238 14.10 -3.37 -1.32
CA GLY C 238 13.19 -4.48 -1.58
C GLY C 238 12.84 -5.26 -0.33
N SER C 239 13.82 -5.45 0.56
CA SER C 239 13.57 -6.14 1.81
C SER C 239 12.59 -5.36 2.68
N SER C 240 12.80 -4.04 2.80
CA SER C 240 11.88 -3.23 3.60
C SER C 240 10.47 -3.27 3.03
N GLN C 241 10.33 -3.30 1.71
CA GLN C 241 9.01 -3.37 1.10
C GLN C 241 8.39 -4.75 1.32
N SER C 242 9.22 -5.80 1.29
CA SER C 242 8.71 -7.14 1.52
C SER C 242 8.06 -7.26 2.89
N LEU C 243 8.63 -6.59 3.88
CA LEU C 243 8.09 -6.62 5.24
C LEU C 243 6.97 -5.60 5.43
N ARG C 244 7.09 -4.41 4.85
CA ARG C 244 6.07 -3.40 5.03
C ARG C 244 4.76 -3.81 4.37
N GLN C 245 4.83 -4.47 3.21
CA GLN C 245 3.61 -4.88 2.52
C GLN C 245 2.86 -5.97 3.28
N GLU C 246 3.55 -6.71 4.15
CA GLU C 246 2.91 -7.68 5.03
C GLU C 246 2.30 -7.05 6.28
N GLY C 247 2.45 -5.74 6.47
CA GLY C 247 1.92 -5.10 7.65
C GLY C 247 2.89 -4.95 8.80
N MET C 248 4.18 -5.17 8.57
CA MET C 248 5.16 -4.93 9.63
C MET C 248 5.36 -3.44 9.82
N ILE C 249 5.72 -3.04 11.04
CA ILE C 249 6.17 -1.69 11.32
C ILE C 249 7.68 -1.71 11.15
N VAL C 250 8.16 -1.14 10.05
CA VAL C 250 9.53 -1.31 9.59
C VAL C 250 10.34 -0.05 9.90
N LYS C 251 11.49 -0.24 10.55
CA LYS C 251 12.46 0.81 10.77
C LYS C 251 13.72 0.51 9.97
N VAL C 252 14.37 1.56 9.47
CA VAL C 252 15.49 1.44 8.55
C VAL C 252 16.72 2.10 9.17
N ALA C 253 17.86 1.42 9.05
CA ALA C 253 19.15 1.97 9.45
C ALA C 253 20.02 2.15 8.22
N GLU C 254 20.82 3.22 8.20
CA GLU C 254 21.68 3.49 7.07
C GLU C 254 22.88 4.32 7.52
N VAL C 255 23.99 4.16 6.79
CA VAL C 255 25.14 5.04 6.93
C VAL C 255 25.18 6.06 5.79
N ASP C 256 24.48 5.80 4.68
CA ASP C 256 24.41 6.72 3.55
C ASP C 256 23.25 7.68 3.75
N PRO C 257 23.48 8.98 3.89
CA PRO C 257 22.35 9.90 4.12
C PRO C 257 21.42 10.01 2.94
N ILE C 258 21.89 9.74 1.72
CA ILE C 258 21.01 9.80 0.55
C ILE C 258 20.02 8.63 0.57
N CYS C 259 20.51 7.43 0.85
CA CYS C 259 19.62 6.29 1.01
C CYS C 259 18.70 6.49 2.20
N ALA C 260 19.21 7.08 3.27
CA ALA C 260 18.38 7.38 4.44
C ALA C 260 17.28 8.38 4.09
N MET C 261 17.59 9.33 3.21
N MET C 261 17.58 9.33 3.20
CA MET C 261 16.56 10.27 2.76
CA MET C 261 16.56 10.27 2.76
C MET C 261 15.44 9.53 2.04
C MET C 261 15.44 9.55 2.03
N GLN C 262 15.79 8.54 1.22
CA GLN C 262 14.77 7.79 0.50
C GLN C 262 13.90 6.99 1.46
N ALA C 263 14.50 6.44 2.52
CA ALA C 263 13.73 5.68 3.49
C ALA C 263 12.70 6.54 4.20
N CYS C 264 13.10 7.76 4.58
CA CYS C 264 12.14 8.71 5.15
C CYS C 264 11.01 8.99 4.17
N MET C 265 11.36 9.39 2.95
CA MET C 265 10.34 9.72 1.95
C MET C 265 9.49 8.51 1.59
N ASP C 266 10.02 7.30 1.72
CA ASP C 266 9.24 6.09 1.48
C ASP C 266 8.34 5.73 2.65
N GLY C 267 8.38 6.49 3.74
CA GLY C 267 7.49 6.27 4.85
C GLY C 267 8.02 5.42 5.99
N PHE C 268 9.33 5.35 6.16
CA PHE C 268 9.94 4.60 7.25
C PHE C 268 10.62 5.54 8.24
N GLU C 269 10.57 5.16 9.51
CA GLU C 269 11.36 5.84 10.53
C GLU C 269 12.80 5.33 10.45
N VAL C 270 13.76 6.24 10.38
CA VAL C 270 15.17 5.88 10.24
C VAL C 270 15.83 5.98 11.60
N VAL C 271 16.40 4.86 12.07
CA VAL C 271 16.98 4.76 13.40
C VAL C 271 18.36 4.10 13.29
N SER C 272 19.11 4.21 14.39
CA SER C 272 20.41 3.56 14.51
C SER C 272 20.42 2.62 15.71
N PRO C 273 21.04 1.45 15.58
CA PRO C 273 21.16 0.56 16.74
C PRO C 273 21.95 1.15 17.88
N TYR C 274 22.73 2.19 17.62
CA TYR C 274 23.59 2.80 18.62
C TYR C 274 23.10 4.21 18.93
N LYS C 275 23.21 4.60 20.19
CA LYS C 275 22.79 5.93 20.61
C LYS C 275 23.57 6.99 19.84
N ASN C 276 22.84 7.89 19.19
CA ASN C 276 23.41 8.92 18.31
C ASN C 276 24.19 8.31 17.15
N GLY C 277 23.97 7.03 16.87
CA GLY C 277 24.64 6.36 15.77
C GLY C 277 26.09 6.05 15.98
N ILE C 278 26.59 6.14 17.21
CA ILE C 278 28.01 5.98 17.51
C ILE C 278 28.24 4.56 18.02
N ASN C 279 28.98 3.76 17.26
CA ASN C 279 29.25 2.37 17.59
C ASN C 279 30.67 2.29 18.15
N ASP C 280 30.80 2.51 19.45
CA ASP C 280 32.10 2.50 20.12
C ASP C 280 32.45 1.13 20.71
N GLY C 281 31.68 0.09 20.39
CA GLY C 281 32.01 -1.24 20.84
C GLY C 281 31.57 -1.60 22.24
N THR C 282 30.85 -0.72 22.92
CA THR C 282 30.40 -0.96 24.28
C THR C 282 28.92 -1.33 24.30
N GLU C 283 28.52 -2.08 25.34
CA GLU C 283 27.11 -2.34 25.57
C GLU C 283 26.34 -1.06 25.82
N ALA C 284 26.96 -0.07 26.47
CA ALA C 284 26.29 1.20 26.74
C ALA C 284 25.93 1.95 25.47
N SER C 285 26.62 1.68 24.35
CA SER C 285 26.28 2.34 23.09
C SER C 285 25.00 1.79 22.47
N ILE C 286 24.55 0.61 22.88
CA ILE C 286 23.36 0.00 22.29
C ILE C 286 22.11 0.75 22.75
N ASP C 287 21.23 1.07 21.80
CA ASP C 287 19.90 1.59 22.12
C ASP C 287 19.05 0.41 22.59
N ALA C 288 19.23 0.05 23.86
CA ALA C 288 18.56 -1.12 24.40
C ALA C 288 17.05 -0.99 24.37
N ALA C 289 16.54 0.24 24.51
CA ALA C 289 15.11 0.45 24.39
C ALA C 289 14.60 0.13 22.99
N LEU C 290 15.36 0.55 21.96
CA LEU C 290 14.94 0.29 20.59
C LEU C 290 15.04 -1.20 20.26
N LEU C 291 16.19 -1.81 20.53
CA LEU C 291 16.39 -3.21 20.18
C LEU C 291 15.46 -4.13 20.96
N GLY C 292 15.10 -3.75 22.19
CA GLY C 292 14.18 -4.53 22.99
C GLY C 292 12.76 -4.58 22.43
N LYS C 293 12.46 -3.78 21.41
CA LYS C 293 11.14 -3.73 20.80
C LYS C 293 11.07 -4.45 19.46
N ILE C 294 12.19 -5.00 18.98
CA ILE C 294 12.29 -5.51 17.62
C ILE C 294 11.94 -7.00 17.63
N ASP C 295 10.96 -7.37 16.82
CA ASP C 295 10.58 -8.77 16.64
C ASP C 295 11.39 -9.48 15.57
N LEU C 296 12.05 -8.72 14.69
CA LEU C 296 12.69 -9.32 13.52
C LEU C 296 13.73 -8.33 12.99
N ILE C 297 14.93 -8.84 12.74
CA ILE C 297 16.03 -8.02 12.26
C ILE C 297 16.60 -8.68 10.99
N VAL C 298 16.80 -7.86 9.96
CA VAL C 298 17.27 -8.33 8.65
C VAL C 298 18.45 -7.47 8.24
N THR C 299 19.57 -8.11 7.93
CA THR C 299 20.76 -7.40 7.48
C THR C 299 20.88 -7.51 5.97
N THR C 300 21.11 -6.36 5.30
CA THR C 300 21.09 -6.29 3.85
C THR C 300 22.28 -5.50 3.30
N THR C 301 23.34 -5.31 4.07
CA THR C 301 24.35 -4.31 3.76
C THR C 301 25.49 -4.84 2.90
N GLY C 302 25.90 -6.08 3.09
CA GLY C 302 27.14 -6.54 2.51
C GLY C 302 28.32 -6.00 3.30
N ASN C 303 28.20 -6.07 4.63
CA ASN C 303 29.22 -5.59 5.55
C ASN C 303 29.37 -6.61 6.67
N VAL C 304 30.27 -6.34 7.61
CA VAL C 304 30.57 -7.26 8.70
C VAL C 304 29.99 -6.72 9.99
N ASN C 305 29.37 -7.63 10.77
CA ASN C 305 28.99 -7.37 12.15
C ASN C 305 28.08 -6.14 12.29
N VAL C 306 27.14 -5.98 11.35
CA VAL C 306 26.13 -4.94 11.48
C VAL C 306 25.00 -5.35 12.40
N CYS C 307 24.92 -6.64 12.73
CA CYS C 307 24.07 -7.16 13.80
C CYS C 307 25.02 -7.86 14.76
N ASP C 308 25.56 -7.12 15.73
CA ASP C 308 26.68 -7.60 16.52
C ASP C 308 26.22 -8.28 17.80
N ALA C 309 27.20 -8.77 18.57
CA ALA C 309 26.90 -9.57 19.76
C ALA C 309 26.05 -8.81 20.77
N ASN C 310 26.38 -7.54 21.01
CA ASN C 310 25.60 -6.76 21.98
C ASN C 310 24.19 -6.51 21.48
N MET C 311 24.00 -6.42 20.16
CA MET C 311 22.65 -6.28 19.63
C MET C 311 21.84 -7.55 19.88
N LEU C 312 22.48 -8.72 19.74
CA LEU C 312 21.79 -9.98 19.99
C LEU C 312 21.37 -10.11 21.45
N LYS C 313 22.24 -9.64 22.37
CA LYS C 313 21.88 -9.62 23.79
C LYS C 313 20.69 -8.71 24.05
N ALA C 314 20.63 -7.57 23.37
CA ALA C 314 19.61 -6.55 23.58
C ALA C 314 18.32 -6.81 22.82
N LEU C 315 18.32 -7.73 21.85
CA LEU C 315 17.12 -7.98 21.07
C LEU C 315 16.01 -8.55 21.96
N LYS C 316 14.77 -8.23 21.60
CA LYS C 316 13.60 -8.79 22.26
C LYS C 316 13.66 -10.31 22.26
N LYS C 317 13.18 -10.91 23.35
CA LYS C 317 13.14 -12.37 23.43
C LYS C 317 12.32 -12.93 22.28
N ARG C 318 12.80 -14.05 21.73
CA ARG C 318 12.13 -14.79 20.65
C ARG C 318 12.07 -13.98 19.36
N ALA C 319 12.96 -13.02 19.19
CA ALA C 319 13.07 -12.30 17.93
C ALA C 319 13.69 -13.19 16.87
N VAL C 320 13.37 -12.90 15.62
CA VAL C 320 13.92 -13.63 14.47
C VAL C 320 15.08 -12.83 13.91
N VAL C 321 16.19 -13.53 13.66
CA VAL C 321 17.41 -12.93 13.13
C VAL C 321 17.74 -13.62 11.81
N CYS C 322 17.93 -12.84 10.76
CA CYS C 322 18.30 -13.41 9.47
C CYS C 322 19.10 -12.38 8.68
N ASN C 323 19.77 -12.87 7.64
CA ASN C 323 20.60 -12.07 6.77
C ASN C 323 20.25 -12.36 5.32
N ILE C 324 20.19 -11.32 4.50
CA ILE C 324 19.93 -11.44 3.07
C ILE C 324 21.05 -10.84 2.23
N GLY C 325 22.11 -10.35 2.86
CA GLY C 325 23.34 -10.07 2.16
C GLY C 325 24.10 -11.35 1.85
N HIS C 326 25.12 -11.24 1.00
CA HIS C 326 25.73 -12.43 0.42
C HIS C 326 26.37 -13.32 1.48
N PHE C 327 27.09 -12.75 2.44
CA PHE C 327 27.86 -13.53 3.39
C PHE C 327 27.23 -13.48 4.78
N ASP C 328 27.52 -14.54 5.56
CA ASP C 328 26.92 -14.72 6.88
C ASP C 328 27.60 -13.91 7.97
N ASN C 329 28.67 -13.19 7.67
CA ASN C 329 29.37 -12.41 8.68
C ASN C 329 28.67 -11.08 8.99
N GLU C 330 27.50 -10.82 8.39
CA GLU C 330 26.74 -9.65 8.80
C GLU C 330 26.21 -9.80 10.22
N ILE C 331 25.99 -11.03 10.66
CA ILE C 331 25.56 -11.35 12.01
C ILE C 331 26.71 -12.04 12.74
N ASP C 332 26.91 -11.70 14.01
CA ASP C 332 27.97 -12.32 14.81
C ASP C 332 27.49 -13.69 15.28
N THR C 333 27.38 -14.60 14.32
CA THR C 333 27.00 -15.97 14.63
C THR C 333 28.10 -16.72 15.37
N ALA C 334 29.35 -16.27 15.24
CA ALA C 334 30.43 -16.88 16.01
C ALA C 334 30.23 -16.66 17.50
N PHE C 335 29.75 -15.47 17.88
CA PHE C 335 29.44 -15.23 19.28
C PHE C 335 28.35 -16.19 19.78
N MET C 336 27.37 -16.48 18.94
CA MET C 336 26.26 -17.30 19.40
C MET C 336 26.66 -18.77 19.47
N ARG C 337 27.51 -19.21 18.55
CA ARG C 337 28.01 -20.58 18.61
C ARG C 337 28.87 -20.81 19.84
N LYS C 338 29.57 -19.76 20.30
CA LYS C 338 30.48 -19.88 21.44
C LYS C 338 29.77 -19.83 22.78
N ASN C 339 28.68 -19.06 22.89
CA ASN C 339 28.12 -18.72 24.19
C ASN C 339 26.72 -19.26 24.45
N TRP C 340 25.95 -19.62 23.42
CA TRP C 340 24.58 -20.05 23.61
C TRP C 340 24.34 -21.42 23.00
N ALA C 341 23.36 -22.14 23.53
CA ALA C 341 23.04 -23.48 23.09
C ALA C 341 22.06 -23.45 21.93
N TRP C 342 22.33 -24.23 20.89
CA TRP C 342 21.50 -24.26 19.70
C TRP C 342 20.56 -25.46 19.76
N GLU C 343 19.27 -25.21 19.56
CA GLU C 343 18.26 -26.25 19.44
C GLU C 343 17.66 -26.19 18.04
N GLU C 344 17.86 -27.24 17.27
CA GLU C 344 17.30 -27.29 15.93
C GLU C 344 15.81 -27.55 16.00
N VAL C 345 15.01 -26.60 15.52
CA VAL C 345 13.59 -26.87 15.28
C VAL C 345 13.45 -27.76 14.06
N LYS C 346 14.07 -27.37 12.95
CA LYS C 346 14.09 -28.13 11.72
C LYS C 346 15.28 -27.65 10.90
N PRO C 347 15.59 -28.32 9.78
CA PRO C 347 16.71 -27.86 8.95
C PRO C 347 16.65 -26.36 8.67
N GLN C 348 17.78 -25.69 8.90
CA GLN C 348 17.98 -24.26 8.67
C GLN C 348 17.14 -23.39 9.62
N VAL C 349 16.66 -23.95 10.73
CA VAL C 349 15.92 -23.19 11.73
C VAL C 349 16.41 -23.65 13.11
N HIS C 350 17.06 -22.75 13.84
CA HIS C 350 17.60 -23.07 15.16
C HIS C 350 17.10 -22.05 16.17
N LYS C 351 16.65 -22.56 17.32
CA LYS C 351 16.42 -21.72 18.49
C LYS C 351 17.73 -21.59 19.24
N ILE C 352 18.15 -20.35 19.48
CA ILE C 352 19.42 -20.06 20.15
C ILE C 352 19.11 -19.55 21.55
N HIS C 353 19.31 -20.41 22.54
CA HIS C 353 18.89 -20.13 23.91
C HIS C 353 19.93 -19.24 24.59
N ARG C 354 19.53 -18.02 24.93
CA ARG C 354 20.41 -17.06 25.59
C ARG C 354 20.59 -17.35 27.08
N THR C 355 20.08 -18.47 27.58
CA THR C 355 20.17 -18.77 29.01
C THR C 355 21.49 -19.42 29.40
N GLY C 356 22.25 -19.96 28.46
CA GLY C 356 23.53 -20.52 28.79
C GLY C 356 24.04 -21.46 27.72
N LYS C 357 25.16 -22.12 28.06
CA LYS C 357 25.89 -22.99 27.15
C LYS C 357 25.48 -24.46 27.28
N ASP C 358 25.20 -24.92 28.50
CA ASP C 358 24.98 -26.34 28.79
C ASP C 358 23.50 -26.63 28.69
N GLY C 359 23.10 -27.20 27.55
CA GLY C 359 21.73 -27.55 27.34
C GLY C 359 20.77 -26.39 27.41
N PHE C 360 19.50 -26.73 27.53
CA PHE C 360 18.41 -25.78 27.52
C PHE C 360 17.18 -26.43 28.11
N ASP C 361 16.33 -25.60 28.70
CA ASP C 361 14.99 -26.06 29.05
C ASP C 361 14.17 -26.19 27.78
N ALA C 362 13.60 -27.37 27.56
CA ALA C 362 12.69 -27.55 26.43
C ALA C 362 11.54 -26.56 26.47
N HIS C 363 11.21 -26.04 27.65
CA HIS C 363 10.20 -25.01 27.82
C HIS C 363 10.82 -23.64 28.12
N ASN C 364 12.10 -23.44 27.79
CA ASN C 364 12.73 -22.15 28.00
C ASN C 364 12.08 -21.08 27.12
N ASP C 365 11.92 -19.89 27.68
CA ASP C 365 11.28 -18.79 26.97
C ASP C 365 12.26 -17.77 26.42
N ASP C 366 13.52 -17.81 26.85
CA ASP C 366 14.53 -16.82 26.44
C ASP C 366 15.40 -17.45 25.37
N TYR C 367 14.93 -17.36 24.13
CA TYR C 367 15.67 -17.85 22.97
C TYR C 367 15.47 -16.91 21.81
N LEU C 368 16.33 -17.04 20.81
CA LEU C 368 16.18 -16.37 19.53
C LEU C 368 16.11 -17.41 18.44
N ILE C 369 15.53 -17.02 17.30
CA ILE C 369 15.43 -17.90 16.14
C ILE C 369 16.33 -17.35 15.04
N LEU C 370 17.35 -18.12 14.69
CA LEU C 370 18.24 -17.78 13.59
C LEU C 370 17.86 -18.61 12.37
N LEU C 371 17.79 -17.95 11.21
CA LEU C 371 17.38 -18.59 9.96
C LEU C 371 18.59 -18.83 9.08
N ALA C 372 18.69 -20.04 8.52
CA ALA C 372 19.73 -20.43 7.59
C ALA C 372 21.13 -20.27 8.20
N GLU C 373 21.23 -20.30 9.53
CA GLU C 373 22.51 -20.15 10.22
C GLU C 373 23.26 -18.90 9.76
N GLY C 374 22.53 -17.84 9.42
CA GLY C 374 23.13 -16.61 8.97
C GLY C 374 23.37 -16.52 7.48
N ARG C 375 23.25 -17.63 6.75
CA ARG C 375 23.39 -17.61 5.30
C ARG C 375 22.18 -16.95 4.66
N LEU C 376 22.32 -16.62 3.37
CA LEU C 376 21.26 -16.01 2.56
C LEU C 376 19.91 -16.65 2.85
N VAL C 377 19.03 -15.91 3.53
CA VAL C 377 17.81 -16.52 4.05
C VAL C 377 16.83 -16.85 2.93
N ASN C 378 16.77 -16.04 1.88
CA ASN C 378 15.82 -16.31 0.80
C ASN C 378 16.18 -17.59 0.05
N LEU C 379 17.47 -17.82 -0.18
CA LEU C 379 17.90 -19.06 -0.83
C LEU C 379 18.01 -20.20 0.16
N GLY C 380 18.37 -19.92 1.41
CA GLY C 380 18.53 -20.93 2.43
C GLY C 380 17.24 -21.53 2.93
N ASN C 381 16.22 -20.69 3.15
CA ASN C 381 14.94 -21.14 3.68
C ASN C 381 13.81 -21.16 2.66
N ALA C 382 14.04 -20.62 1.45
CA ALA C 382 13.08 -20.74 0.37
C ALA C 382 13.79 -21.11 -0.92
N THR C 383 13.42 -20.47 -2.03
CA THR C 383 14.00 -20.77 -3.34
C THR C 383 14.60 -19.52 -3.99
N GLY C 384 14.83 -18.46 -3.22
CA GLY C 384 15.38 -17.26 -3.81
C GLY C 384 14.36 -16.55 -4.70
N HIS C 385 14.88 -15.87 -5.73
CA HIS C 385 14.05 -15.07 -6.61
C HIS C 385 13.25 -15.95 -7.57
N PRO C 386 12.05 -15.52 -7.94
CA PRO C 386 11.26 -16.29 -8.91
C PRO C 386 11.88 -16.23 -10.30
N SER C 387 11.42 -17.15 -11.15
CA SER C 387 12.02 -17.29 -12.48
C SER C 387 11.86 -16.03 -13.32
N ARG C 388 10.71 -15.37 -13.25
CA ARG C 388 10.46 -14.23 -14.11
C ARG C 388 11.38 -13.06 -13.79
N ILE C 389 11.83 -12.94 -12.54
CA ILE C 389 12.77 -11.88 -12.19
C ILE C 389 14.19 -12.24 -12.61
N MET C 390 14.62 -13.47 -12.29
CA MET C 390 15.95 -13.92 -12.70
C MET C 390 16.11 -13.92 -14.21
N ASP C 391 15.00 -13.88 -14.95
CA ASP C 391 15.06 -13.82 -16.42
C ASP C 391 15.88 -12.62 -16.89
N GLY C 392 15.69 -11.47 -16.25
CA GLY C 392 16.47 -10.30 -16.64
C GLY C 392 17.94 -10.45 -16.29
N SER C 393 18.23 -10.93 -15.08
CA SER C 393 19.61 -11.06 -14.63
C SER C 393 20.37 -12.06 -15.50
N PHE C 394 19.75 -13.18 -15.83
CA PHE C 394 20.45 -14.23 -16.56
C PHE C 394 20.46 -13.99 -18.06
N ALA C 395 19.53 -13.19 -18.59
CA ALA C 395 19.68 -12.73 -19.96
C ALA C 395 20.89 -11.81 -20.08
N ASN C 396 21.15 -11.01 -19.05
CA ASN C 396 22.37 -10.20 -19.03
C ASN C 396 23.61 -11.08 -18.96
N GLN C 397 23.52 -12.19 -18.22
CA GLN C 397 24.66 -13.12 -18.13
C GLN C 397 25.01 -13.68 -19.51
N VAL C 398 24.01 -14.12 -20.26
CA VAL C 398 24.26 -14.67 -21.59
C VAL C 398 24.87 -13.60 -22.50
N LEU C 399 24.29 -12.40 -22.49
CA LEU C 399 24.83 -11.31 -23.30
C LEU C 399 26.25 -10.97 -22.88
N ALA C 400 26.53 -11.02 -21.58
CA ALA C 400 27.88 -10.73 -21.10
C ALA C 400 28.86 -11.82 -21.50
N GLN C 401 28.45 -13.09 -21.40
CA GLN C 401 29.32 -14.19 -21.80
C GLN C 401 29.62 -14.13 -23.30
N ILE C 402 28.62 -13.83 -24.12
CA ILE C 402 28.81 -13.77 -25.55
C ILE C 402 29.82 -12.68 -25.92
N HIS C 403 29.69 -11.51 -25.31
CA HIS C 403 30.55 -10.38 -25.66
C HIS C 403 32.00 -10.66 -25.31
N LEU C 404 32.26 -11.22 -24.13
CA LEU C 404 33.64 -11.47 -23.72
C LEU C 404 34.23 -12.68 -24.44
N PHE C 405 33.41 -13.67 -24.78
CA PHE C 405 33.92 -14.82 -25.52
C PHE C 405 34.27 -14.45 -26.95
N GLU C 406 33.42 -13.66 -27.60
CA GLU C 406 33.75 -13.13 -28.92
C GLU C 406 34.86 -12.08 -28.88
N GLN C 407 35.43 -11.82 -27.70
CA GLN C 407 36.55 -10.89 -27.58
C GLN C 407 37.90 -11.59 -27.51
N LYS C 408 37.95 -12.80 -26.96
CA LYS C 408 39.15 -13.63 -26.94
C LYS C 408 40.32 -12.91 -26.27
N TYR C 409 40.11 -12.49 -25.01
CA TYR C 409 41.12 -11.70 -24.32
C TYR C 409 42.44 -12.45 -24.20
N ALA C 410 42.37 -13.75 -23.88
CA ALA C 410 43.60 -14.53 -23.67
C ALA C 410 44.46 -14.62 -24.93
N ASP C 411 43.89 -14.30 -26.09
CA ASP C 411 44.60 -14.40 -27.37
C ASP C 411 45.00 -13.05 -27.94
N LEU C 412 44.81 -11.97 -27.20
CA LEU C 412 45.07 -10.63 -27.69
C LEU C 412 46.52 -10.25 -27.48
N PRO C 413 47.04 -9.28 -28.24
CA PRO C 413 48.37 -8.76 -27.98
C PRO C 413 48.45 -8.06 -26.63
N ALA C 414 49.68 -7.89 -26.15
CA ALA C 414 49.90 -7.33 -24.82
C ALA C 414 49.33 -5.91 -24.71
N ALA C 415 49.52 -5.10 -25.75
CA ALA C 415 48.95 -3.75 -25.74
C ALA C 415 47.42 -3.80 -25.73
N GLU C 416 46.83 -4.77 -26.46
CA GLU C 416 45.38 -4.91 -26.44
C GLU C 416 44.89 -5.44 -25.11
N LYS C 417 45.66 -6.33 -24.47
CA LYS C 417 45.28 -6.84 -23.17
C LYS C 417 45.16 -5.71 -22.14
N ALA C 418 46.11 -4.77 -22.17
CA ALA C 418 46.11 -3.71 -21.18
C ALA C 418 44.95 -2.75 -21.36
N LYS C 419 44.51 -2.54 -22.60
CA LYS C 419 43.41 -1.61 -22.85
C LYS C 419 42.05 -2.19 -22.49
N ARG C 420 41.92 -3.51 -22.44
CA ARG C 420 40.63 -4.15 -22.21
C ARG C 420 40.54 -4.89 -20.89
N LEU C 421 41.60 -4.89 -20.08
CA LEU C 421 41.53 -5.44 -18.73
C LEU C 421 40.74 -4.50 -17.84
N SER C 422 39.45 -4.35 -18.13
CA SER C 422 38.58 -3.41 -17.46
C SER C 422 37.45 -4.14 -16.75
N VAL C 423 36.71 -3.37 -15.95
CA VAL C 423 35.47 -3.83 -15.33
C VAL C 423 34.37 -2.98 -15.93
N GLU C 424 33.61 -3.57 -16.87
CA GLU C 424 32.59 -2.85 -17.62
C GLU C 424 31.22 -3.45 -17.34
N VAL C 425 30.19 -2.76 -17.83
CA VAL C 425 28.83 -3.28 -17.78
C VAL C 425 28.40 -3.64 -19.20
N LEU C 426 27.12 -3.69 -19.44
CA LEU C 426 26.62 -3.90 -20.79
C LEU C 426 26.14 -2.57 -21.38
N PRO C 427 26.14 -2.44 -22.70
CA PRO C 427 25.59 -1.21 -23.31
C PRO C 427 24.11 -1.04 -22.98
N LYS C 428 23.69 0.22 -22.93
CA LYS C 428 22.30 0.51 -22.56
C LYS C 428 21.32 -0.08 -23.56
N LYS C 429 21.73 -0.20 -24.83
CA LYS C 429 20.84 -0.76 -25.85
C LYS C 429 20.45 -2.19 -25.49
N LEU C 430 21.40 -3.00 -25.03
CA LEU C 430 21.08 -4.36 -24.61
C LEU C 430 20.26 -4.37 -23.33
N ASP C 431 20.56 -3.45 -22.41
CA ASP C 431 19.75 -3.31 -21.20
C ASP C 431 18.30 -3.04 -21.55
N GLU C 432 18.07 -2.18 -22.55
CA GLU C 432 16.71 -1.92 -23.00
C GLU C 432 16.10 -3.13 -23.68
N GLU C 433 16.88 -3.85 -24.48
CA GLU C 433 16.35 -5.03 -25.17
C GLU C 433 15.93 -6.11 -24.18
N VAL C 434 16.69 -6.28 -23.10
CA VAL C 434 16.29 -7.21 -22.05
C VAL C 434 14.99 -6.75 -21.40
N ALA C 435 14.91 -5.45 -21.06
CA ALA C 435 13.70 -4.92 -20.44
C ALA C 435 12.48 -5.09 -21.34
N LEU C 436 12.67 -4.90 -22.64
CA LEU C 436 11.56 -4.99 -23.58
C LEU C 436 10.95 -6.39 -23.59
N GLU C 437 11.79 -7.42 -23.48
CA GLU C 437 11.28 -8.78 -23.51
C GLU C 437 10.54 -9.12 -22.22
N MET C 438 11.03 -8.61 -21.09
CA MET C 438 10.34 -8.85 -19.82
C MET C 438 8.99 -8.16 -19.80
N VAL C 439 8.90 -6.94 -20.33
CA VAL C 439 7.63 -6.23 -20.39
C VAL C 439 6.63 -7.00 -21.24
N LYS C 440 7.07 -7.47 -22.41
CA LYS C 440 6.20 -8.31 -23.24
C LYS C 440 5.76 -9.56 -22.49
N GLY C 441 6.62 -10.11 -21.62
CA GLY C 441 6.22 -11.24 -20.82
C GLY C 441 5.04 -10.94 -19.91
N PHE C 442 4.93 -9.70 -19.45
CA PHE C 442 3.77 -9.28 -18.66
C PHE C 442 2.57 -8.91 -19.53
N GLY C 443 2.72 -8.88 -20.85
CA GLY C 443 1.67 -8.40 -21.71
C GLY C 443 1.63 -6.90 -21.88
N GLY C 444 2.65 -6.19 -21.39
CA GLY C 444 2.71 -4.75 -21.56
C GLY C 444 3.03 -4.36 -22.99
N VAL C 445 2.63 -3.14 -23.34
CA VAL C 445 2.82 -2.60 -24.68
C VAL C 445 3.60 -1.30 -24.56
N VAL C 446 4.76 -1.26 -25.21
CA VAL C 446 5.61 -0.07 -25.21
C VAL C 446 5.26 0.78 -26.43
N THR C 447 5.06 2.07 -26.20
CA THR C 447 4.73 2.98 -27.29
C THR C 447 5.97 3.33 -28.08
N GLN C 448 5.83 3.41 -29.41
CA GLN C 448 6.91 3.88 -30.26
C GLN C 448 6.82 5.39 -30.43
N LEU C 449 7.95 6.08 -30.29
CA LEU C 449 8.01 7.50 -30.58
C LEU C 449 7.75 7.77 -32.06
N THR C 450 7.13 8.90 -32.33
CA THR C 450 7.09 9.42 -33.68
C THR C 450 8.42 10.09 -34.02
N PRO C 451 8.78 10.17 -35.30
CA PRO C 451 10.03 10.84 -35.66
C PRO C 451 10.12 12.28 -35.15
N LYS C 452 9.00 13.01 -35.14
CA LYS C 452 9.04 14.38 -34.66
C LYS C 452 9.28 14.43 -33.15
N GLN C 453 8.72 13.48 -32.40
CA GLN C 453 8.94 13.45 -30.96
C GLN C 453 10.38 13.06 -30.62
N ALA C 454 10.97 12.16 -31.40
CA ALA C 454 12.31 11.68 -31.10
C ALA C 454 13.34 12.80 -31.25
N GLU C 455 13.22 13.58 -32.32
CA GLU C 455 14.08 14.75 -32.46
C GLU C 455 13.83 15.78 -31.36
N TYR C 456 12.60 15.88 -30.89
CA TYR C 456 12.26 16.86 -29.86
C TYR C 456 12.99 16.56 -28.56
N ILE C 457 13.08 15.28 -28.17
CA ILE C 457 13.78 14.89 -26.96
C ILE C 457 15.19 14.39 -27.23
N GLY C 458 15.64 14.42 -28.48
CA GLY C 458 17.03 14.15 -28.81
C GLY C 458 17.48 12.71 -28.65
N VAL C 459 16.66 11.76 -29.06
CA VAL C 459 17.01 10.34 -29.00
C VAL C 459 16.70 9.71 -30.35
N SER C 460 17.08 8.45 -30.49
CA SER C 460 16.70 7.62 -31.63
C SER C 460 15.35 6.98 -31.36
N VAL C 461 14.56 6.81 -32.43
CA VAL C 461 13.29 6.09 -32.29
C VAL C 461 13.56 4.66 -31.82
N GLU C 462 14.71 4.10 -32.20
CA GLU C 462 15.11 2.77 -31.75
C GLU C 462 15.73 2.77 -30.36
N GLY C 463 16.00 3.94 -29.78
CA GLY C 463 16.72 4.00 -28.53
C GLY C 463 18.22 4.05 -28.78
N PRO C 464 19.03 4.20 -27.72
CA PRO C 464 18.68 4.36 -26.30
C PRO C 464 17.93 5.66 -26.00
N PHE C 465 17.08 5.62 -24.97
CA PHE C 465 16.16 6.71 -24.67
C PHE C 465 16.64 7.62 -23.55
N LYS C 466 17.67 7.23 -22.80
CA LYS C 466 18.20 8.03 -21.72
C LYS C 466 19.71 8.16 -21.88
N PRO C 467 20.30 9.23 -21.37
CA PRO C 467 21.76 9.29 -21.28
C PRO C 467 22.28 8.30 -20.25
N ASP C 468 23.56 7.98 -20.37
CA ASP C 468 24.16 7.05 -19.42
C ASP C 468 24.14 7.59 -17.99
N THR C 469 24.07 8.91 -17.82
CA THR C 469 23.96 9.51 -16.50
C THR C 469 22.61 9.28 -15.84
N TYR C 470 21.59 8.84 -16.60
CA TYR C 470 20.26 8.70 -16.03
C TYR C 470 20.22 7.59 -14.98
N ARG C 471 19.54 7.87 -13.87
CA ARG C 471 19.50 6.97 -12.72
C ARG C 471 18.22 6.15 -12.63
N TYR C 472 17.19 6.49 -13.39
CA TYR C 472 15.91 5.77 -13.35
C TYR C 472 15.35 5.77 -11.93
N GLY D 12 1.13 -49.49 26.03
CA GLY D 12 1.02 -49.77 24.62
C GLY D 12 -0.24 -49.22 23.99
N PHE D 13 -0.50 -47.94 24.24
CA PHE D 13 -1.68 -47.28 23.69
C PHE D 13 -1.52 -47.09 22.18
N THR D 14 -2.44 -47.67 21.41
CA THR D 14 -2.39 -47.61 19.95
C THR D 14 -3.70 -47.10 19.34
N ASP D 15 -4.53 -46.41 20.13
CA ASP D 15 -5.82 -45.94 19.64
C ASP D 15 -5.63 -44.62 18.91
N TYR D 16 -5.02 -44.71 17.72
CA TYR D 16 -4.73 -43.56 16.88
C TYR D 16 -4.39 -44.05 15.48
N LYS D 17 -4.11 -43.09 14.59
CA LYS D 17 -3.72 -43.41 13.22
C LYS D 17 -3.10 -42.17 12.60
N VAL D 18 -1.79 -42.19 12.41
CA VAL D 18 -1.05 -41.05 11.87
C VAL D 18 -0.10 -41.56 10.78
N ALA D 19 0.50 -40.60 10.08
CA ALA D 19 1.39 -40.92 8.96
C ALA D 19 2.75 -41.41 9.45
N ASP D 20 3.31 -40.77 10.47
CA ASP D 20 4.67 -41.09 10.90
C ASP D 20 4.80 -40.62 12.35
N ILE D 21 4.76 -41.56 13.29
CA ILE D 21 4.79 -41.20 14.71
C ILE D 21 6.14 -40.67 15.12
N THR D 22 7.20 -40.93 14.33
CA THR D 22 8.53 -40.45 14.66
C THR D 22 8.68 -38.95 14.49
N LEU D 23 7.69 -38.29 13.88
CA LEU D 23 7.69 -36.84 13.73
C LEU D 23 7.16 -36.12 14.96
N ALA D 24 6.87 -36.85 16.04
CA ALA D 24 6.24 -36.25 17.21
C ALA D 24 7.17 -35.25 17.89
N ALA D 25 8.47 -35.56 17.98
CA ALA D 25 9.41 -34.66 18.62
C ALA D 25 9.49 -33.33 17.87
N TRP D 26 9.48 -33.38 16.54
CA TRP D 26 9.46 -32.14 15.76
C TRP D 26 8.18 -31.35 16.03
N GLY D 27 7.03 -32.03 16.06
CA GLY D 27 5.79 -31.34 16.35
C GLY D 27 5.78 -30.70 17.72
N ARG D 28 6.37 -31.39 18.71
CA ARG D 28 6.42 -30.84 20.06
C ARG D 28 7.25 -29.56 20.10
N ARG D 29 8.37 -29.53 19.36
CA ARG D 29 9.18 -28.32 19.31
C ARG D 29 8.40 -27.15 18.73
N GLU D 30 7.63 -27.41 17.67
CA GLU D 30 6.85 -26.33 17.07
C GLU D 30 5.59 -26.02 17.87
N LEU D 31 5.09 -26.99 18.64
CA LEU D 31 3.96 -26.72 19.52
C LEU D 31 4.36 -25.76 20.65
N ILE D 32 5.56 -25.96 21.20
CA ILE D 32 6.04 -25.08 22.28
C ILE D 32 6.25 -23.67 21.76
N ILE D 33 6.71 -23.54 20.51
CA ILE D 33 6.83 -22.22 19.90
C ILE D 33 5.45 -21.62 19.66
N ALA D 34 4.52 -22.42 19.11
CA ALA D 34 3.19 -21.92 18.81
C ALA D 34 2.47 -21.44 20.06
N GLU D 35 2.69 -22.12 21.19
CA GLU D 35 2.07 -21.70 22.44
C GLU D 35 2.52 -20.30 22.84
N SER D 36 3.76 -19.93 22.50
CA SER D 36 4.23 -18.57 22.76
C SER D 36 3.58 -17.55 21.83
N GLU D 37 3.00 -18.00 20.72
CA GLU D 37 2.33 -17.12 19.76
C GLU D 37 0.83 -17.00 20.03
N MET D 38 0.29 -17.74 20.99
CA MET D 38 -1.14 -17.79 21.25
C MET D 38 -1.42 -17.42 22.70
N PRO D 39 -1.28 -16.13 23.05
CA PRO D 39 -1.50 -15.73 24.45
C PRO D 39 -2.95 -15.86 24.89
N ALA D 40 -3.92 -15.59 24.01
CA ALA D 40 -5.32 -15.70 24.40
C ALA D 40 -5.70 -17.15 24.69
N LEU D 41 -5.24 -18.08 23.85
CA LEU D 41 -5.54 -19.49 24.08
C LEU D 41 -4.84 -20.01 25.33
N MET D 42 -3.55 -19.68 25.49
CA MET D 42 -2.83 -20.10 26.68
C MET D 42 -3.39 -19.43 27.92
N GLY D 43 -3.79 -18.15 27.80
CA GLY D 43 -4.36 -17.46 28.94
C GLY D 43 -5.62 -18.13 29.46
N LEU D 44 -6.46 -18.63 28.56
CA LEU D 44 -7.64 -19.38 28.99
C LEU D 44 -7.23 -20.70 29.63
N ARG D 45 -6.19 -21.35 29.11
CA ARG D 45 -5.72 -22.60 29.69
C ARG D 45 -5.25 -22.40 31.12
N ARG D 46 -4.56 -21.28 31.40
CA ARG D 46 -4.14 -21.02 32.76
C ARG D 46 -5.30 -20.56 33.64
N LYS D 47 -6.28 -19.89 33.04
CA LYS D 47 -7.36 -19.30 33.83
C LYS D 47 -8.27 -20.38 34.39
N TYR D 48 -8.67 -21.34 33.56
CA TYR D 48 -9.69 -22.30 33.93
C TYR D 48 -9.13 -23.63 34.43
N ALA D 49 -7.82 -23.76 34.56
CA ALA D 49 -7.24 -25.05 34.96
C ALA D 49 -7.75 -25.48 36.32
N GLY D 50 -7.92 -24.53 37.24
CA GLY D 50 -8.34 -24.89 38.59
C GLY D 50 -9.75 -25.44 38.65
N GLN D 51 -10.68 -24.82 37.91
CA GLN D 51 -12.07 -25.28 37.97
C GLN D 51 -12.28 -26.59 37.24
N GLN D 52 -11.49 -26.86 36.21
CA GLN D 52 -11.69 -28.01 35.32
C GLN D 52 -13.12 -28.04 34.78
N PRO D 53 -13.51 -27.04 33.99
CA PRO D 53 -14.93 -26.94 33.58
C PRO D 53 -15.37 -28.05 32.64
N LEU D 54 -14.44 -28.69 31.94
CA LEU D 54 -14.77 -29.73 30.98
C LEU D 54 -14.52 -31.13 31.52
N LYS D 55 -14.38 -31.27 32.84
CA LYS D 55 -14.30 -32.59 33.44
C LYS D 55 -15.58 -33.36 33.15
N GLY D 56 -15.45 -34.53 32.54
CA GLY D 56 -16.58 -35.30 32.09
C GLY D 56 -17.02 -35.00 30.69
N ALA D 57 -16.49 -33.95 30.05
CA ALA D 57 -16.80 -33.69 28.66
C ALA D 57 -16.08 -34.69 27.77
N LYS D 58 -16.80 -35.18 26.75
CA LYS D 58 -16.27 -36.16 25.80
C LYS D 58 -16.49 -35.60 24.40
N ILE D 59 -15.45 -34.98 23.84
CA ILE D 59 -15.58 -34.14 22.66
C ILE D 59 -15.14 -34.93 21.43
N LEU D 60 -16.02 -35.00 20.43
CA LEU D 60 -15.63 -35.43 19.09
C LEU D 60 -15.14 -34.21 18.32
N GLY D 61 -13.87 -34.25 17.91
CA GLY D 61 -13.21 -33.11 17.30
C GLY D 61 -12.86 -33.42 15.85
N CYS D 62 -13.28 -32.53 14.96
CA CYS D 62 -13.03 -32.66 13.52
C CYS D 62 -12.61 -31.29 12.99
N ILE D 63 -11.31 -31.07 12.87
CA ILE D 63 -10.77 -29.82 12.33
C ILE D 63 -9.33 -30.07 11.90
N HIS D 64 -8.88 -29.34 10.88
CA HIS D 64 -7.54 -29.43 10.30
C HIS D 64 -6.47 -29.68 11.35
N MET D 65 -5.80 -30.84 11.29
CA MET D 65 -4.82 -31.21 12.29
C MET D 65 -3.51 -30.47 12.01
N THR D 66 -3.50 -29.19 12.37
CA THR D 66 -2.32 -28.36 12.27
C THR D 66 -1.65 -28.23 13.64
N ILE D 67 -0.50 -27.54 13.66
CA ILE D 67 0.14 -27.20 14.92
C ILE D 67 -0.80 -26.38 15.79
N GLN D 68 -1.52 -25.44 15.16
CA GLN D 68 -2.46 -24.61 15.90
C GLN D 68 -3.57 -25.45 16.53
N THR D 69 -4.09 -26.42 15.78
CA THR D 69 -5.09 -27.33 16.33
C THR D 69 -4.52 -28.13 17.50
N GLY D 70 -3.24 -28.50 17.42
CA GLY D 70 -2.60 -29.21 18.52
C GLY D 70 -2.65 -28.44 19.82
N VAL D 71 -2.42 -27.12 19.76
CA VAL D 71 -2.50 -26.30 20.95
C VAL D 71 -3.94 -26.23 21.46
N LEU D 72 -4.91 -26.21 20.53
CA LEU D 72 -6.30 -26.21 20.92
C LEU D 72 -6.67 -27.51 21.63
N ILE D 73 -6.24 -28.64 21.06
CA ILE D 73 -6.55 -29.94 21.64
C ILE D 73 -5.95 -30.06 23.03
N GLU D 74 -4.66 -29.71 23.17
CA GLU D 74 -4.01 -29.82 24.48
C GLU D 74 -4.64 -28.90 25.51
N THR D 75 -5.19 -27.77 25.09
CA THR D 75 -5.91 -26.91 26.01
C THR D 75 -7.18 -27.61 26.50
N LEU D 76 -7.96 -28.17 25.57
CA LEU D 76 -9.22 -28.81 25.93
C LEU D 76 -9.01 -29.93 26.94
N VAL D 77 -7.96 -30.73 26.76
CA VAL D 77 -7.75 -31.86 27.65
C VAL D 77 -7.29 -31.39 29.03
N ALA D 78 -6.72 -30.18 29.11
CA ALA D 78 -6.25 -29.69 30.38
C ALA D 78 -7.38 -29.34 31.32
N LEU D 79 -8.55 -29.03 30.77
CA LEU D 79 -9.73 -28.67 31.56
C LEU D 79 -10.58 -29.87 31.94
N GLY D 80 -10.12 -31.09 31.66
CA GLY D 80 -10.81 -32.30 32.06
C GLY D 80 -11.51 -33.05 30.95
N ALA D 81 -11.53 -32.52 29.72
CA ALA D 81 -12.24 -33.18 28.63
C ALA D 81 -11.45 -34.36 28.08
N GLU D 82 -12.19 -35.33 27.54
CA GLU D 82 -11.63 -36.39 26.73
C GLU D 82 -12.01 -36.13 25.29
N VAL D 83 -11.09 -36.39 24.36
CA VAL D 83 -11.33 -36.10 22.95
C VAL D 83 -10.89 -37.28 22.11
N ARG D 84 -11.52 -37.41 20.94
CA ARG D 84 -11.09 -38.28 19.86
C ARG D 84 -11.16 -37.46 18.59
N TRP D 85 -10.04 -37.34 17.87
CA TRP D 85 -9.88 -36.27 16.90
C TRP D 85 -9.66 -36.78 15.48
N SER D 86 -10.02 -35.93 14.53
CA SER D 86 -9.85 -36.16 13.11
C SER D 86 -9.71 -34.82 12.41
N SER D 87 -9.21 -34.86 11.19
CA SER D 87 -9.13 -33.66 10.37
C SER D 87 -10.42 -33.49 9.56
N CYS D 88 -10.72 -32.25 9.19
CA CYS D 88 -11.88 -31.96 8.37
C CYS D 88 -11.51 -31.70 6.91
N ASN D 89 -10.27 -32.03 6.52
CA ASN D 89 -9.86 -31.96 5.13
C ASN D 89 -8.76 -32.98 4.89
N ILE D 90 -8.74 -33.54 3.68
CA ILE D 90 -7.81 -34.62 3.38
C ILE D 90 -6.38 -34.14 3.20
N PHE D 91 -6.17 -32.84 3.00
CA PHE D 91 -4.85 -32.30 2.72
C PHE D 91 -4.32 -31.34 3.78
N SER D 92 -5.09 -31.03 4.82
CA SER D 92 -4.73 -29.96 5.73
C SER D 92 -3.90 -30.42 6.92
N THR D 93 -3.76 -31.72 7.14
CA THR D 93 -3.06 -32.20 8.32
C THR D 93 -1.56 -31.91 8.22
N GLN D 94 -0.97 -31.41 9.31
CA GLN D 94 0.47 -31.40 9.47
C GLN D 94 0.85 -32.69 10.20
N ASP D 95 1.63 -33.55 9.54
CA ASP D 95 1.87 -34.88 10.09
C ASP D 95 2.63 -34.82 11.42
N GLN D 96 3.45 -33.79 11.63
CA GLN D 96 4.15 -33.68 12.91
C GLN D 96 3.24 -33.22 14.04
N ALA D 97 2.14 -32.53 13.71
CA ALA D 97 1.18 -32.17 14.75
C ALA D 97 0.35 -33.37 15.18
N ALA D 98 -0.10 -34.18 14.22
CA ALA D 98 -0.86 -35.38 14.55
C ALA D 98 0.00 -36.37 15.32
N ALA D 99 1.28 -36.46 14.98
CA ALA D 99 2.17 -37.39 15.66
C ALA D 99 2.36 -37.01 17.13
N ALA D 100 2.53 -35.71 17.40
CA ALA D 100 2.68 -35.27 18.78
C ALA D 100 1.43 -35.56 19.60
N ILE D 101 0.25 -35.36 19.00
CA ILE D 101 -1.00 -35.63 19.71
C ILE D 101 -1.14 -37.11 20.02
N ALA D 102 -0.89 -37.96 19.02
CA ALA D 102 -0.94 -39.41 19.25
C ALA D 102 0.12 -39.84 20.25
N ALA D 103 1.30 -39.22 20.20
CA ALA D 103 2.35 -39.54 21.17
C ALA D 103 1.98 -39.09 22.58
N ALA D 104 1.03 -38.18 22.72
CA ALA D 104 0.54 -37.75 24.03
C ALA D 104 -0.54 -38.67 24.58
N GLY D 105 -0.84 -39.77 23.89
CA GLY D 105 -1.90 -40.66 24.32
C GLY D 105 -3.30 -40.19 24.00
N ILE D 106 -3.47 -39.35 22.98
CA ILE D 106 -4.77 -38.81 22.60
C ILE D 106 -5.20 -39.46 21.29
N PRO D 107 -6.40 -40.02 21.20
CA PRO D 107 -6.87 -40.63 19.95
C PRO D 107 -6.99 -39.60 18.84
N VAL D 108 -6.20 -39.78 17.78
CA VAL D 108 -6.24 -38.91 16.61
C VAL D 108 -6.02 -39.77 15.37
N PHE D 109 -6.81 -39.52 14.33
CA PHE D 109 -6.76 -40.27 13.08
C PHE D 109 -6.64 -39.25 11.95
N ALA D 110 -5.41 -38.98 11.50
CA ALA D 110 -5.20 -37.94 10.50
C ALA D 110 -3.82 -38.04 9.89
N TRP D 111 -3.73 -37.75 8.60
CA TRP D 111 -2.45 -37.60 7.91
C TRP D 111 -2.69 -36.80 6.64
N LYS D 112 -1.62 -36.22 6.11
CA LYS D 112 -1.73 -35.41 4.91
C LYS D 112 -1.85 -36.31 3.69
N GLY D 113 -2.84 -36.02 2.84
CA GLY D 113 -3.05 -36.79 1.64
C GLY D 113 -3.97 -37.98 1.79
N GLU D 114 -5.00 -37.87 2.62
CA GLU D 114 -5.97 -38.95 2.75
C GLU D 114 -6.76 -39.12 1.46
N THR D 115 -7.27 -40.33 1.27
CA THR D 115 -8.27 -40.53 0.23
C THR D 115 -9.66 -40.16 0.77
N GLU D 116 -10.63 -40.07 -0.14
CA GLU D 116 -12.00 -39.80 0.30
C GLU D 116 -12.50 -40.91 1.22
N GLU D 117 -12.15 -42.16 0.93
CA GLU D 117 -12.57 -43.26 1.77
C GLU D 117 -11.86 -43.22 3.13
N GLU D 118 -10.59 -42.83 3.14
CA GLU D 118 -9.86 -42.72 4.40
C GLU D 118 -10.39 -41.59 5.26
N TYR D 119 -10.84 -40.50 4.62
CA TYR D 119 -11.40 -39.38 5.36
C TYR D 119 -12.60 -39.82 6.18
N GLU D 120 -13.56 -40.51 5.54
CA GLU D 120 -14.73 -41.00 6.27
C GLU D 120 -14.33 -42.01 7.34
N TRP D 121 -13.24 -42.75 7.12
CA TRP D 121 -12.78 -43.72 8.11
C TRP D 121 -12.26 -43.02 9.36
N CYS D 122 -11.56 -41.89 9.19
CA CYS D 122 -11.03 -41.16 10.33
C CYS D 122 -12.13 -40.57 11.19
N ILE D 123 -13.18 -40.04 10.56
CA ILE D 123 -14.36 -39.59 11.31
C ILE D 123 -14.97 -40.75 12.07
N GLU D 124 -15.08 -41.91 11.39
CA GLU D 124 -15.70 -43.08 12.00
C GLU D 124 -14.92 -43.53 13.23
N GLN D 125 -13.59 -43.46 13.18
CA GLN D 125 -12.77 -43.97 14.27
C GLN D 125 -12.94 -43.14 15.53
N THR D 126 -13.23 -41.85 15.40
CA THR D 126 -13.53 -41.05 16.58
C THR D 126 -14.91 -41.37 17.13
N ILE D 127 -15.86 -41.65 16.24
CA ILE D 127 -17.24 -41.87 16.67
C ILE D 127 -17.37 -43.19 17.41
N LEU D 128 -16.75 -44.25 16.91
CA LEU D 128 -16.87 -45.58 17.48
C LEU D 128 -15.65 -45.91 18.32
N LYS D 129 -15.88 -46.63 19.41
CA LYS D 129 -14.83 -47.12 20.28
C LYS D 129 -15.05 -48.60 20.49
N ASP D 130 -14.11 -49.42 20.00
CA ASP D 130 -14.21 -50.89 20.06
C ASP D 130 -15.44 -51.41 19.32
N GLY D 131 -15.79 -50.78 18.19
CA GLY D 131 -16.94 -51.19 17.41
C GLY D 131 -18.29 -50.81 17.97
N GLN D 132 -18.33 -49.98 19.01
CA GLN D 132 -19.56 -49.52 19.62
C GLN D 132 -19.51 -48.01 19.79
N PRO D 133 -20.66 -47.34 19.76
CA PRO D 133 -20.67 -45.87 19.88
C PRO D 133 -20.05 -45.39 21.18
N TRP D 134 -19.14 -44.43 21.07
CA TRP D 134 -18.56 -43.80 22.24
C TRP D 134 -19.63 -43.04 23.01
N ASP D 135 -19.44 -42.93 24.32
CA ASP D 135 -20.40 -42.17 25.11
C ASP D 135 -20.11 -40.68 25.02
N ALA D 136 -20.06 -40.13 23.80
CA ALA D 136 -19.72 -38.73 23.62
C ALA D 136 -20.85 -37.83 24.11
N ASN D 137 -20.47 -36.64 24.58
CA ASN D 137 -21.45 -35.65 25.00
C ASN D 137 -21.13 -34.24 24.50
N MET D 138 -20.06 -34.06 23.72
CA MET D 138 -19.70 -32.77 23.15
C MET D 138 -19.16 -32.98 21.73
N VAL D 139 -19.30 -31.95 20.90
CA VAL D 139 -18.89 -32.00 19.51
C VAL D 139 -18.19 -30.70 19.14
N LEU D 140 -17.00 -30.81 18.55
CA LEU D 140 -16.28 -29.68 17.98
C LEU D 140 -16.06 -29.99 16.50
N ASP D 141 -16.53 -29.09 15.63
CA ASP D 141 -16.58 -29.37 14.20
C ASP D 141 -16.10 -28.17 13.41
N ASP D 142 -15.59 -28.44 12.21
CA ASP D 142 -15.15 -27.41 11.27
C ASP D 142 -15.65 -27.81 9.88
N GLY D 143 -16.75 -27.20 9.44
CA GLY D 143 -17.33 -27.49 8.14
C GLY D 143 -18.60 -28.29 8.17
N GLY D 144 -18.93 -28.92 9.30
CA GLY D 144 -20.17 -29.65 9.44
C GLY D 144 -20.14 -31.10 9.03
N ASP D 145 -18.96 -31.64 8.69
CA ASP D 145 -18.90 -33.03 8.22
C ASP D 145 -19.20 -34.01 9.34
N LEU D 146 -18.61 -33.80 10.52
CA LEU D 146 -18.91 -34.66 11.66
C LEU D 146 -20.34 -34.49 12.12
N THR D 147 -20.83 -33.24 12.13
CA THR D 147 -22.21 -32.98 12.55
C THR D 147 -23.20 -33.72 11.65
N GLU D 148 -22.94 -33.72 10.35
CA GLU D 148 -23.85 -34.38 9.41
C GLU D 148 -23.86 -35.89 9.58
N ILE D 149 -22.69 -36.49 9.80
CA ILE D 149 -22.60 -37.93 9.95
C ILE D 149 -23.36 -38.38 11.19
N LEU D 150 -23.28 -37.59 12.27
CA LEU D 150 -23.99 -37.93 13.50
C LEU D 150 -25.50 -37.95 13.27
N HIS D 151 -26.03 -36.89 12.65
CA HIS D 151 -27.48 -36.78 12.51
C HIS D 151 -28.05 -37.87 11.60
N LYS D 152 -27.31 -38.23 10.55
CA LYS D 152 -27.83 -39.17 9.56
C LYS D 152 -27.49 -40.62 9.88
N LYS D 153 -26.32 -40.88 10.46
CA LYS D 153 -25.87 -42.25 10.69
C LYS D 153 -25.83 -42.67 12.15
N TYR D 154 -25.65 -41.73 13.09
CA TYR D 154 -25.57 -42.06 14.52
C TYR D 154 -26.54 -41.19 15.34
N PRO D 155 -27.84 -41.21 15.01
CA PRO D 155 -28.75 -40.28 15.70
C PRO D 155 -28.92 -40.56 17.18
N GLN D 156 -28.93 -41.84 17.57
CA GLN D 156 -29.13 -42.20 18.98
C GLN D 156 -28.04 -41.65 19.87
N MET D 157 -26.91 -41.22 19.31
CA MET D 157 -25.83 -40.66 20.10
C MET D 157 -26.05 -39.18 20.40
N LEU D 158 -26.74 -38.46 19.51
CA LEU D 158 -27.03 -37.04 19.73
C LEU D 158 -27.94 -36.83 20.94
N GLU D 159 -28.71 -37.85 21.33
CA GLU D 159 -29.52 -37.74 22.54
C GLU D 159 -28.65 -37.60 23.78
N ARG D 160 -27.36 -37.94 23.70
CA ARG D 160 -26.42 -37.77 24.79
C ARG D 160 -25.52 -36.55 24.64
N ILE D 161 -25.57 -35.86 23.50
CA ILE D 161 -24.67 -34.77 23.20
C ILE D 161 -25.26 -33.46 23.69
N HIS D 162 -24.43 -32.62 24.31
CA HIS D 162 -24.88 -31.37 24.90
C HIS D 162 -24.81 -30.20 23.94
N GLY D 163 -23.89 -30.21 22.98
CA GLY D 163 -23.80 -29.09 22.05
C GLY D 163 -22.71 -29.29 21.03
N ILE D 164 -22.72 -28.40 20.04
CA ILE D 164 -21.74 -28.37 18.96
C ILE D 164 -21.13 -26.98 18.89
N THR D 165 -19.82 -26.91 18.73
CA THR D 165 -19.13 -25.63 18.53
C THR D 165 -18.51 -25.64 17.13
N GLU D 166 -19.09 -24.88 16.21
CA GLU D 166 -18.74 -24.93 14.80
C GLU D 166 -17.80 -23.79 14.44
N GLU D 167 -16.80 -24.08 13.60
CA GLU D 167 -15.70 -23.16 13.40
C GLU D 167 -15.98 -22.18 12.26
N THR D 168 -16.49 -22.67 11.13
CA THR D 168 -16.40 -21.92 9.89
C THR D 168 -17.78 -21.62 9.30
N THR D 169 -17.78 -20.69 8.33
CA THR D 169 -19.01 -20.18 7.76
C THR D 169 -19.85 -21.28 7.12
N THR D 170 -19.20 -22.16 6.36
CA THR D 170 -19.93 -23.23 5.68
C THR D 170 -20.63 -24.14 6.68
N GLY D 171 -19.94 -24.51 7.77
CA GLY D 171 -20.57 -25.32 8.79
C GLY D 171 -21.70 -24.59 9.50
N VAL D 172 -21.53 -23.29 9.73
CA VAL D 172 -22.59 -22.50 10.35
C VAL D 172 -23.83 -22.49 9.47
N HIS D 173 -23.63 -22.27 8.17
CA HIS D 173 -24.76 -22.25 7.23
C HIS D 173 -25.52 -23.57 7.26
N ARG D 174 -24.80 -24.70 7.37
CA ARG D 174 -25.48 -25.98 7.46
C ARG D 174 -26.27 -26.12 8.76
N LEU D 175 -25.76 -25.52 9.85
CA LEU D 175 -26.48 -25.58 11.11
C LEU D 175 -27.82 -24.84 11.03
N LEU D 176 -27.81 -23.66 10.40
CA LEU D 176 -29.03 -22.87 10.28
C LEU D 176 -30.10 -23.59 9.46
N ASP D 177 -29.69 -24.31 8.42
CA ASP D 177 -30.68 -25.04 7.64
CA ASP D 177 -30.64 -25.07 7.62
C ASP D 177 -31.25 -26.23 8.41
N MET D 178 -30.46 -26.82 9.30
CA MET D 178 -31.00 -27.89 10.16
C MET D 178 -31.99 -27.30 11.16
N LEU D 179 -31.67 -26.16 11.75
CA LEU D 179 -32.60 -25.50 12.65
C LEU D 179 -33.86 -25.05 11.92
N LYS D 180 -33.70 -24.52 10.70
CA LYS D 180 -34.84 -24.05 9.93
C LYS D 180 -35.78 -25.21 9.59
N ASN D 181 -35.23 -26.39 9.34
CA ASN D 181 -36.01 -27.57 9.03
C ASN D 181 -36.41 -28.38 10.26
N GLY D 182 -36.03 -27.93 11.46
CA GLY D 182 -36.32 -28.67 12.67
C GLY D 182 -35.58 -29.99 12.79
N THR D 183 -34.47 -30.15 12.08
CA THR D 183 -33.69 -31.39 12.10
C THR D 183 -32.44 -31.29 12.96
N LEU D 184 -32.12 -30.12 13.48
CA LEU D 184 -30.99 -29.99 14.40
C LEU D 184 -31.35 -30.60 15.75
N LYS D 185 -30.55 -31.57 16.18
CA LYS D 185 -30.87 -32.32 17.39
C LYS D 185 -30.25 -31.76 18.66
N VAL D 186 -29.18 -30.96 18.55
CA VAL D 186 -28.51 -30.39 19.73
C VAL D 186 -28.15 -28.94 19.45
N PRO D 187 -28.06 -28.14 20.50
CA PRO D 187 -27.75 -26.72 20.30
C PRO D 187 -26.30 -26.52 19.86
N ALA D 188 -26.04 -25.34 19.32
CA ALA D 188 -24.73 -25.05 18.75
C ALA D 188 -24.34 -23.60 19.04
N ILE D 189 -23.03 -23.36 19.11
CA ILE D 189 -22.47 -22.01 19.19
C ILE D 189 -21.74 -21.73 17.90
N ASN D 190 -22.11 -20.63 17.23
CA ASN D 190 -21.45 -20.16 16.02
C ASN D 190 -20.17 -19.45 16.44
N VAL D 191 -19.05 -20.18 16.39
CA VAL D 191 -17.76 -19.57 16.72
C VAL D 191 -17.31 -18.63 15.62
N ASN D 192 -17.78 -18.85 14.38
CA ASN D 192 -17.25 -18.12 13.24
C ASN D 192 -17.50 -16.63 13.36
N ASP D 193 -18.65 -16.24 13.89
CA ASP D 193 -19.07 -14.84 13.83
C ASP D 193 -18.63 -14.01 15.03
N SER D 194 -17.72 -14.53 15.86
CA SER D 194 -16.98 -13.65 16.75
C SER D 194 -16.07 -12.76 15.93
N VAL D 195 -15.91 -11.50 16.35
CA VAL D 195 -15.10 -10.59 15.57
C VAL D 195 -13.63 -11.01 15.60
N THR D 196 -13.18 -11.55 16.74
CA THR D 196 -11.82 -12.06 16.84
C THR D 196 -11.62 -13.37 16.07
N LYS D 197 -12.65 -13.84 15.36
CA LYS D 197 -12.53 -14.96 14.45
C LYS D 197 -12.86 -14.56 13.02
N SER D 198 -14.08 -14.10 12.76
CA SER D 198 -14.49 -13.78 11.40
C SER D 198 -13.58 -12.71 10.79
N LYS D 199 -13.49 -11.55 11.45
CA LYS D 199 -12.73 -10.44 10.92
C LYS D 199 -11.24 -10.54 11.25
N ASN D 200 -10.77 -11.74 11.60
CA ASN D 200 -9.37 -11.95 11.96
C ASN D 200 -8.85 -13.19 11.24
N ASP D 201 -9.44 -14.35 11.55
CA ASP D 201 -9.11 -15.58 10.86
C ASP D 201 -9.43 -15.50 9.38
N ASN D 202 -10.69 -15.21 9.05
CA ASN D 202 -11.14 -15.32 7.67
C ASN D 202 -10.48 -14.27 6.78
N LYS D 203 -10.22 -13.08 7.32
CA LYS D 203 -9.69 -11.99 6.49
C LYS D 203 -8.16 -11.96 6.54
N TYR D 204 -7.60 -11.64 7.71
CA TYR D 204 -6.15 -11.47 7.81
C TYR D 204 -5.41 -12.80 7.63
N GLY D 205 -6.04 -13.92 7.98
CA GLY D 205 -5.39 -15.21 7.81
C GLY D 205 -5.13 -15.54 6.35
N CYS D 206 -6.10 -15.26 5.48
CA CYS D 206 -5.91 -15.48 4.06
C CYS D 206 -4.94 -14.48 3.45
N ARG D 207 -4.91 -13.26 3.99
CA ARG D 207 -3.92 -12.27 3.55
C ARG D 207 -2.50 -12.80 3.74
N HIS D 208 -2.28 -13.56 4.82
CA HIS D 208 -0.96 -14.10 5.11
C HIS D 208 -0.66 -15.36 4.31
N SER D 209 -1.64 -16.26 4.17
CA SER D 209 -1.37 -17.61 3.71
C SER D 209 -1.74 -17.87 2.25
N LEU D 210 -2.45 -16.97 1.58
CA LEU D 210 -2.77 -17.21 0.17
C LEU D 210 -1.52 -17.10 -0.69
N ASN D 211 -0.88 -15.92 -0.71
CA ASN D 211 0.33 -15.77 -1.50
C ASN D 211 1.42 -16.70 -1.00
N ASP D 212 1.39 -17.05 0.29
CA ASP D 212 2.33 -18.03 0.81
C ASP D 212 2.18 -19.37 0.11
N ALA D 213 0.93 -19.84 -0.04
CA ALA D 213 0.71 -21.13 -0.68
C ALA D 213 1.04 -21.09 -2.16
N ILE D 214 0.70 -19.99 -2.84
CA ILE D 214 1.01 -19.86 -4.26
C ILE D 214 2.52 -19.85 -4.46
N LYS D 215 3.26 -19.21 -3.55
CA LYS D 215 4.72 -19.20 -3.65
C LYS D 215 5.29 -20.60 -3.45
N ARG D 216 4.79 -21.33 -2.45
CA ARG D 216 5.32 -22.66 -2.18
C ARG D 216 4.96 -23.64 -3.29
N GLY D 217 3.78 -23.47 -3.89
CA GLY D 217 3.34 -24.37 -4.93
C GLY D 217 4.01 -24.17 -6.26
N THR D 218 4.12 -22.92 -6.70
CA THR D 218 4.61 -22.59 -8.04
C THR D 218 5.86 -21.75 -8.07
N ASP D 219 6.17 -20.99 -7.00
CA ASP D 219 7.29 -20.05 -6.98
C ASP D 219 7.18 -19.02 -8.10
N HIS D 220 5.94 -18.71 -8.50
CA HIS D 220 5.69 -17.74 -9.54
C HIS D 220 5.85 -16.33 -9.01
N LEU D 221 6.48 -15.46 -9.80
CA LEU D 221 6.41 -14.03 -9.54
C LEU D 221 4.95 -13.58 -9.66
N LEU D 222 4.50 -12.80 -8.68
CA LEU D 222 3.13 -12.29 -8.69
C LEU D 222 3.02 -10.86 -9.18
N SER D 223 4.03 -10.03 -8.91
CA SER D 223 3.97 -8.63 -9.29
C SER D 223 3.82 -8.48 -10.80
N GLY D 224 2.98 -7.53 -11.21
CA GLY D 224 2.79 -7.24 -12.61
C GLY D 224 1.82 -8.14 -13.34
N LYS D 225 1.36 -9.22 -12.71
CA LYS D 225 0.47 -10.17 -13.36
C LYS D 225 -0.98 -9.89 -12.98
N GLN D 226 -1.89 -10.50 -13.75
CA GLN D 226 -3.33 -10.25 -13.63
C GLN D 226 -3.99 -11.34 -12.81
N ALA D 227 -4.81 -10.95 -11.85
CA ALA D 227 -5.50 -11.87 -10.98
C ALA D 227 -6.99 -11.57 -10.96
N LEU D 228 -7.78 -12.64 -10.79
CA LEU D 228 -9.23 -12.53 -10.63
C LEU D 228 -9.62 -13.27 -9.37
N VAL D 229 -10.15 -12.53 -8.40
CA VAL D 229 -10.65 -13.13 -7.16
C VAL D 229 -12.16 -13.20 -7.26
N ILE D 230 -12.70 -14.40 -7.10
CA ILE D 230 -14.15 -14.62 -7.14
C ILE D 230 -14.68 -14.50 -5.72
N GLY D 231 -15.42 -13.45 -5.45
CA GLY D 231 -15.95 -13.23 -4.12
C GLY D 231 -15.18 -12.15 -3.38
N TYR D 232 -15.91 -11.42 -2.54
CA TYR D 232 -15.29 -10.36 -1.74
C TYR D 232 -15.90 -10.32 -0.36
N GLY D 233 -16.13 -11.48 0.23
CA GLY D 233 -16.46 -11.59 1.63
C GLY D 233 -15.21 -11.42 2.47
N ASP D 234 -15.24 -11.97 3.69
CA ASP D 234 -14.09 -11.88 4.57
C ASP D 234 -12.87 -12.55 3.93
N VAL D 235 -13.04 -13.77 3.42
CA VAL D 235 -11.94 -14.48 2.79
C VAL D 235 -11.51 -13.79 1.51
N GLY D 236 -12.48 -13.32 0.72
CA GLY D 236 -12.14 -12.64 -0.53
C GLY D 236 -11.42 -11.33 -0.31
N LYS D 237 -11.80 -10.60 0.76
CA LYS D 237 -11.12 -9.36 1.09
C LYS D 237 -9.66 -9.60 1.42
N GLY D 238 -9.39 -10.58 2.29
CA GLY D 238 -8.01 -10.90 2.63
C GLY D 238 -7.24 -11.46 1.45
N SER D 239 -7.89 -12.28 0.63
CA SER D 239 -7.22 -12.84 -0.53
C SER D 239 -6.81 -11.76 -1.52
N SER D 240 -7.70 -10.80 -1.78
CA SER D 240 -7.38 -9.73 -2.71
C SER D 240 -6.19 -8.92 -2.24
N GLN D 241 -6.12 -8.63 -0.93
CA GLN D 241 -5.00 -7.88 -0.40
C GLN D 241 -3.72 -8.71 -0.43
N SER D 242 -3.85 -10.01 -0.20
CA SER D 242 -2.69 -10.91 -0.28
C SER D 242 -2.03 -10.81 -1.64
N LEU D 243 -2.82 -10.68 -2.70
CA LEU D 243 -2.28 -10.56 -4.04
C LEU D 243 -1.86 -9.13 -4.38
N ARG D 244 -2.66 -8.14 -3.95
CA ARG D 244 -2.38 -6.75 -4.31
C ARG D 244 -1.12 -6.24 -3.60
N GLN D 245 -0.92 -6.63 -2.33
CA GLN D 245 0.29 -6.22 -1.62
C GLN D 245 1.54 -6.81 -2.25
N GLU D 246 1.40 -7.91 -3.01
CA GLU D 246 2.52 -8.48 -3.75
C GLU D 246 2.73 -7.78 -5.10
N GLY D 247 1.83 -6.89 -5.48
CA GLY D 247 1.96 -6.17 -6.72
C GLY D 247 1.12 -6.70 -7.87
N MET D 248 0.19 -7.62 -7.61
CA MET D 248 -0.68 -8.11 -8.67
C MET D 248 -1.72 -7.06 -9.02
N ILE D 249 -2.16 -7.08 -10.28
CA ILE D 249 -3.31 -6.29 -10.71
C ILE D 249 -4.53 -7.16 -10.47
N VAL D 250 -5.32 -6.80 -9.46
CA VAL D 250 -6.40 -7.64 -8.96
C VAL D 250 -7.74 -7.11 -9.46
N LYS D 251 -8.52 -7.99 -10.08
CA LYS D 251 -9.92 -7.75 -10.38
C LYS D 251 -10.78 -8.64 -9.49
N VAL D 252 -11.95 -8.14 -9.12
CA VAL D 252 -12.80 -8.78 -8.13
C VAL D 252 -14.17 -9.04 -8.75
N ALA D 253 -14.71 -10.24 -8.50
CA ALA D 253 -16.05 -10.60 -8.91
C ALA D 253 -16.91 -10.82 -7.67
N GLU D 254 -18.16 -10.38 -7.74
CA GLU D 254 -19.08 -10.54 -6.61
C GLU D 254 -20.51 -10.62 -7.12
N VAL D 255 -21.34 -11.33 -6.37
CA VAL D 255 -22.78 -11.27 -6.56
C VAL D 255 -23.44 -10.30 -5.58
N ASP D 256 -22.74 -9.92 -4.51
CA ASP D 256 -23.29 -9.00 -3.52
C ASP D 256 -22.85 -7.59 -3.88
N PRO D 257 -23.78 -6.69 -4.22
CA PRO D 257 -23.38 -5.33 -4.61
C PRO D 257 -22.73 -4.54 -3.48
N ILE D 258 -23.08 -4.84 -2.22
CA ILE D 258 -22.45 -4.13 -1.11
C ILE D 258 -20.97 -4.51 -1.00
N CYS D 259 -20.68 -5.82 -1.08
CA CYS D 259 -19.28 -6.26 -1.12
C CYS D 259 -18.58 -5.74 -2.36
N ALA D 260 -19.29 -5.70 -3.50
CA ALA D 260 -18.71 -5.14 -4.71
C ALA D 260 -18.40 -3.67 -4.53
N MET D 261 -19.25 -2.95 -3.78
N MET D 261 -19.25 -2.95 -3.79
CA MET D 261 -18.97 -1.55 -3.50
CA MET D 261 -18.97 -1.54 -3.51
C MET D 261 -17.68 -1.40 -2.71
C MET D 261 -17.67 -1.40 -2.71
N GLN D 262 -17.42 -2.32 -1.78
CA GLN D 262 -16.20 -2.26 -0.98
C GLN D 262 -14.97 -2.49 -1.87
N ALA D 263 -15.08 -3.40 -2.83
CA ALA D 263 -13.96 -3.67 -3.72
C ALA D 263 -13.58 -2.43 -4.52
N CYS D 264 -14.59 -1.73 -5.06
CA CYS D 264 -14.34 -0.49 -5.79
C CYS D 264 -13.65 0.53 -4.90
N MET D 265 -14.22 0.80 -3.72
CA MET D 265 -13.63 1.78 -2.81
C MET D 265 -12.25 1.34 -2.34
N ASP D 266 -12.01 0.04 -2.22
CA ASP D 266 -10.69 -0.46 -1.86
C ASP D 266 -9.68 -0.37 -3.00
N GLY D 267 -10.10 0.03 -4.19
CA GLY D 267 -9.19 0.23 -5.30
C GLY D 267 -9.13 -0.90 -6.31
N PHE D 268 -10.17 -1.71 -6.41
CA PHE D 268 -10.18 -2.83 -7.34
C PHE D 268 -11.23 -2.61 -8.42
N GLU D 269 -10.93 -3.11 -9.62
CA GLU D 269 -11.89 -3.12 -10.71
C GLU D 269 -12.80 -4.34 -10.56
N VAL D 270 -14.11 -4.10 -10.54
CA VAL D 270 -15.08 -5.16 -10.32
C VAL D 270 -15.58 -5.65 -11.67
N VAL D 271 -15.39 -6.94 -11.95
CA VAL D 271 -15.75 -7.53 -13.23
C VAL D 271 -16.49 -8.83 -12.99
N SER D 272 -17.11 -9.34 -14.06
CA SER D 272 -17.76 -10.63 -14.03
C SER D 272 -17.14 -11.57 -15.07
N PRO D 273 -17.03 -12.87 -14.76
CA PRO D 273 -16.58 -13.82 -15.79
C PRO D 273 -17.54 -13.91 -16.98
N TYR D 274 -18.78 -13.46 -16.81
CA TYR D 274 -19.81 -13.57 -17.83
C TYR D 274 -20.14 -12.19 -18.38
N LYS D 275 -20.45 -12.14 -19.67
CA LYS D 275 -20.85 -10.88 -20.31
C LYS D 275 -22.09 -10.33 -19.62
N ASN D 276 -22.00 -9.09 -19.16
CA ASN D 276 -23.05 -8.42 -18.39
C ASN D 276 -23.40 -9.18 -17.12
N GLY D 277 -22.51 -10.05 -16.66
CA GLY D 277 -22.74 -10.81 -15.44
C GLY D 277 -23.80 -11.88 -15.52
N ILE D 278 -24.23 -12.26 -16.72
CA ILE D 278 -25.32 -13.21 -16.90
C ILE D 278 -24.73 -14.56 -17.29
N ASN D 279 -24.96 -15.56 -16.44
CA ASN D 279 -24.45 -16.92 -16.62
C ASN D 279 -25.57 -17.75 -17.23
N ASP D 280 -25.55 -17.89 -18.56
CA ASP D 280 -26.59 -18.64 -19.26
C ASP D 280 -26.18 -20.07 -19.59
N GLY D 281 -25.02 -20.52 -19.08
CA GLY D 281 -24.58 -21.89 -19.27
C GLY D 281 -23.87 -22.17 -20.58
N THR D 282 -23.85 -21.24 -21.53
CA THR D 282 -23.22 -21.44 -22.81
C THR D 282 -21.84 -20.80 -22.84
N GLU D 283 -20.99 -21.27 -23.77
CA GLU D 283 -19.68 -20.67 -23.93
C GLU D 283 -19.76 -19.24 -24.43
N ALA D 284 -20.86 -18.89 -25.11
CA ALA D 284 -20.99 -17.55 -25.67
C ALA D 284 -21.07 -16.50 -24.57
N SER D 285 -21.53 -16.87 -23.38
CA SER D 285 -21.67 -15.92 -22.29
C SER D 285 -20.34 -15.61 -21.60
N ILE D 286 -19.28 -16.36 -21.89
CA ILE D 286 -18.00 -16.11 -21.25
C ILE D 286 -17.35 -14.88 -21.84
N ASP D 287 -16.82 -14.01 -20.99
CA ASP D 287 -16.03 -12.86 -21.43
C ASP D 287 -14.64 -13.38 -21.79
N ALA D 288 -14.52 -13.89 -23.02
CA ALA D 288 -13.27 -14.52 -23.44
C ALA D 288 -12.10 -13.54 -23.42
N ALA D 289 -12.37 -12.27 -23.70
CA ALA D 289 -11.31 -11.27 -23.71
C ALA D 289 -10.72 -11.07 -22.31
N LEU D 290 -11.59 -10.99 -21.30
CA LEU D 290 -11.12 -10.78 -19.93
C LEU D 290 -10.36 -12.00 -19.42
N LEU D 291 -11.00 -13.18 -19.47
CA LEU D 291 -10.37 -14.39 -18.95
C LEU D 291 -9.11 -14.78 -19.71
N GLY D 292 -8.98 -14.35 -20.97
CA GLY D 292 -7.75 -14.58 -21.72
C GLY D 292 -6.55 -13.81 -21.22
N LYS D 293 -6.74 -12.88 -20.29
CA LYS D 293 -5.65 -12.08 -19.76
C LYS D 293 -5.37 -12.36 -18.29
N ILE D 294 -6.03 -13.35 -17.69
CA ILE D 294 -5.94 -13.61 -16.27
C ILE D 294 -4.87 -14.66 -16.01
N ASP D 295 -3.90 -14.32 -15.15
CA ASP D 295 -2.81 -15.23 -14.80
C ASP D 295 -3.10 -16.08 -13.56
N LEU D 296 -4.04 -15.65 -12.72
CA LEU D 296 -4.34 -16.36 -11.48
C LEU D 296 -5.80 -16.13 -11.12
N ILE D 297 -6.51 -17.21 -10.82
CA ILE D 297 -7.89 -17.12 -10.36
C ILE D 297 -8.02 -17.82 -9.02
N VAL D 298 -8.68 -17.17 -8.07
CA VAL D 298 -8.87 -17.68 -6.71
C VAL D 298 -10.35 -17.57 -6.37
N THR D 299 -10.93 -18.69 -5.93
CA THR D 299 -12.32 -18.73 -5.51
C THR D 299 -12.39 -18.65 -4.00
N THR D 300 -13.27 -17.76 -3.48
CA THR D 300 -13.36 -17.49 -2.06
C THR D 300 -14.79 -17.48 -1.56
N THR D 301 -15.71 -18.16 -2.24
CA THR D 301 -17.13 -17.88 -2.07
C THR D 301 -17.81 -18.78 -1.04
N GLY D 302 -17.39 -20.04 -0.91
CA GLY D 302 -18.23 -21.00 -0.23
C GLY D 302 -19.43 -21.45 -1.03
N ASN D 303 -19.54 -21.02 -2.29
CA ASN D 303 -20.61 -21.41 -3.20
C ASN D 303 -20.11 -22.53 -4.10
N VAL D 304 -20.97 -22.95 -5.04
CA VAL D 304 -20.70 -24.11 -5.88
C VAL D 304 -20.47 -23.63 -7.31
N ASN D 305 -19.41 -24.14 -7.93
CA ASN D 305 -19.18 -24.00 -9.37
C ASN D 305 -19.07 -22.53 -9.79
N VAL D 306 -18.29 -21.76 -9.02
CA VAL D 306 -18.07 -20.36 -9.35
C VAL D 306 -16.90 -20.16 -10.30
N CYS D 307 -16.13 -21.20 -10.57
CA CYS D 307 -15.11 -21.24 -11.62
C CYS D 307 -15.44 -22.45 -12.47
N ASP D 308 -16.34 -22.28 -13.43
CA ASP D 308 -16.96 -23.41 -14.10
C ASP D 308 -16.14 -23.87 -15.30
N ALA D 309 -16.68 -24.86 -16.02
CA ALA D 309 -15.94 -25.48 -17.12
C ALA D 309 -15.69 -24.48 -18.24
N ASN D 310 -16.69 -23.67 -18.58
CA ASN D 310 -16.53 -22.71 -19.67
C ASN D 310 -15.48 -21.65 -19.31
N MET D 311 -15.42 -21.27 -18.03
CA MET D 311 -14.36 -20.35 -17.59
C MET D 311 -12.99 -21.00 -17.69
N LEU D 312 -12.90 -22.29 -17.33
CA LEU D 312 -11.63 -23.00 -17.42
C LEU D 312 -11.17 -23.14 -18.86
N LYS D 313 -12.12 -23.27 -19.81
CA LYS D 313 -11.76 -23.36 -21.22
C LYS D 313 -11.18 -22.07 -21.75
N ALA D 314 -11.61 -20.93 -21.20
CA ALA D 314 -11.23 -19.63 -21.73
C ALA D 314 -10.07 -18.97 -21.01
N LEU D 315 -9.58 -19.56 -19.92
CA LEU D 315 -8.52 -18.95 -19.15
C LEU D 315 -7.24 -18.82 -19.97
N LYS D 316 -6.43 -17.82 -19.62
CA LYS D 316 -5.14 -17.64 -20.26
C LYS D 316 -4.28 -18.88 -20.07
N LYS D 317 -3.49 -19.20 -21.10
CA LYS D 317 -2.57 -20.33 -21.03
C LYS D 317 -1.66 -20.20 -19.82
N ARG D 318 -1.44 -21.31 -19.13
CA ARG D 318 -0.56 -21.41 -17.96
C ARG D 318 -1.05 -20.62 -16.77
N ALA D 319 -2.33 -20.26 -16.74
CA ALA D 319 -2.90 -19.60 -15.57
C ALA D 319 -2.98 -20.58 -14.40
N VAL D 320 -2.81 -20.04 -13.19
CA VAL D 320 -2.92 -20.83 -11.98
C VAL D 320 -4.36 -20.79 -11.49
N VAL D 321 -4.88 -21.93 -11.08
CA VAL D 321 -6.24 -22.06 -10.56
C VAL D 321 -6.15 -22.65 -9.15
N CYS D 322 -6.79 -21.99 -8.19
CA CYS D 322 -6.78 -22.48 -6.82
C CYS D 322 -8.04 -22.00 -6.10
N ASN D 323 -8.39 -22.71 -5.03
CA ASN D 323 -9.56 -22.41 -4.22
C ASN D 323 -9.16 -22.27 -2.77
N ILE D 324 -9.70 -21.24 -2.12
CA ILE D 324 -9.48 -21.01 -0.69
C ILE D 324 -10.78 -21.04 0.10
N GLY D 325 -11.90 -21.35 -0.54
CA GLY D 325 -13.11 -21.69 0.19
C GLY D 325 -13.00 -23.07 0.80
N HIS D 326 -14.05 -23.47 1.53
CA HIS D 326 -13.94 -24.67 2.35
C HIS D 326 -13.96 -25.95 1.52
N PHE D 327 -14.75 -25.96 0.44
CA PHE D 327 -14.94 -27.18 -0.33
C PHE D 327 -14.45 -26.99 -1.76
N ASP D 328 -14.08 -28.11 -2.39
CA ASP D 328 -13.47 -28.10 -3.71
C ASP D 328 -14.48 -27.88 -4.83
N ASN D 329 -15.77 -28.03 -4.56
CA ASN D 329 -16.76 -27.87 -5.62
C ASN D 329 -16.90 -26.42 -6.10
N GLU D 330 -16.12 -25.49 -5.56
CA GLU D 330 -16.12 -24.13 -6.09
C GLU D 330 -15.56 -24.10 -7.50
N ILE D 331 -14.65 -25.03 -7.80
CA ILE D 331 -14.11 -25.21 -9.14
C ILE D 331 -14.65 -26.52 -9.70
N ASP D 332 -15.03 -26.51 -10.97
CA ASP D 332 -15.51 -27.72 -11.63
C ASP D 332 -14.32 -28.61 -11.97
N THR D 333 -13.73 -29.16 -10.90
CA THR D 333 -12.61 -30.08 -11.07
C THR D 333 -13.07 -31.38 -11.72
N ALA D 334 -14.34 -31.74 -11.57
CA ALA D 334 -14.85 -32.96 -12.17
C ALA D 334 -14.78 -32.89 -13.69
N PHE D 335 -15.07 -31.72 -14.27
CA PHE D 335 -14.93 -31.55 -15.71
C PHE D 335 -13.49 -31.77 -16.15
N MET D 336 -12.53 -31.25 -15.39
CA MET D 336 -11.13 -31.37 -15.77
C MET D 336 -10.66 -32.81 -15.69
N ARG D 337 -11.17 -33.58 -14.73
CA ARG D 337 -10.82 -35.00 -14.66
C ARG D 337 -11.37 -35.76 -15.86
N LYS D 338 -12.55 -35.37 -16.35
CA LYS D 338 -13.17 -36.12 -17.43
C LYS D 338 -12.53 -35.81 -18.79
N ASN D 339 -12.10 -34.57 -19.00
CA ASN D 339 -11.71 -34.12 -20.32
C ASN D 339 -10.23 -33.86 -20.51
N TRP D 340 -9.48 -33.60 -19.45
CA TRP D 340 -8.10 -33.17 -19.58
C TRP D 340 -7.16 -34.11 -18.82
N ALA D 341 -5.92 -34.19 -19.30
CA ALA D 341 -4.91 -35.06 -18.72
C ALA D 341 -4.20 -34.34 -17.57
N TRP D 342 -4.03 -35.05 -16.46
CA TRP D 342 -3.44 -34.48 -15.26
C TRP D 342 -1.99 -34.94 -15.13
N GLU D 343 -1.07 -33.97 -15.09
CA GLU D 343 0.36 -34.23 -14.88
C GLU D 343 0.75 -33.68 -13.53
N GLU D 344 1.15 -34.56 -12.61
CA GLU D 344 1.53 -34.15 -11.27
C GLU D 344 2.93 -33.54 -11.31
N VAL D 345 3.04 -32.27 -10.92
CA VAL D 345 4.34 -31.65 -10.76
C VAL D 345 4.99 -32.10 -9.46
N LYS D 346 4.28 -31.93 -8.35
CA LYS D 346 4.68 -32.43 -7.05
C LYS D 346 3.40 -32.57 -6.22
N PRO D 347 3.47 -33.15 -5.02
CA PRO D 347 2.25 -33.27 -4.20
C PRO D 347 1.47 -31.97 -4.12
N GLN D 348 0.17 -32.07 -4.39
CA GLN D 348 -0.78 -30.96 -4.38
C GLN D 348 -0.50 -29.91 -5.45
N VAL D 349 0.23 -30.27 -6.51
CA VAL D 349 0.46 -29.37 -7.65
C VAL D 349 0.32 -30.21 -8.92
N HIS D 350 -0.70 -29.91 -9.72
CA HIS D 350 -0.97 -30.67 -10.93
C HIS D 350 -1.07 -29.74 -12.13
N LYS D 351 -0.47 -30.16 -13.24
CA LYS D 351 -0.68 -29.49 -14.53
C LYS D 351 -1.87 -30.14 -15.23
N ILE D 352 -2.79 -29.33 -15.72
CA ILE D 352 -4.00 -29.79 -16.38
C ILE D 352 -3.88 -29.46 -17.86
N HIS D 353 -3.63 -30.48 -18.67
CA HIS D 353 -3.35 -30.30 -20.09
C HIS D 353 -4.67 -30.29 -20.88
N ARG D 354 -4.97 -29.15 -21.49
CA ARG D 354 -6.21 -28.95 -22.22
C ARG D 354 -6.16 -29.48 -23.65
N THR D 355 -5.11 -30.21 -24.02
CA THR D 355 -5.01 -30.77 -25.36
C THR D 355 -5.77 -32.08 -25.53
N GLY D 356 -6.30 -32.65 -24.45
CA GLY D 356 -7.00 -33.91 -24.53
C GLY D 356 -6.84 -34.72 -23.26
N LYS D 357 -7.64 -35.78 -23.16
CA LYS D 357 -7.66 -36.64 -21.98
C LYS D 357 -6.57 -37.72 -22.00
N ASP D 358 -6.35 -38.36 -23.14
CA ASP D 358 -5.46 -39.52 -23.21
C ASP D 358 -4.02 -39.04 -23.43
N GLY D 359 -3.27 -38.89 -22.34
CA GLY D 359 -1.88 -38.54 -22.43
C GLY D 359 -1.63 -37.09 -22.79
N PHE D 360 -0.36 -36.67 -22.72
CA PHE D 360 -0.01 -35.29 -22.95
C PHE D 360 1.41 -35.20 -23.47
N ASP D 361 1.69 -34.12 -24.20
CA ASP D 361 3.06 -33.78 -24.54
C ASP D 361 3.70 -33.09 -23.34
N ALA D 362 4.89 -33.55 -22.95
CA ALA D 362 5.58 -32.97 -21.80
C ALA D 362 5.93 -31.51 -22.02
N HIS D 363 5.98 -31.06 -23.27
CA HIS D 363 6.28 -29.67 -23.60
C HIS D 363 5.06 -28.91 -24.12
N ASN D 364 3.86 -29.45 -23.90
CA ASN D 364 2.64 -28.73 -24.27
C ASN D 364 2.55 -27.44 -23.48
N ASP D 365 2.19 -26.35 -24.18
CA ASP D 365 2.07 -25.04 -23.56
C ASP D 365 0.64 -24.73 -23.14
N ASP D 366 -0.35 -25.48 -23.61
CA ASP D 366 -1.76 -25.23 -23.30
C ASP D 366 -2.14 -26.10 -22.09
N TYR D 367 -1.85 -25.55 -20.90
CA TYR D 367 -2.20 -26.20 -19.65
C TYR D 367 -2.58 -25.15 -18.62
N LEU D 368 -3.24 -25.60 -17.56
CA LEU D 368 -3.49 -24.80 -16.37
C LEU D 368 -2.81 -25.47 -15.18
N ILE D 369 -2.43 -24.67 -14.21
CA ILE D 369 -1.80 -25.17 -12.99
C ILE D 369 -2.84 -25.17 -11.88
N LEU D 370 -3.21 -26.36 -11.42
CA LEU D 370 -4.17 -26.52 -10.34
C LEU D 370 -3.43 -26.85 -9.04
N LEU D 371 -3.76 -26.12 -7.98
CA LEU D 371 -3.12 -26.30 -6.69
C LEU D 371 -4.05 -27.06 -5.74
N ALA D 372 -3.48 -28.04 -5.02
CA ALA D 372 -4.19 -28.79 -3.99
C ALA D 372 -5.44 -29.49 -4.54
N GLU D 373 -5.44 -29.77 -5.85
CA GLU D 373 -6.56 -30.44 -6.51
C GLU D 373 -7.90 -29.74 -6.23
N GLY D 374 -7.84 -28.41 -6.05
CA GLY D 374 -9.03 -27.63 -5.78
C GLY D 374 -9.38 -27.49 -4.32
N ARG D 375 -8.69 -28.19 -3.42
CA ARG D 375 -8.95 -28.09 -2.01
C ARG D 375 -8.31 -26.80 -1.45
N LEU D 376 -8.62 -26.50 -0.19
CA LEU D 376 -8.16 -25.28 0.47
C LEU D 376 -6.67 -25.04 0.23
N VAL D 377 -6.36 -24.01 -0.57
CA VAL D 377 -4.99 -23.88 -1.07
C VAL D 377 -4.02 -23.44 0.04
N ASN D 378 -4.48 -22.62 1.00
CA ASN D 378 -3.57 -22.17 2.04
C ASN D 378 -3.16 -23.33 2.94
N LEU D 379 -4.09 -24.23 3.25
CA LEU D 379 -3.75 -25.40 4.06
C LEU D 379 -3.16 -26.52 3.21
N GLY D 380 -3.51 -26.59 1.93
CA GLY D 380 -3.04 -27.65 1.06
C GLY D 380 -1.60 -27.47 0.61
N ASN D 381 -1.25 -26.28 0.14
CA ASN D 381 0.09 -25.99 -0.35
C ASN D 381 0.96 -25.25 0.66
N ALA D 382 0.42 -24.88 1.82
CA ALA D 382 1.22 -24.24 2.85
C ALA D 382 0.82 -24.77 4.22
N THR D 383 0.68 -23.87 5.21
CA THR D 383 0.34 -24.28 6.57
C THR D 383 -0.89 -23.56 7.09
N GLY D 384 -1.71 -22.99 6.21
CA GLY D 384 -2.86 -22.27 6.69
C GLY D 384 -2.47 -20.99 7.42
N HIS D 385 -3.36 -20.56 8.32
CA HIS D 385 -3.16 -19.29 9.01
C HIS D 385 -2.04 -19.41 10.05
N PRO D 386 -1.35 -18.30 10.34
CA PRO D 386 -0.27 -18.34 11.33
C PRO D 386 -0.81 -18.50 12.75
N SER D 387 0.10 -18.85 13.64
CA SER D 387 -0.28 -19.17 15.02
C SER D 387 -0.96 -17.99 15.70
N ARG D 388 -0.37 -16.79 15.57
CA ARG D 388 -0.91 -15.63 16.27
C ARG D 388 -2.29 -15.23 15.77
N ILE D 389 -2.66 -15.64 14.55
CA ILE D 389 -4.02 -15.37 14.07
C ILE D 389 -4.99 -16.41 14.62
N MET D 390 -4.61 -17.69 14.56
CA MET D 390 -5.49 -18.74 15.06
C MET D 390 -5.71 -18.64 16.57
N ASP D 391 -4.89 -17.85 17.26
CA ASP D 391 -5.07 -17.66 18.69
C ASP D 391 -6.46 -17.13 19.01
N GLY D 392 -6.97 -16.21 18.19
CA GLY D 392 -8.30 -15.69 18.40
C GLY D 392 -9.37 -16.74 18.19
N SER D 393 -9.28 -17.46 17.06
CA SER D 393 -10.31 -18.44 16.73
C SER D 393 -10.41 -19.52 17.80
N PHE D 394 -9.28 -20.06 18.22
CA PHE D 394 -9.28 -21.20 19.13
C PHE D 394 -9.58 -20.81 20.57
N ALA D 395 -9.29 -19.56 20.97
CA ALA D 395 -9.76 -19.10 22.27
C ALA D 395 -11.28 -19.09 22.33
N ASN D 396 -11.92 -18.65 21.25
CA ASN D 396 -13.38 -18.70 21.20
C ASN D 396 -13.88 -20.13 21.28
N GLN D 397 -13.17 -21.07 20.64
CA GLN D 397 -13.59 -22.47 20.68
C GLN D 397 -13.62 -22.99 22.10
N VAL D 398 -12.57 -22.70 22.88
CA VAL D 398 -12.51 -23.17 24.26
C VAL D 398 -13.64 -22.57 25.09
N LEU D 399 -13.87 -21.27 24.96
CA LEU D 399 -14.98 -20.63 25.65
C LEU D 399 -16.31 -21.26 25.24
N ALA D 400 -16.47 -21.58 23.96
CA ALA D 400 -17.73 -22.14 23.48
C ALA D 400 -17.95 -23.54 24.02
N GLN D 401 -16.88 -24.33 24.11
CA GLN D 401 -17.00 -25.68 24.68
C GLN D 401 -17.38 -25.62 26.16
N ILE D 402 -16.80 -24.68 26.90
CA ILE D 402 -17.12 -24.55 28.32
C ILE D 402 -18.58 -24.16 28.51
N HIS D 403 -19.07 -23.22 27.70
CA HIS D 403 -20.42 -22.70 27.88
C HIS D 403 -21.47 -23.78 27.57
N LEU D 404 -21.31 -24.47 26.44
CA LEU D 404 -22.32 -25.46 26.04
C LEU D 404 -22.29 -26.69 26.94
N PHE D 405 -21.11 -27.10 27.39
CA PHE D 405 -21.04 -28.27 28.27
C PHE D 405 -21.70 -27.99 29.62
N GLU D 406 -21.53 -26.78 30.15
CA GLU D 406 -22.13 -26.43 31.42
C GLU D 406 -23.64 -26.22 31.33
N GLN D 407 -24.20 -26.15 30.12
CA GLN D 407 -25.64 -26.02 29.97
C GLN D 407 -26.36 -27.36 30.13
N LYS D 408 -25.73 -28.46 29.69
CA LYS D 408 -26.27 -29.81 29.86
C LYS D 408 -27.60 -29.99 29.13
N TYR D 409 -27.60 -29.71 27.83
CA TYR D 409 -28.83 -29.82 27.04
C TYR D 409 -29.39 -31.22 27.07
N ALA D 410 -28.51 -32.23 27.05
CA ALA D 410 -28.97 -33.62 26.94
C ALA D 410 -29.75 -34.07 28.17
N ASP D 411 -29.65 -33.36 29.29
CA ASP D 411 -30.31 -33.74 30.52
C ASP D 411 -31.69 -33.11 30.69
N LEU D 412 -32.03 -32.13 29.88
CA LEU D 412 -33.24 -31.36 30.11
C LEU D 412 -34.47 -32.07 29.54
N PRO D 413 -35.64 -31.84 30.13
CA PRO D 413 -36.88 -32.37 29.55
C PRO D 413 -37.19 -31.72 28.21
N ALA D 414 -38.08 -32.37 27.46
CA ALA D 414 -38.31 -31.99 26.07
C ALA D 414 -38.74 -30.52 25.94
N ALA D 415 -39.63 -30.05 26.81
CA ALA D 415 -40.07 -28.67 26.74
C ALA D 415 -38.95 -27.70 27.06
N GLU D 416 -38.05 -28.06 27.98
CA GLU D 416 -36.90 -27.22 28.25
C GLU D 416 -35.89 -27.29 27.11
N LYS D 417 -35.78 -28.43 26.45
CA LYS D 417 -34.91 -28.54 25.27
C LYS D 417 -35.34 -27.55 24.20
N ALA D 418 -36.65 -27.42 23.98
CA ALA D 418 -37.15 -26.59 22.89
C ALA D 418 -36.76 -25.14 23.06
N LYS D 419 -36.65 -24.66 24.30
CA LYS D 419 -36.32 -23.27 24.54
C LYS D 419 -34.83 -22.98 24.27
N ARG D 420 -33.98 -24.01 24.30
CA ARG D 420 -32.54 -23.83 24.19
C ARG D 420 -31.96 -24.38 22.89
N LEU D 421 -32.76 -25.03 22.06
CA LEU D 421 -32.27 -25.60 20.80
C LEU D 421 -32.09 -24.47 19.80
N SER D 422 -30.87 -23.94 19.72
CA SER D 422 -30.59 -22.80 18.85
C SER D 422 -29.12 -22.77 18.51
N VAL D 423 -28.78 -21.89 17.56
CA VAL D 423 -27.40 -21.59 17.19
C VAL D 423 -27.14 -20.15 17.60
N GLU D 424 -26.18 -19.94 18.50
CA GLU D 424 -25.94 -18.63 19.09
C GLU D 424 -24.45 -18.33 19.09
N VAL D 425 -24.11 -17.09 19.40
CA VAL D 425 -22.73 -16.63 19.39
C VAL D 425 -22.31 -16.29 20.82
N LEU D 426 -21.01 -16.15 21.00
CA LEU D 426 -20.48 -15.78 22.31
C LEU D 426 -20.78 -14.30 22.59
N PRO D 427 -20.90 -13.92 23.86
CA PRO D 427 -21.17 -12.51 24.17
C PRO D 427 -20.02 -11.61 23.76
N LYS D 428 -20.36 -10.35 23.45
CA LYS D 428 -19.35 -9.40 23.02
C LYS D 428 -18.27 -9.18 24.08
N LYS D 429 -18.64 -9.29 25.36
CA LYS D 429 -17.66 -9.09 26.43
C LYS D 429 -16.53 -10.10 26.34
N LEU D 430 -16.85 -11.36 26.02
CA LEU D 430 -15.82 -12.37 25.83
C LEU D 430 -15.05 -12.13 24.54
N ASP D 431 -15.75 -11.67 23.49
CA ASP D 431 -15.09 -11.29 22.25
C ASP D 431 -14.03 -10.22 22.51
N GLU D 432 -14.35 -9.24 23.37
CA GLU D 432 -13.41 -8.17 23.66
C GLU D 432 -12.21 -8.69 24.46
N GLU D 433 -12.46 -9.58 25.42
CA GLU D 433 -11.37 -10.08 26.26
C GLU D 433 -10.37 -10.90 25.46
N VAL D 434 -10.83 -11.62 24.44
CA VAL D 434 -9.89 -12.32 23.55
C VAL D 434 -9.07 -11.31 22.76
N ALA D 435 -9.71 -10.27 22.24
CA ALA D 435 -9.00 -9.26 21.48
C ALA D 435 -7.96 -8.54 22.32
N LEU D 436 -8.26 -8.30 23.60
CA LEU D 436 -7.29 -7.62 24.46
C LEU D 436 -6.01 -8.42 24.59
N GLU D 437 -6.12 -9.74 24.75
CA GLU D 437 -4.93 -10.58 24.86
C GLU D 437 -4.13 -10.57 23.57
N MET D 438 -4.83 -10.56 22.43
CA MET D 438 -4.14 -10.47 21.15
C MET D 438 -3.38 -9.15 21.04
N VAL D 439 -4.01 -8.05 21.43
CA VAL D 439 -3.37 -6.74 21.35
C VAL D 439 -2.10 -6.71 22.19
N LYS D 440 -2.18 -7.24 23.42
CA LYS D 440 -1.00 -7.29 24.27
C LYS D 440 0.10 -8.14 23.66
N GLY D 441 -0.28 -9.15 22.87
CA GLY D 441 0.72 -9.95 22.19
C GLY D 441 1.58 -9.14 21.23
N PHE D 442 1.01 -8.10 20.64
CA PHE D 442 1.76 -7.19 19.79
C PHE D 442 2.48 -6.10 20.58
N GLY D 443 2.31 -6.06 21.90
CA GLY D 443 2.81 -4.96 22.68
C GLY D 443 1.96 -3.72 22.64
N GLY D 444 0.73 -3.82 22.11
CA GLY D 444 -0.14 -2.67 22.09
C GLY D 444 -0.68 -2.34 23.47
N VAL D 445 -0.96 -1.06 23.68
CA VAL D 445 -1.43 -0.57 24.96
C VAL D 445 -2.80 0.06 24.74
N VAL D 446 -3.83 -0.53 25.33
CA VAL D 446 -5.19 -0.01 25.23
C VAL D 446 -5.40 1.06 26.27
N THR D 447 -6.00 2.17 25.86
CA THR D 447 -6.32 3.26 26.78
C THR D 447 -7.59 2.94 27.55
N GLN D 448 -7.60 3.28 28.83
CA GLN D 448 -8.79 3.12 29.66
C GLN D 448 -9.59 4.41 29.67
N LEU D 449 -10.90 4.30 29.50
CA LEU D 449 -11.76 5.47 29.57
C LEU D 449 -11.75 6.04 30.98
N THR D 450 -11.87 7.37 31.08
CA THR D 450 -12.18 7.96 32.36
C THR D 450 -13.66 7.78 32.65
N PRO D 451 -14.06 7.86 33.93
CA PRO D 451 -15.49 7.72 34.24
C PRO D 451 -16.37 8.72 33.51
N LYS D 452 -15.88 9.94 33.30
CA LYS D 452 -16.66 10.92 32.56
C LYS D 452 -16.78 10.54 31.09
N GLN D 453 -15.69 10.05 30.49
CA GLN D 453 -15.76 9.58 29.10
C GLN D 453 -16.67 8.38 28.96
N ALA D 454 -16.57 7.42 29.90
CA ALA D 454 -17.46 6.27 29.88
C ALA D 454 -18.92 6.70 29.98
N GLU D 455 -19.21 7.65 30.87
CA GLU D 455 -20.57 8.18 30.96
C GLU D 455 -20.96 8.94 29.71
N TYR D 456 -19.99 9.60 29.06
CA TYR D 456 -20.31 10.45 27.91
C TYR D 456 -20.81 9.63 26.74
N ILE D 457 -20.21 8.45 26.50
CA ILE D 457 -20.63 7.60 25.40
C ILE D 457 -21.54 6.47 25.86
N GLY D 458 -21.87 6.41 27.14
CA GLY D 458 -22.85 5.45 27.63
C GLY D 458 -22.39 4.01 27.67
N VAL D 459 -21.14 3.76 28.08
CA VAL D 459 -20.63 2.41 28.25
C VAL D 459 -19.94 2.31 29.59
N SER D 460 -19.77 1.07 30.05
CA SER D 460 -18.99 0.82 31.26
C SER D 460 -17.50 0.92 30.94
N VAL D 461 -16.73 1.30 31.95
CA VAL D 461 -15.28 1.32 31.82
C VAL D 461 -14.76 -0.06 31.43
N GLU D 462 -15.46 -1.11 31.85
CA GLU D 462 -15.08 -2.49 31.53
C GLU D 462 -15.57 -2.95 30.16
N GLY D 463 -16.46 -2.20 29.53
CA GLY D 463 -17.10 -2.66 28.32
C GLY D 463 -18.36 -3.45 28.63
N PRO D 464 -19.05 -3.96 27.59
CA PRO D 464 -18.74 -3.84 26.16
C PRO D 464 -18.77 -2.40 25.66
N PHE D 465 -17.94 -2.10 24.66
CA PHE D 465 -17.76 -0.74 24.18
C PHE D 465 -18.60 -0.41 22.96
N LYS D 466 -19.17 -1.42 22.30
CA LYS D 466 -19.99 -1.23 21.11
C LYS D 466 -21.32 -1.94 21.29
N PRO D 467 -22.38 -1.44 20.66
CA PRO D 467 -23.63 -2.20 20.61
C PRO D 467 -23.45 -3.45 19.76
N ASP D 468 -24.32 -4.44 20.00
CA ASP D 468 -24.25 -5.69 19.25
C ASP D 468 -24.49 -5.48 17.77
N THR D 469 -25.12 -4.38 17.38
CA THR D 469 -25.32 -4.06 15.97
C THR D 469 -24.05 -3.60 15.26
N TYR D 470 -23.00 -3.26 16.02
CA TYR D 470 -21.81 -2.68 15.42
C TYR D 470 -21.10 -3.70 14.52
N ARG D 471 -20.56 -3.21 13.40
CA ARG D 471 -19.98 -4.07 12.38
C ARG D 471 -18.46 -4.01 12.32
N TYR D 472 -17.81 -3.09 13.03
CA TYR D 472 -16.35 -2.97 13.04
C TYR D 472 -15.77 -2.85 11.63
#